data_7Q5P
#
_entry.id   7Q5P
#
_cell.length_a   1.00
_cell.length_b   1.00
_cell.length_c   1.00
_cell.angle_alpha   90.00
_cell.angle_beta   90.00
_cell.angle_gamma   90.00
#
_symmetry.space_group_name_H-M   'P 1'
#
_entity_poly.entity_id   1
_entity_poly.type   'polypeptide(L)'
_entity_poly.pdbx_seq_one_letter_code
;MLFQQSTRLAQVNCPLGPDVLLLKSLGGGEELGRLFDYQLQLASSDANIDLNQLLGKPMGLSVQLDGGGQRYFHGIVARC
SQNIDTGQFASYEVTLRPWLWLLSRTSDCRIFQNLSIPQIIKQVFRDLGFSDFEDALSRPYREWEYCVQYRETSFDFVSR
LMEQEGIYYFFRHEKDRHVVVLADAYGAHSSVPGYASVPYYPRDEQQRERDHMFDWHLAQEVQPGSLELNDYDFQRPSAR
IDVRSAMPRPHSAGDYPLYDYPGTYVQSSDGEHYAQTRIEALQSLHERIELSGNARGLGVGNLFSLTGFSRQDQNREYLI
VSIRYYLVQESLESGAGGGSAQFESHLTCIDAQQSFRPLATTHKPMVQGPQTARVVGPAGEEIWTDQYGRVKVHFHWDRH
DQSNENSSCWIRVSQAWAGKNWGSMQIPRIGQEVIVSFLEGDPDRPIITGRVYNAEQTVPYDLPANATQSGMKSRSSKGG
SPANFNEIRMEDKKGAEQLYIHAERNQDIVVEVNESHSVGNNRNKSIGHDEYVTIGNKRTRIVQHVDELRVGEKKLDSVG
QSYVIEVGERLRLVCGASILELNASGQINLCGVNISVHASADAQINTGGVLHLNNGGGPGTTTEGQGVQGAISAKAKAPF
SAPKG
;
_entity_poly.pdbx_strand_id   A,B,C
#
# COMPACT_ATOMS: atom_id res chain seq x y z
N ARG A 8 -15.47 -46.21 43.21
CA ARG A 8 -14.84 -45.46 44.32
C ARG A 8 -14.28 -44.12 43.85
N LEU A 9 -13.14 -44.13 43.16
CA LEU A 9 -12.47 -42.87 42.80
C LEU A 9 -12.00 -42.95 41.36
N ALA A 10 -11.15 -42.02 40.98
CA ALA A 10 -10.68 -41.85 39.61
C ALA A 10 -9.43 -42.68 39.37
N GLN A 11 -9.36 -43.29 38.19
CA GLN A 11 -8.16 -43.98 37.74
C GLN A 11 -7.79 -43.52 36.35
N VAL A 12 -6.49 -43.42 36.10
CA VAL A 12 -5.98 -42.90 34.84
C VAL A 12 -6.00 -43.97 33.77
N ASN A 13 -6.30 -43.56 32.54
CA ASN A 13 -6.21 -44.41 31.36
C ASN A 13 -5.06 -43.90 30.49
N CYS A 14 -4.03 -44.71 30.32
CA CYS A 14 -2.74 -44.25 29.84
C CYS A 14 -2.01 -45.43 29.21
N PRO A 15 -1.00 -45.16 28.36
CA PRO A 15 -0.26 -46.27 27.75
C PRO A 15 0.63 -47.02 28.74
N LEU A 16 1.01 -46.40 29.86
CA LEU A 16 1.81 -47.07 30.87
C LEU A 16 1.03 -48.12 31.63
N GLY A 17 -0.28 -48.22 31.42
CA GLY A 17 -1.14 -49.06 32.22
C GLY A 17 -1.81 -48.30 33.36
N PRO A 18 -3.14 -48.38 33.45
CA PRO A 18 -3.87 -47.56 34.44
C PRO A 18 -3.34 -47.69 35.86
N ASP A 19 -2.70 -48.81 36.17
CA ASP A 19 -2.19 -49.04 37.52
C ASP A 19 -0.85 -48.36 37.76
N VAL A 20 -0.11 -48.00 36.72
CA VAL A 20 1.20 -47.41 36.92
C VAL A 20 1.07 -45.97 37.40
N LEU A 21 0.08 -45.25 36.88
CA LEU A 21 -0.22 -43.89 37.31
C LEU A 21 -1.58 -43.82 37.97
N LEU A 22 -1.64 -43.10 39.08
CA LEU A 22 -2.89 -42.86 39.78
C LEU A 22 -2.96 -41.39 40.16
N LEU A 23 -4.13 -40.81 39.97
CA LEU A 23 -4.30 -39.38 40.18
C LEU A 23 -4.22 -39.00 41.65
N LYS A 24 -3.49 -37.92 41.90
CA LYS A 24 -3.47 -37.28 43.20
C LYS A 24 -4.54 -36.20 43.26
N SER A 25 -4.64 -35.40 42.20
CA SER A 25 -5.64 -34.35 42.11
C SER A 25 -5.95 -34.11 40.64
N LEU A 26 -6.76 -33.09 40.38
CA LEU A 26 -7.05 -32.62 39.03
C LEU A 26 -7.32 -31.13 39.08
N GLY A 27 -7.07 -30.47 37.96
CA GLY A 27 -7.41 -29.08 37.78
C GLY A 27 -7.89 -28.84 36.37
N GLY A 28 -8.15 -27.57 36.08
CA GLY A 28 -8.44 -27.15 34.73
C GLY A 28 -9.91 -27.02 34.43
N GLY A 29 -10.21 -26.94 33.14
CA GLY A 29 -11.51 -26.50 32.72
C GLY A 29 -11.70 -26.63 31.23
N GLU A 30 -12.83 -26.11 30.76
CA GLU A 30 -13.28 -26.28 29.40
C GLU A 30 -14.09 -25.06 28.99
N GLU A 31 -14.13 -24.79 27.70
CA GLU A 31 -14.94 -23.69 27.20
C GLU A 31 -15.27 -23.94 25.73
N LEU A 32 -16.49 -23.57 25.33
CA LEU A 32 -16.93 -23.82 23.97
C LEU A 32 -16.06 -23.09 22.97
N GLY A 33 -15.62 -23.82 21.95
CA GLY A 33 -14.78 -23.25 20.94
C GLY A 33 -13.40 -22.89 21.41
N ARG A 34 -13.00 -23.36 22.58
CA ARG A 34 -11.69 -23.11 23.14
C ARG A 34 -11.15 -24.43 23.68
N LEU A 35 -9.83 -24.55 23.65
CA LEU A 35 -9.20 -25.82 24.01
C LEU A 35 -9.36 -26.11 25.49
N PHE A 36 -9.77 -27.33 25.82
CA PHE A 36 -9.71 -27.75 27.22
C PHE A 36 -8.26 -27.73 27.70
N ASP A 37 -8.13 -27.64 29.02
CA ASP A 37 -6.84 -27.45 29.66
C ASP A 37 -6.93 -28.07 31.05
N TYR A 38 -6.26 -29.20 31.25
CA TYR A 38 -6.42 -30.00 32.46
C TYR A 38 -5.06 -30.27 33.10
N GLN A 39 -4.75 -29.54 34.16
CA GLN A 39 -3.56 -29.81 34.96
C GLN A 39 -3.84 -31.03 35.82
N LEU A 40 -3.44 -32.20 35.34
CA LEU A 40 -3.30 -33.34 36.23
C LEU A 40 -2.22 -33.11 37.27
N GLN A 41 -2.41 -33.70 38.44
CA GLN A 41 -1.33 -34.02 39.35
C GLN A 41 -1.48 -35.47 39.76
N LEU A 42 -0.40 -36.24 39.63
CA LEU A 42 -0.48 -37.67 39.87
C LEU A 42 0.84 -38.14 40.46
N ALA A 43 0.80 -39.33 41.03
CA ALA A 43 1.98 -39.94 41.63
C ALA A 43 2.19 -41.33 41.07
N SER A 44 3.44 -41.77 41.06
CA SER A 44 3.78 -43.10 40.60
C SER A 44 5.00 -43.60 41.34
N SER A 45 5.13 -44.93 41.37
CA SER A 45 6.26 -45.57 42.04
C SER A 45 7.59 -45.36 41.33
N ASP A 46 7.61 -44.81 40.12
CA ASP A 46 8.85 -44.53 39.41
C ASP A 46 9.05 -43.02 39.32
N ALA A 47 10.17 -42.54 39.86
CA ALA A 47 10.68 -41.22 39.55
C ALA A 47 11.42 -41.14 38.22
N ASN A 48 11.76 -42.29 37.63
CA ASN A 48 12.60 -42.35 36.44
C ASN A 48 11.76 -42.67 35.22
N ILE A 49 10.56 -42.12 35.18
CA ILE A 49 9.71 -42.21 34.00
C ILE A 49 10.27 -41.29 32.93
N ASP A 50 10.59 -41.84 31.77
CA ASP A 50 11.02 -41.03 30.64
C ASP A 50 9.83 -40.21 30.16
N LEU A 51 9.90 -38.90 30.37
CA LEU A 51 8.76 -38.04 30.03
C LEU A 51 8.50 -38.02 28.53
N ASN A 52 9.53 -38.26 27.72
CA ASN A 52 9.33 -38.37 26.28
C ASN A 52 8.33 -39.46 25.93
N GLN A 53 8.20 -40.47 26.78
CA GLN A 53 7.20 -41.50 26.54
C GLN A 53 5.80 -40.98 26.83
N LEU A 54 5.66 -40.18 27.88
CA LEU A 54 4.37 -39.60 28.21
C LEU A 54 4.00 -38.50 27.23
N LEU A 55 4.95 -37.65 26.91
CA LEU A 55 4.65 -36.37 26.28
C LEU A 55 4.03 -36.54 24.91
N GLY A 56 3.03 -35.71 24.62
CA GLY A 56 2.25 -35.77 23.40
C GLY A 56 1.30 -36.94 23.27
N LYS A 57 1.48 -37.97 24.07
CA LYS A 57 0.68 -39.17 23.89
C LYS A 57 -0.73 -39.00 24.43
N PRO A 58 -1.66 -39.82 23.93
CA PRO A 58 -3.03 -39.81 24.46
C PRO A 58 -3.12 -40.39 25.87
N MET A 59 -3.75 -39.64 26.76
CA MET A 59 -3.99 -40.07 28.13
C MET A 59 -5.36 -39.58 28.56
N GLY A 60 -5.99 -40.35 29.44
CA GLY A 60 -7.34 -40.03 29.86
C GLY A 60 -7.59 -40.49 31.28
N LEU A 61 -8.77 -40.15 31.77
CA LEU A 61 -9.21 -40.52 33.10
C LEU A 61 -10.51 -41.31 33.03
N SER A 62 -10.68 -42.24 33.96
CA SER A 62 -11.96 -42.87 34.22
C SER A 62 -12.49 -42.35 35.55
N VAL A 63 -13.64 -41.69 35.51
CA VAL A 63 -14.30 -41.19 36.71
C VAL A 63 -15.61 -41.92 36.87
N GLN A 64 -15.79 -42.57 38.02
CA GLN A 64 -17.03 -43.30 38.25
C GLN A 64 -18.17 -42.34 38.46
N LEU A 65 -19.29 -42.60 37.80
CA LEU A 65 -20.55 -41.94 38.06
C LEU A 65 -21.53 -42.89 38.74
N ASP A 66 -22.43 -42.33 39.54
CA ASP A 66 -23.44 -43.13 40.18
C ASP A 66 -24.39 -43.71 39.15
N GLY A 67 -24.98 -44.85 39.49
CA GLY A 67 -25.61 -45.68 38.50
C GLY A 67 -24.61 -46.43 37.63
N GLY A 68 -23.37 -46.53 38.08
CA GLY A 68 -22.35 -47.31 37.41
C GLY A 68 -21.84 -46.73 36.13
N GLY A 69 -22.17 -45.49 35.82
CA GLY A 69 -21.65 -44.86 34.63
C GLY A 69 -20.19 -44.49 34.78
N GLN A 70 -19.57 -44.16 33.66
CA GLN A 70 -18.22 -43.62 33.65
C GLN A 70 -18.19 -42.32 32.87
N ARG A 71 -17.32 -41.44 33.32
CA ARG A 71 -16.96 -40.20 32.64
C ARG A 71 -15.51 -40.32 32.20
N TYR A 72 -15.21 -39.83 31.00
CA TYR A 72 -13.85 -39.84 30.50
C TYR A 72 -13.36 -38.43 30.21
N PHE A 73 -12.05 -38.27 30.29
CA PHE A 73 -11.35 -37.02 30.03
C PHE A 73 -10.14 -37.25 29.15
N HIS A 74 -10.30 -38.04 28.10
CA HIS A 74 -9.20 -38.29 27.17
C HIS A 74 -8.68 -36.98 26.60
N GLY A 75 -7.38 -36.97 26.31
CA GLY A 75 -6.74 -35.77 25.82
C GLY A 75 -5.32 -36.06 25.38
N ILE A 76 -4.60 -34.99 25.09
CA ILE A 76 -3.21 -35.08 24.63
C ILE A 76 -2.30 -34.42 25.66
N VAL A 77 -1.26 -35.13 26.05
CA VAL A 77 -0.23 -34.65 26.95
C VAL A 77 0.63 -33.57 26.29
N ALA A 78 0.31 -32.31 26.56
CA ALA A 78 1.04 -31.21 25.95
C ALA A 78 2.23 -30.79 26.78
N ARG A 79 2.08 -30.78 28.10
CA ARG A 79 3.19 -30.61 29.03
C ARG A 79 3.31 -31.84 29.91
N CYS A 80 4.54 -32.24 30.20
CA CYS A 80 4.81 -33.22 31.23
C CYS A 80 5.73 -32.60 32.27
N SER A 81 5.63 -33.09 33.50
CA SER A 81 6.50 -32.61 34.56
C SER A 81 6.52 -33.59 35.71
N GLN A 82 7.59 -33.54 36.49
CA GLN A 82 7.70 -34.30 37.72
C GLN A 82 8.21 -33.36 38.81
N ASN A 83 7.85 -33.67 40.04
CA ASN A 83 8.14 -32.81 41.18
C ASN A 83 8.46 -33.65 42.40
N ILE A 84 9.21 -33.05 43.32
CA ILE A 84 9.71 -33.76 44.49
C ILE A 84 8.57 -34.42 45.23
N ASP A 85 8.74 -35.72 45.52
CA ASP A 85 7.81 -36.45 46.37
C ASP A 85 8.51 -37.71 46.87
N THR A 86 7.86 -38.36 47.83
CA THR A 86 8.32 -39.65 48.32
C THR A 86 8.49 -40.65 47.19
N GLY A 87 9.42 -41.58 47.37
CA GLY A 87 9.89 -42.40 46.26
C GLY A 87 8.77 -43.20 45.61
N GLN A 88 7.91 -43.80 46.44
CA GLN A 88 6.76 -44.53 45.93
C GLN A 88 5.74 -43.63 45.26
N PHE A 89 5.86 -42.31 45.42
CA PHE A 89 4.81 -41.38 45.02
C PHE A 89 5.41 -40.19 44.29
N ALA A 90 6.44 -40.44 43.49
CA ALA A 90 7.04 -39.39 42.68
C ALA A 90 5.95 -38.67 41.90
N SER A 91 5.93 -37.35 42.01
CA SER A 91 4.77 -36.55 41.66
C SER A 91 4.96 -35.95 40.29
N TYR A 92 3.92 -36.05 39.46
CA TYR A 92 3.92 -35.56 38.10
C TYR A 92 2.72 -34.64 37.92
N GLU A 93 2.86 -33.68 37.02
CA GLU A 93 1.93 -32.58 36.87
C GLU A 93 1.61 -32.39 35.40
N VAL A 94 1.26 -33.51 34.77
CA VAL A 94 0.91 -33.51 33.36
C VAL A 94 -0.25 -32.59 33.07
N THR A 95 -0.10 -31.84 31.99
CA THR A 95 -1.19 -31.05 31.42
C THR A 95 -1.74 -31.81 30.21
N LEU A 96 -3.05 -31.99 30.18
CA LEU A 96 -3.71 -32.49 28.99
C LEU A 96 -4.18 -31.34 28.13
N ARG A 97 -4.05 -31.52 26.82
CA ARG A 97 -4.61 -30.62 25.82
C ARG A 97 -5.21 -31.48 24.72
N PRO A 98 -6.06 -30.90 23.89
CA PRO A 98 -6.60 -31.65 22.76
C PRO A 98 -5.58 -31.83 21.64
N TRP A 99 -5.84 -32.84 20.82
CA TRP A 99 -5.07 -33.03 19.59
C TRP A 99 -5.14 -31.77 18.72
N LEU A 100 -6.31 -31.13 18.70
CA LEU A 100 -6.46 -29.84 18.04
C LEU A 100 -5.48 -28.80 18.53
N TRP A 101 -4.98 -28.93 19.76
CA TRP A 101 -3.96 -28.01 20.24
C TRP A 101 -2.65 -28.15 19.50
N LEU A 102 -2.35 -29.35 18.99
CA LEU A 102 -1.14 -29.53 18.22
C LEU A 102 -1.14 -28.69 16.95
N LEU A 103 -2.31 -28.28 16.47
CA LEU A 103 -2.38 -27.38 15.34
C LEU A 103 -1.87 -25.99 15.68
N SER A 104 -1.70 -25.68 16.96
CA SER A 104 -0.97 -24.49 17.35
C SER A 104 0.53 -24.71 17.32
N ARG A 105 0.98 -25.96 17.26
CA ARG A 105 2.38 -26.30 17.12
C ARG A 105 2.83 -26.40 15.66
N THR A 106 1.95 -26.16 14.70
CA THR A 106 2.33 -26.10 13.31
C THR A 106 1.80 -24.82 12.68
N SER A 107 2.59 -24.26 11.76
CA SER A 107 2.20 -23.10 11.01
C SER A 107 2.53 -23.34 9.55
N ASP A 108 1.88 -22.57 8.69
CA ASP A 108 2.21 -22.56 7.28
C ASP A 108 1.60 -21.32 6.67
N CYS A 109 1.77 -21.17 5.36
CA CYS A 109 0.86 -20.39 4.55
C CYS A 109 0.29 -21.30 3.46
N ARG A 110 -1.03 -21.30 3.34
CA ARG A 110 -1.70 -22.13 2.36
C ARG A 110 -2.96 -21.42 1.91
N ILE A 111 -3.30 -21.61 0.64
CA ILE A 111 -4.48 -20.99 0.03
C ILE A 111 -5.52 -22.06 -0.21
N PHE A 112 -6.76 -21.78 0.20
CA PHE A 112 -7.88 -22.67 -0.02
C PHE A 112 -8.89 -21.93 -0.90
N GLN A 113 -9.41 -22.61 -1.92
CA GLN A 113 -10.22 -21.95 -2.93
C GLN A 113 -11.44 -22.80 -3.24
N ASN A 114 -12.57 -22.12 -3.43
CA ASN A 114 -13.84 -22.77 -3.71
C ASN A 114 -14.13 -23.88 -2.70
N LEU A 115 -13.99 -23.55 -1.42
CA LEU A 115 -14.26 -24.48 -0.35
C LEU A 115 -15.04 -23.81 0.76
N SER A 116 -15.97 -24.55 1.34
CA SER A 116 -16.64 -24.09 2.55
C SER A 116 -15.76 -24.35 3.77
N ILE A 117 -15.95 -23.51 4.78
CA ILE A 117 -15.07 -23.57 5.96
C ILE A 117 -15.11 -24.95 6.62
N PRO A 118 -16.24 -25.65 6.67
CA PRO A 118 -16.21 -27.03 7.15
C PRO A 118 -15.32 -27.92 6.31
N GLN A 119 -15.27 -27.69 5.00
CA GLN A 119 -14.37 -28.46 4.14
C GLN A 119 -12.93 -28.03 4.34
N ILE A 120 -12.71 -26.73 4.56
CA ILE A 120 -11.36 -26.23 4.77
C ILE A 120 -10.75 -26.83 6.02
N ILE A 121 -11.48 -26.75 7.13
CA ILE A 121 -10.96 -27.25 8.41
C ILE A 121 -10.63 -28.73 8.31
N LYS A 122 -11.56 -29.53 7.79
CA LYS A 122 -11.30 -30.95 7.67
C LYS A 122 -10.10 -31.25 6.78
N GLN A 123 -9.77 -30.35 5.87
CA GLN A 123 -8.51 -30.52 5.14
C GLN A 123 -7.32 -30.33 6.07
N VAL A 124 -7.37 -29.28 6.89
CA VAL A 124 -6.31 -29.06 7.85
C VAL A 124 -6.15 -30.26 8.77
N PHE A 125 -7.27 -30.75 9.31
CA PHE A 125 -7.23 -31.88 10.21
C PHE A 125 -6.71 -33.12 9.50
N ARG A 126 -7.31 -33.44 8.36
CA ARG A 126 -7.01 -34.68 7.67
C ARG A 126 -5.58 -34.72 7.15
N ASP A 127 -5.03 -33.56 6.79
CA ASP A 127 -3.65 -33.54 6.34
C ASP A 127 -2.68 -33.83 7.47
N LEU A 128 -3.00 -33.41 8.69
CA LEU A 128 -2.23 -33.75 9.87
C LEU A 128 -2.64 -35.08 10.49
N GLY A 129 -3.52 -35.83 9.83
CA GLY A 129 -3.91 -37.13 10.34
C GLY A 129 -4.91 -37.09 11.48
N PHE A 130 -5.35 -35.91 11.89
CA PHE A 130 -6.29 -35.77 12.99
C PHE A 130 -7.67 -36.12 12.45
N SER A 131 -7.97 -37.41 12.48
CA SER A 131 -9.27 -37.93 12.05
C SER A 131 -10.37 -37.72 13.08
N ASP A 132 -10.03 -37.39 14.32
CA ASP A 132 -10.96 -37.51 15.44
C ASP A 132 -11.77 -36.22 15.58
N PHE A 133 -12.54 -35.96 14.53
CA PHE A 133 -13.47 -34.84 14.47
C PHE A 133 -14.80 -35.35 13.94
N GLU A 134 -15.83 -34.53 14.14
CA GLU A 134 -17.19 -34.95 13.87
C GLU A 134 -18.02 -33.73 13.53
N ASP A 135 -19.10 -33.95 12.80
CA ASP A 135 -19.89 -32.86 12.22
C ASP A 135 -21.30 -32.89 12.80
N ALA A 136 -21.69 -31.78 13.41
CA ALA A 136 -23.06 -31.54 13.82
C ALA A 136 -23.65 -30.30 13.15
N LEU A 137 -22.94 -29.73 12.18
CA LEU A 137 -23.37 -28.48 11.57
C LEU A 137 -24.67 -28.62 10.82
N SER A 138 -25.47 -27.56 10.87
CA SER A 138 -26.83 -27.55 10.33
C SER A 138 -27.01 -26.57 9.19
N ARG A 139 -26.20 -25.52 9.11
CA ARG A 139 -26.27 -24.59 8.00
C ARG A 139 -25.50 -25.10 6.79
N PRO A 140 -25.98 -24.79 5.58
CA PRO A 140 -25.11 -24.92 4.41
C PRO A 140 -24.24 -23.69 4.25
N TYR A 141 -22.98 -23.81 4.65
CA TYR A 141 -22.09 -22.68 4.71
C TYR A 141 -21.66 -22.21 3.32
N ARG A 142 -21.26 -20.95 3.25
CA ARG A 142 -20.80 -20.36 2.01
C ARG A 142 -19.54 -21.04 1.52
N GLU A 143 -19.42 -21.16 0.20
CA GLU A 143 -18.21 -21.71 -0.41
C GLU A 143 -17.28 -20.54 -0.68
N TRP A 144 -16.32 -20.36 0.21
CA TRP A 144 -15.34 -19.29 0.03
C TRP A 144 -14.61 -19.50 -1.29
N GLU A 145 -14.52 -18.43 -2.08
CA GLU A 145 -13.74 -18.52 -3.31
C GLU A 145 -12.26 -18.65 -3.01
N TYR A 146 -11.79 -18.04 -1.92
CA TYR A 146 -10.37 -17.98 -1.65
C TYR A 146 -10.14 -17.68 -0.18
N CYS A 147 -9.44 -18.57 0.51
CA CYS A 147 -9.01 -18.38 1.89
C CYS A 147 -7.52 -18.56 1.97
N VAL A 148 -6.90 -17.84 2.90
CA VAL A 148 -5.45 -17.88 3.07
C VAL A 148 -5.14 -18.09 4.54
N GLN A 149 -4.41 -19.16 4.84
CA GLN A 149 -3.60 -19.22 6.04
C GLN A 149 -2.33 -18.43 5.79
N TYR A 150 -2.07 -17.43 6.62
CA TYR A 150 -0.88 -16.60 6.46
C TYR A 150 -0.38 -16.21 7.85
N ARG A 151 0.93 -16.31 8.04
CA ARG A 151 1.57 -15.97 9.31
C ARG A 151 0.68 -16.38 10.47
N GLU A 152 0.39 -17.68 10.50
CA GLU A 152 -0.58 -18.18 11.46
C GLU A 152 -0.38 -19.67 11.66
N THR A 153 -0.80 -20.14 12.83
CA THR A 153 -0.81 -21.56 13.12
C THR A 153 -2.04 -22.20 12.48
N SER A 154 -2.06 -23.52 12.50
CA SER A 154 -3.22 -24.21 11.97
C SER A 154 -4.40 -24.15 12.93
N PHE A 155 -4.14 -24.00 14.22
CA PHE A 155 -5.22 -23.76 15.17
C PHE A 155 -5.74 -22.33 15.09
N ASP A 156 -4.83 -21.37 14.99
CA ASP A 156 -5.21 -19.96 14.94
C ASP A 156 -6.05 -19.68 13.70
N PHE A 157 -5.59 -20.16 12.55
CA PHE A 157 -6.39 -20.08 11.34
C PHE A 157 -7.74 -20.76 11.50
N VAL A 158 -7.73 -22.01 11.96
CA VAL A 158 -8.96 -22.77 12.15
C VAL A 158 -9.95 -22.02 13.02
N SER A 159 -9.47 -21.47 14.14
CA SER A 159 -10.39 -20.80 15.06
C SER A 159 -10.99 -19.56 14.43
N ARG A 160 -10.19 -18.76 13.74
CA ARG A 160 -10.70 -17.57 13.07
C ARG A 160 -11.83 -17.90 12.10
N LEU A 161 -11.64 -18.95 11.29
CA LEU A 161 -12.66 -19.30 10.31
C LEU A 161 -13.97 -19.68 10.99
N MET A 162 -13.90 -20.48 12.04
CA MET A 162 -15.12 -20.84 12.77
C MET A 162 -15.75 -19.62 13.42
N GLU A 163 -14.94 -18.75 14.02
CA GLU A 163 -15.48 -17.55 14.65
C GLU A 163 -16.17 -16.63 13.65
N GLN A 164 -15.67 -16.57 12.41
CA GLN A 164 -16.34 -15.74 11.41
C GLN A 164 -17.70 -16.31 11.07
N GLU A 165 -17.76 -17.61 10.75
CA GLU A 165 -19.02 -18.25 10.47
C GLU A 165 -19.85 -18.39 11.73
N GLY A 166 -19.23 -18.23 12.90
CA GLY A 166 -19.91 -18.46 14.14
C GLY A 166 -20.08 -19.93 14.46
N ILE A 167 -19.18 -20.76 13.97
CA ILE A 167 -19.07 -22.11 14.46
C ILE A 167 -18.35 -22.12 15.79
N TYR A 168 -18.71 -23.07 16.63
CA TYR A 168 -17.93 -23.43 17.79
C TYR A 168 -17.74 -24.93 17.80
N TYR A 169 -16.94 -25.41 18.74
CA TYR A 169 -16.71 -26.83 18.90
C TYR A 169 -16.70 -27.19 20.37
N PHE A 170 -17.09 -28.43 20.63
CA PHE A 170 -16.97 -29.02 21.95
C PHE A 170 -16.58 -30.47 21.76
N PHE A 171 -16.13 -31.10 22.84
CA PHE A 171 -15.48 -32.39 22.77
C PHE A 171 -16.36 -33.50 23.33
N ARG A 172 -16.29 -34.65 22.67
CA ARG A 172 -16.79 -35.91 23.22
C ARG A 172 -15.59 -36.76 23.61
N HIS A 173 -15.58 -37.25 24.84
CA HIS A 173 -14.44 -37.96 25.40
C HIS A 173 -14.77 -39.43 25.56
N GLU A 174 -13.98 -40.28 24.94
CA GLU A 174 -14.07 -41.72 25.09
C GLU A 174 -12.95 -42.20 26.00
N LYS A 175 -12.82 -43.53 26.12
CA LYS A 175 -11.63 -44.10 26.74
C LYS A 175 -10.38 -43.61 26.04
N ASP A 176 -10.28 -43.90 24.75
CA ASP A 176 -9.03 -43.77 24.01
C ASP A 176 -9.17 -42.80 22.85
N ARG A 177 -10.27 -42.06 22.77
CA ARG A 177 -10.44 -41.03 21.77
C ARG A 177 -11.16 -39.85 22.39
N HIS A 178 -10.81 -38.67 21.91
CA HIS A 178 -11.54 -37.45 22.20
C HIS A 178 -11.77 -36.74 20.88
N VAL A 179 -12.99 -36.26 20.68
CA VAL A 179 -13.48 -35.92 19.36
C VAL A 179 -13.88 -34.46 19.35
N VAL A 180 -13.32 -33.70 18.43
CA VAL A 180 -13.77 -32.34 18.20
C VAL A 180 -15.10 -32.42 17.47
N VAL A 181 -16.19 -32.22 18.20
CA VAL A 181 -17.49 -32.06 17.57
C VAL A 181 -17.65 -30.60 17.14
N LEU A 182 -17.83 -30.39 15.84
CA LEU A 182 -18.21 -29.09 15.32
C LEU A 182 -19.69 -28.85 15.54
N ALA A 183 -20.02 -27.69 16.08
CA ALA A 183 -21.37 -27.40 16.49
C ALA A 183 -21.72 -25.97 16.11
N ASP A 184 -22.99 -25.77 15.76
CA ASP A 184 -23.45 -24.45 15.36
C ASP A 184 -24.88 -24.18 15.79
N ALA A 185 -25.51 -25.08 16.55
CA ALA A 185 -26.87 -24.87 16.99
C ALA A 185 -27.11 -25.65 18.27
N TYR A 186 -28.14 -25.22 19.00
CA TYR A 186 -28.63 -25.93 20.17
C TYR A 186 -28.73 -27.43 19.93
N GLY A 187 -29.20 -27.82 18.75
CA GLY A 187 -29.38 -29.23 18.46
C GLY A 187 -28.12 -30.06 18.47
N ALA A 188 -26.96 -29.41 18.38
CA ALA A 188 -25.71 -30.16 18.51
C ALA A 188 -25.45 -30.57 19.95
N HIS A 189 -26.04 -29.87 20.90
CA HIS A 189 -25.87 -30.16 22.31
C HIS A 189 -26.73 -31.36 22.70
N SER A 190 -26.41 -31.93 23.85
CA SER A 190 -27.09 -33.11 24.33
C SER A 190 -27.24 -33.03 25.85
N SER A 191 -28.23 -33.76 26.36
CA SER A 191 -28.49 -33.81 27.79
C SER A 191 -27.91 -35.10 28.36
N VAL A 192 -27.03 -34.95 29.34
CA VAL A 192 -26.30 -36.09 29.90
C VAL A 192 -27.24 -36.94 30.75
N PRO A 193 -27.32 -38.25 30.50
CA PRO A 193 -28.23 -39.11 31.28
C PRO A 193 -28.07 -38.95 32.78
N GLY A 194 -29.20 -38.75 33.46
CA GLY A 194 -29.23 -38.56 34.89
C GLY A 194 -28.88 -37.17 35.35
N TYR A 195 -28.29 -36.35 34.49
CA TYR A 195 -28.01 -34.95 34.78
C TYR A 195 -28.85 -34.01 33.92
N ALA A 196 -29.94 -34.51 33.34
CA ALA A 196 -30.86 -33.65 32.63
C ALA A 196 -31.48 -32.62 33.56
N SER A 197 -31.59 -32.95 34.84
CA SER A 197 -31.76 -31.97 35.89
C SER A 197 -30.67 -32.14 36.93
N VAL A 198 -30.19 -31.02 37.46
CA VAL A 198 -29.32 -31.01 38.64
C VAL A 198 -30.03 -30.22 39.72
N PRO A 199 -30.23 -30.78 40.91
CA PRO A 199 -30.80 -30.00 42.00
C PRO A 199 -29.81 -28.98 42.52
N TYR A 200 -30.34 -27.89 43.06
CA TYR A 200 -29.55 -26.98 43.88
C TYR A 200 -29.79 -27.32 45.34
N TYR A 201 -28.71 -27.47 46.08
CA TYR A 201 -28.79 -27.62 47.53
C TYR A 201 -27.54 -27.02 48.13
N PRO A 202 -27.66 -25.99 48.95
CA PRO A 202 -26.48 -25.23 49.37
C PRO A 202 -25.60 -26.03 50.31
N ARG A 203 -24.35 -25.57 50.44
CA ARG A 203 -23.44 -26.16 51.41
C ARG A 203 -23.95 -25.99 52.84
N ASP A 204 -24.90 -25.09 53.06
CA ASP A 204 -25.52 -24.94 54.37
C ASP A 204 -26.54 -26.03 54.66
N GLU A 205 -26.89 -26.84 53.67
CA GLU A 205 -27.58 -28.09 53.96
C GLU A 205 -26.59 -29.14 54.47
N GLN A 206 -27.15 -30.16 55.13
CA GLN A 206 -26.37 -31.35 55.43
C GLN A 206 -25.97 -32.05 54.13
N GLN A 207 -24.78 -32.64 54.14
CA GLN A 207 -24.18 -33.11 52.90
C GLN A 207 -25.11 -34.05 52.17
N ARG A 208 -25.59 -33.60 51.01
CA ARG A 208 -26.68 -34.24 50.30
C ARG A 208 -26.16 -35.43 49.51
N GLU A 209 -27.06 -36.39 49.26
CA GLU A 209 -26.67 -37.70 48.78
C GLU A 209 -26.30 -37.73 47.30
N ARG A 210 -26.82 -36.80 46.50
CA ARG A 210 -26.64 -36.87 45.06
C ARG A 210 -25.61 -35.82 44.61
N ASP A 211 -25.67 -35.45 43.34
CA ASP A 211 -24.85 -34.39 42.79
C ASP A 211 -25.68 -33.12 42.72
N HIS A 212 -25.10 -32.00 43.14
CA HIS A 212 -25.86 -30.77 43.24
C HIS A 212 -24.98 -29.58 42.94
N MET A 213 -25.63 -28.51 42.49
CA MET A 213 -24.99 -27.21 42.38
C MET A 213 -24.99 -26.61 43.78
N PHE A 214 -23.80 -26.40 44.34
CA PHE A 214 -23.70 -25.85 45.69
C PHE A 214 -23.68 -24.34 45.74
N ASP A 215 -23.34 -23.67 44.64
CA ASP A 215 -23.30 -22.22 44.62
C ASP A 215 -23.74 -21.71 43.26
N TRP A 216 -24.11 -20.44 43.22
CA TRP A 216 -24.68 -19.85 42.02
C TRP A 216 -24.42 -18.35 42.03
N HIS A 217 -24.13 -17.79 40.85
CA HIS A 217 -24.07 -16.33 40.71
C HIS A 217 -24.54 -15.97 39.31
N LEU A 218 -25.80 -15.57 39.18
CA LEU A 218 -26.27 -14.94 37.96
C LEU A 218 -25.52 -13.63 37.71
N ALA A 219 -25.20 -13.39 36.44
CA ALA A 219 -24.59 -12.15 35.99
C ALA A 219 -25.22 -11.70 34.68
N GLN A 220 -25.34 -10.39 34.51
CA GLN A 220 -25.81 -9.81 33.26
C GLN A 220 -24.99 -8.58 32.92
N GLU A 221 -24.96 -8.24 31.63
CA GLU A 221 -24.16 -7.15 31.12
C GLU A 221 -24.93 -6.41 30.04
N VAL A 222 -24.68 -5.10 29.97
CA VAL A 222 -25.08 -4.31 28.82
C VAL A 222 -24.32 -4.77 27.59
N GLN A 223 -25.03 -5.16 26.55
CA GLN A 223 -24.41 -5.60 25.31
C GLN A 223 -25.13 -5.02 24.11
N PRO A 224 -24.40 -4.80 23.01
CA PRO A 224 -24.96 -4.00 21.91
C PRO A 224 -26.17 -4.65 21.24
N GLY A 225 -27.21 -3.84 21.04
CA GLY A 225 -28.48 -4.36 20.56
C GLY A 225 -28.52 -4.68 19.09
N SER A 226 -27.55 -4.20 18.31
CA SER A 226 -27.57 -4.44 16.88
C SER A 226 -26.16 -4.27 16.32
N LEU A 227 -25.92 -4.92 15.18
CA LEU A 227 -24.74 -4.71 14.37
C LEU A 227 -25.14 -4.53 12.91
N GLU A 228 -24.54 -3.55 12.25
CA GLU A 228 -24.67 -3.37 10.81
C GLU A 228 -23.33 -3.59 10.14
N LEU A 229 -23.33 -4.35 9.05
CA LEU A 229 -22.13 -4.68 8.31
C LEU A 229 -22.24 -4.20 6.86
N ASN A 230 -21.12 -3.72 6.33
CA ASN A 230 -20.99 -3.41 4.92
C ASN A 230 -19.77 -4.11 4.35
N ASP A 231 -19.86 -4.46 3.07
CA ASP A 231 -18.67 -4.67 2.25
C ASP A 231 -18.92 -4.12 0.86
N TYR A 232 -17.84 -3.75 0.19
CA TYR A 232 -17.88 -3.43 -1.22
C TYR A 232 -17.96 -4.70 -2.07
N ASP A 233 -18.38 -4.53 -3.31
CA ASP A 233 -18.31 -5.58 -4.32
C ASP A 233 -18.08 -4.91 -5.66
N PHE A 234 -16.87 -5.05 -6.19
CA PHE A 234 -16.56 -4.44 -7.48
C PHE A 234 -17.41 -5.01 -8.61
N GLN A 235 -18.01 -6.17 -8.40
CA GLN A 235 -19.00 -6.68 -9.35
C GLN A 235 -20.40 -6.13 -9.09
N ARG A 236 -20.62 -5.51 -7.94
CA ARG A 236 -21.92 -4.88 -7.63
C ARG A 236 -21.68 -3.57 -6.90
N PRO A 237 -20.94 -2.66 -7.51
CA PRO A 237 -20.50 -1.47 -6.77
C PRO A 237 -21.63 -0.52 -6.43
N SER A 238 -22.75 -0.60 -7.15
CA SER A 238 -23.94 0.17 -6.79
C SER A 238 -24.74 -0.49 -5.69
N ALA A 239 -24.57 -1.79 -5.48
CA ALA A 239 -25.49 -2.56 -4.67
C ALA A 239 -25.31 -2.26 -3.19
N ARG A 240 -26.42 -2.10 -2.50
CA ARG A 240 -26.44 -1.87 -1.04
C ARG A 240 -26.16 -3.20 -0.34
N ILE A 241 -24.88 -3.59 -0.36
CA ILE A 241 -24.49 -4.82 0.31
C ILE A 241 -24.71 -4.72 1.81
N ASP A 242 -24.82 -3.51 2.33
CA ASP A 242 -25.18 -3.27 3.72
C ASP A 242 -26.22 -4.25 4.21
N VAL A 243 -25.92 -4.88 5.34
CA VAL A 243 -26.86 -5.76 6.03
C VAL A 243 -26.71 -5.55 7.52
N ARG A 244 -27.84 -5.51 8.21
CA ARG A 244 -27.85 -5.26 9.64
C ARG A 244 -28.60 -6.39 10.33
N SER A 245 -28.02 -6.86 11.42
CA SER A 245 -28.65 -7.84 12.30
C SER A 245 -28.90 -7.17 13.64
N ALA A 246 -30.01 -7.53 14.27
CA ALA A 246 -30.45 -6.86 15.49
C ALA A 246 -31.04 -7.87 16.46
N MET A 247 -30.62 -7.76 17.72
CA MET A 247 -31.24 -8.48 18.82
C MET A 247 -31.26 -7.53 20.01
N PRO A 248 -32.09 -6.49 19.93
CA PRO A 248 -32.14 -5.51 21.03
C PRO A 248 -32.72 -6.11 22.29
N ARG A 249 -32.15 -5.73 23.40
CA ARG A 249 -32.60 -6.26 24.68
C ARG A 249 -33.76 -5.45 25.22
N PRO A 250 -34.55 -6.02 26.12
CA PRO A 250 -35.64 -5.23 26.72
C PRO A 250 -35.14 -4.13 27.63
N HIS A 251 -33.97 -4.28 28.21
CA HIS A 251 -33.48 -3.31 29.17
C HIS A 251 -33.02 -2.02 28.49
N SER A 252 -32.95 -0.97 29.29
CA SER A 252 -32.39 0.30 28.82
C SER A 252 -30.98 0.09 28.30
N ALA A 253 -30.58 0.97 27.38
CA ALA A 253 -29.29 0.86 26.70
C ALA A 253 -29.13 -0.45 25.96
N GLY A 254 -30.21 -1.17 25.73
CA GLY A 254 -30.19 -2.43 25.03
C GLY A 254 -30.21 -2.32 23.53
N ASP A 255 -29.97 -1.11 23.00
CA ASP A 255 -30.16 -0.85 21.59
C ASP A 255 -28.99 -0.12 20.96
N TYR A 256 -27.89 0.04 21.69
CA TYR A 256 -26.74 0.70 21.11
C TYR A 256 -26.24 -0.13 19.94
N PRO A 257 -26.20 0.42 18.72
CA PRO A 257 -25.80 -0.36 17.56
C PRO A 257 -24.32 -0.30 17.29
N LEU A 258 -23.79 -1.43 16.85
CA LEU A 258 -22.45 -1.48 16.31
C LEU A 258 -22.51 -1.38 14.79
N TYR A 259 -21.42 -0.92 14.20
CA TYR A 259 -21.23 -0.99 12.77
C TYR A 259 -19.78 -1.33 12.50
N ASP A 260 -19.56 -2.15 11.49
CA ASP A 260 -18.21 -2.48 11.05
C ASP A 260 -18.22 -2.56 9.53
N TYR A 261 -17.07 -2.31 8.94
CA TYR A 261 -16.96 -2.40 7.50
C TYR A 261 -16.73 -3.86 7.08
N PRO A 262 -15.58 -4.24 6.54
CA PRO A 262 -15.61 -5.36 5.60
C PRO A 262 -15.74 -6.71 6.25
N GLY A 263 -16.97 -7.20 6.34
CA GLY A 263 -17.17 -8.62 6.51
C GLY A 263 -16.86 -9.28 5.20
N THR A 264 -16.01 -10.31 5.23
CA THR A 264 -15.48 -10.85 3.98
C THR A 264 -16.60 -11.25 3.03
N TYR A 265 -17.81 -11.48 3.55
CA TYR A 265 -18.98 -11.76 2.74
C TYR A 265 -19.06 -10.84 1.53
N VAL A 266 -19.70 -11.30 0.46
CA VAL A 266 -19.93 -10.46 -0.70
C VAL A 266 -21.42 -10.55 -1.03
N GLN A 267 -21.94 -11.76 -1.03
CA GLN A 267 -23.39 -11.97 -1.07
C GLN A 267 -23.99 -11.55 0.26
N SER A 268 -24.97 -10.64 0.21
CA SER A 268 -25.51 -10.03 1.42
C SER A 268 -26.07 -11.08 2.37
N SER A 269 -26.70 -12.12 1.84
CA SER A 269 -27.31 -13.13 2.69
C SER A 269 -26.28 -13.98 3.44
N ASP A 270 -25.02 -13.96 3.02
CA ASP A 270 -23.97 -14.50 3.87
C ASP A 270 -23.59 -13.56 4.99
N GLY A 271 -23.46 -12.27 4.69
CA GLY A 271 -23.10 -11.30 5.70
C GLY A 271 -24.11 -11.22 6.84
N GLU A 272 -25.38 -11.45 6.55
CA GLU A 272 -26.40 -11.50 7.59
C GLU A 272 -25.97 -12.37 8.77
N HIS A 273 -25.52 -13.59 8.49
CA HIS A 273 -25.15 -14.48 9.58
C HIS A 273 -23.83 -14.11 10.23
N TYR A 274 -22.95 -13.41 9.52
CA TYR A 274 -21.77 -12.89 10.18
C TYR A 274 -22.15 -11.86 11.23
N ALA A 275 -23.16 -11.04 10.94
CA ALA A 275 -23.71 -10.14 11.94
C ALA A 275 -24.42 -10.91 13.05
N GLN A 276 -25.30 -11.84 12.67
CA GLN A 276 -26.06 -12.59 13.67
C GLN A 276 -25.14 -13.21 14.69
N THR A 277 -24.08 -13.86 14.22
CA THR A 277 -23.14 -14.51 15.13
C THR A 277 -22.41 -13.49 15.98
N ARG A 278 -21.97 -12.39 15.37
CA ARG A 278 -21.24 -11.39 16.13
C ARG A 278 -22.09 -10.74 17.20
N ILE A 279 -23.41 -10.67 16.99
CA ILE A 279 -24.30 -10.19 18.04
C ILE A 279 -24.61 -11.30 19.03
N GLU A 280 -25.00 -12.46 18.54
CA GLU A 280 -25.32 -13.57 19.43
C GLU A 280 -24.18 -13.90 20.37
N ALA A 281 -22.94 -13.73 19.91
CA ALA A 281 -21.81 -13.93 20.80
C ALA A 281 -21.82 -12.92 21.94
N LEU A 282 -22.20 -11.67 21.64
CA LEU A 282 -22.32 -10.68 22.69
C LEU A 282 -23.61 -10.80 23.47
N GLN A 283 -24.70 -11.20 22.81
CA GLN A 283 -25.90 -11.57 23.54
C GLN A 283 -25.64 -12.73 24.49
N SER A 284 -24.70 -13.61 24.13
CA SER A 284 -24.32 -14.67 25.05
C SER A 284 -23.68 -14.13 26.32
N LEU A 285 -23.23 -12.87 26.29
CA LEU A 285 -22.72 -12.21 27.49
C LEU A 285 -23.79 -11.45 28.23
N HIS A 286 -24.92 -11.17 27.58
CA HIS A 286 -25.97 -10.40 28.23
C HIS A 286 -26.46 -11.11 29.48
N GLU A 287 -26.54 -12.44 29.43
CA GLU A 287 -26.82 -13.23 30.61
C GLU A 287 -25.86 -14.42 30.64
N ARG A 288 -25.28 -14.66 31.80
CA ARG A 288 -24.63 -15.93 32.09
C ARG A 288 -24.84 -16.25 33.56
N ILE A 289 -24.74 -17.54 33.87
CA ILE A 289 -25.02 -18.05 35.20
C ILE A 289 -23.82 -18.85 35.67
N GLU A 290 -23.06 -18.29 36.60
CA GLU A 290 -22.08 -19.09 37.32
C GLU A 290 -22.78 -20.15 38.13
N LEU A 291 -22.18 -21.33 38.18
CA LEU A 291 -22.54 -22.34 39.15
C LEU A 291 -21.28 -22.99 39.68
N SER A 292 -21.42 -23.69 40.80
CA SER A 292 -20.42 -24.66 41.21
C SER A 292 -21.13 -25.83 41.87
N GLY A 293 -20.52 -27.01 41.79
CA GLY A 293 -21.14 -28.18 42.35
C GLY A 293 -20.53 -29.45 41.81
N ASN A 294 -21.20 -30.56 42.11
CA ASN A 294 -20.67 -31.90 41.96
C ASN A 294 -21.17 -32.57 40.68
N ALA A 295 -21.56 -31.80 39.68
CA ALA A 295 -22.19 -32.37 38.50
C ALA A 295 -21.18 -33.15 37.68
N ARG A 296 -20.76 -34.30 38.22
CA ARG A 296 -19.71 -35.09 37.59
C ARG A 296 -20.06 -35.42 36.14
N GLY A 297 -21.34 -35.67 35.87
CA GLY A 297 -21.75 -36.09 34.54
C GLY A 297 -21.74 -34.97 33.52
N LEU A 298 -21.95 -33.74 33.95
CA LEU A 298 -22.11 -32.63 33.04
C LEU A 298 -20.76 -32.11 32.56
N GLY A 299 -20.74 -31.69 31.29
CA GLY A 299 -19.54 -31.18 30.68
C GLY A 299 -19.88 -30.00 29.78
N VAL A 300 -18.84 -29.38 29.22
CA VAL A 300 -19.06 -28.22 28.37
C VAL A 300 -19.90 -28.64 27.18
N GLY A 301 -20.85 -27.78 26.82
CA GLY A 301 -21.78 -28.05 25.75
C GLY A 301 -22.87 -29.04 26.09
N ASN A 302 -22.91 -29.56 27.30
CA ASN A 302 -24.06 -30.31 27.76
C ASN A 302 -25.21 -29.39 28.10
N LEU A 303 -26.41 -29.95 28.11
CA LEU A 303 -27.59 -29.29 28.65
C LEU A 303 -28.00 -29.87 29.99
N PHE A 304 -28.65 -29.05 30.80
CA PHE A 304 -29.21 -29.54 32.05
C PHE A 304 -30.18 -28.56 32.68
N SER A 305 -31.38 -29.04 32.99
CA SER A 305 -32.34 -28.25 33.75
C SER A 305 -31.84 -28.01 35.17
N LEU A 306 -32.28 -26.91 35.76
CA LEU A 306 -32.07 -26.63 37.17
C LEU A 306 -33.33 -26.91 37.97
N THR A 307 -33.15 -27.42 39.18
CA THR A 307 -34.27 -27.68 40.08
C THR A 307 -33.93 -27.23 41.49
N GLY A 308 -34.98 -26.94 42.25
CA GLY A 308 -34.85 -26.55 43.64
C GLY A 308 -34.26 -25.18 43.88
N PHE A 309 -34.05 -24.39 42.84
CA PHE A 309 -33.64 -23.02 43.06
C PHE A 309 -34.79 -22.17 43.55
N SER A 310 -34.46 -21.17 44.37
CA SER A 310 -35.50 -20.33 44.97
C SER A 310 -36.13 -19.40 43.93
N ARG A 311 -35.30 -18.60 43.25
CA ARG A 311 -35.79 -17.73 42.20
C ARG A 311 -36.24 -18.57 41.00
N GLN A 312 -37.55 -18.61 40.78
CA GLN A 312 -38.12 -19.56 39.84
C GLN A 312 -37.81 -19.21 38.39
N ASP A 313 -37.37 -17.99 38.11
CA ASP A 313 -36.81 -17.68 36.80
C ASP A 313 -35.63 -18.58 36.45
N GLN A 314 -34.95 -19.13 37.45
CA GLN A 314 -33.72 -19.87 37.22
C GLN A 314 -33.97 -21.35 36.98
N ASN A 315 -35.17 -21.84 37.24
CA ASN A 315 -35.49 -23.23 36.96
C ASN A 315 -35.59 -23.44 35.45
N ARG A 316 -34.44 -23.43 34.79
CA ARG A 316 -34.36 -23.39 33.34
C ARG A 316 -33.43 -24.47 32.82
N GLU A 317 -33.56 -24.74 31.52
CA GLU A 317 -32.54 -25.47 30.79
C GLU A 317 -31.34 -24.56 30.53
N TYR A 318 -30.15 -25.06 30.79
CA TYR A 318 -28.94 -24.28 30.70
C TYR A 318 -27.93 -24.96 29.79
N LEU A 319 -27.16 -24.13 29.10
CA LEU A 319 -26.04 -24.56 28.27
C LEU A 319 -24.73 -24.24 28.98
N ILE A 320 -23.94 -25.27 29.25
CA ILE A 320 -22.65 -25.07 29.91
C ILE A 320 -21.67 -24.55 28.87
N VAL A 321 -21.46 -23.24 28.89
CA VAL A 321 -20.51 -22.61 27.97
C VAL A 321 -19.08 -22.90 28.41
N SER A 322 -18.85 -22.95 29.72
CA SER A 322 -17.50 -23.22 30.22
C SER A 322 -17.58 -23.95 31.54
N ILE A 323 -16.53 -24.70 31.84
CA ILE A 323 -16.40 -25.40 33.11
C ILE A 323 -14.97 -25.27 33.59
N ARG A 324 -14.81 -25.14 34.89
CA ARG A 324 -13.59 -25.51 35.57
C ARG A 324 -13.87 -26.74 36.43
N TYR A 325 -12.91 -27.66 36.48
CA TYR A 325 -13.04 -28.87 37.26
C TYR A 325 -11.98 -28.90 38.34
N TYR A 326 -12.34 -29.48 39.47
CA TYR A 326 -11.36 -29.92 40.45
C TYR A 326 -11.72 -31.32 40.89
N LEU A 327 -10.73 -32.20 40.94
CA LEU A 327 -10.78 -33.40 41.74
C LEU A 327 -9.64 -33.42 42.74
N VAL A 328 -9.95 -33.90 43.93
CA VAL A 328 -8.93 -34.37 44.87
C VAL A 328 -9.34 -35.77 45.28
N GLN A 329 -8.35 -36.61 45.56
CA GLN A 329 -8.58 -38.04 45.61
C GLN A 329 -7.76 -38.67 46.72
N GLU A 330 -8.22 -39.84 47.15
CA GLU A 330 -7.59 -40.62 48.22
C GLU A 330 -7.27 -42.02 47.72
N SER A 331 -6.20 -42.58 48.26
CA SER A 331 -5.88 -43.98 48.05
C SER A 331 -5.06 -44.54 49.20
N ALA A 341 -13.30 -39.83 47.00
CA ALA A 341 -13.02 -38.70 46.12
C ALA A 341 -13.84 -37.49 46.50
N GLN A 342 -13.26 -36.32 46.29
CA GLN A 342 -14.01 -35.07 46.27
C GLN A 342 -13.96 -34.48 44.87
N PHE A 343 -15.13 -34.33 44.26
CA PHE A 343 -15.26 -33.74 42.94
C PHE A 343 -15.88 -32.36 43.08
N GLU A 344 -15.31 -31.38 42.41
CA GLU A 344 -15.91 -30.07 42.31
C GLU A 344 -15.82 -29.58 40.87
N SER A 345 -16.82 -28.80 40.48
CA SER A 345 -16.79 -28.06 39.24
C SER A 345 -17.27 -26.64 39.47
N HIS A 346 -16.67 -25.71 38.74
CA HIS A 346 -17.14 -24.35 38.65
C HIS A 346 -17.40 -24.07 37.18
N LEU A 347 -18.54 -23.48 36.88
CA LEU A 347 -18.98 -23.41 35.49
C LEU A 347 -19.79 -22.16 35.25
N THR A 348 -19.86 -21.76 33.99
CA THR A 348 -20.73 -20.68 33.53
C THR A 348 -21.72 -21.25 32.53
N CYS A 349 -22.99 -21.17 32.88
CA CYS A 349 -24.05 -21.47 31.92
C CYS A 349 -24.46 -20.21 31.17
N ILE A 350 -25.20 -20.43 30.09
CA ILE A 350 -26.15 -19.46 29.56
C ILE A 350 -27.50 -20.15 29.42
N ASP A 351 -28.54 -19.35 29.33
CA ASP A 351 -29.86 -19.89 29.06
C ASP A 351 -29.86 -20.57 27.71
N ALA A 352 -30.25 -21.84 27.69
CA ALA A 352 -30.16 -22.63 26.47
C ALA A 352 -31.04 -22.09 25.36
N GLN A 353 -32.01 -21.23 25.69
CA GLN A 353 -32.86 -20.64 24.68
C GLN A 353 -32.13 -19.56 23.87
N GLN A 354 -30.99 -19.08 24.36
CA GLN A 354 -30.14 -18.17 23.61
C GLN A 354 -28.99 -18.95 23.00
N SER A 355 -28.83 -18.83 21.69
CA SER A 355 -27.76 -19.56 21.03
C SER A 355 -26.42 -19.01 21.49
N PHE A 356 -25.53 -19.91 21.89
CA PHE A 356 -24.15 -19.55 22.06
C PHE A 356 -23.51 -19.18 20.73
N ARG A 357 -22.46 -18.39 20.82
CA ARG A 357 -21.66 -18.06 19.66
C ARG A 357 -20.32 -17.53 20.13
N PRO A 358 -19.20 -18.03 19.63
CA PRO A 358 -17.91 -17.64 20.18
C PRO A 358 -17.53 -16.23 19.79
N LEU A 359 -16.82 -15.57 20.69
CA LEU A 359 -16.30 -14.24 20.43
C LEU A 359 -15.21 -14.28 19.38
N ALA A 360 -14.92 -13.11 18.83
CA ALA A 360 -13.70 -12.94 18.04
C ALA A 360 -12.47 -12.95 18.95
N THR A 361 -12.21 -14.09 19.59
CA THR A 361 -11.02 -14.20 20.42
C THR A 361 -9.78 -14.28 19.55
N THR A 362 -9.90 -14.90 18.39
CA THR A 362 -8.77 -15.31 17.57
C THR A 362 -8.42 -14.16 16.62
N HIS A 363 -7.45 -13.35 17.04
CA HIS A 363 -7.12 -12.16 16.28
C HIS A 363 -6.58 -12.51 14.91
N LYS A 364 -7.17 -11.90 13.89
CA LYS A 364 -6.81 -12.24 12.53
C LYS A 364 -5.39 -11.75 12.22
N PRO A 365 -4.65 -12.47 11.39
CA PRO A 365 -3.44 -11.88 10.82
C PRO A 365 -3.82 -10.83 9.81
N MET A 366 -3.10 -9.72 9.82
CA MET A 366 -3.22 -8.71 8.78
C MET A 366 -1.86 -8.51 8.14
N VAL A 367 -1.83 -8.51 6.81
CA VAL A 367 -0.60 -8.16 6.11
C VAL A 367 -0.41 -6.65 6.22
N GLN A 368 0.54 -6.25 7.04
CA GLN A 368 0.75 -4.84 7.33
C GLN A 368 1.41 -4.10 6.18
N GLY A 369 1.50 -4.72 5.01
CA GLY A 369 1.98 -4.05 3.83
C GLY A 369 1.94 -4.94 2.60
N PRO A 370 2.41 -4.42 1.47
CA PRO A 370 2.24 -5.13 0.20
C PRO A 370 3.05 -6.41 0.14
N GLN A 371 2.79 -7.16 -0.93
CA GLN A 371 3.56 -8.34 -1.29
C GLN A 371 4.05 -8.23 -2.72
N THR A 372 5.16 -8.88 -3.00
CA THR A 372 5.54 -9.22 -4.37
C THR A 372 5.01 -10.60 -4.73
N ALA A 373 4.83 -10.83 -6.02
CA ALA A 373 4.31 -12.11 -6.47
C ALA A 373 4.47 -12.25 -7.97
N ARG A 374 4.82 -13.46 -8.40
CA ARG A 374 4.86 -13.76 -9.82
C ARG A 374 3.44 -13.77 -10.36
N VAL A 375 3.29 -13.34 -11.57
CA VAL A 375 2.03 -13.54 -12.27
C VAL A 375 2.11 -14.92 -12.92
N VAL A 376 0.96 -15.59 -13.03
CA VAL A 376 0.93 -16.93 -13.59
C VAL A 376 -0.35 -17.13 -14.39
N GLY A 377 -0.33 -18.17 -15.21
CA GLY A 377 -1.46 -18.58 -15.99
C GLY A 377 -1.21 -19.93 -16.60
N PRO A 378 -2.09 -20.36 -17.49
CA PRO A 378 -1.94 -21.68 -18.10
C PRO A 378 -0.61 -21.81 -18.82
N ALA A 379 -0.13 -23.04 -18.93
CA ALA A 379 1.25 -23.28 -19.29
C ALA A 379 1.61 -22.71 -20.66
N GLY A 380 0.67 -22.70 -21.60
CA GLY A 380 0.96 -22.17 -22.91
C GLY A 380 0.57 -20.74 -23.13
N GLU A 381 -0.19 -20.18 -22.20
CA GLU A 381 -0.66 -18.81 -22.36
C GLU A 381 0.43 -17.82 -21.97
N GLU A 382 0.23 -16.58 -22.38
CA GLU A 382 1.07 -15.46 -21.99
C GLU A 382 0.34 -14.49 -21.08
N ILE A 383 -0.96 -14.34 -21.28
CA ILE A 383 -1.82 -13.55 -20.40
C ILE A 383 -3.04 -14.39 -20.04
N TRP A 384 -3.44 -14.31 -18.78
CA TRP A 384 -4.65 -14.99 -18.31
C TRP A 384 -5.44 -13.99 -17.48
N THR A 385 -6.62 -13.61 -17.97
CA THR A 385 -7.37 -12.51 -17.39
C THR A 385 -8.83 -12.64 -17.78
N ASP A 386 -9.65 -11.79 -17.15
CA ASP A 386 -11.10 -11.85 -17.27
C ASP A 386 -11.64 -10.47 -17.62
N GLN A 387 -12.97 -10.40 -17.76
CA GLN A 387 -13.64 -9.20 -18.24
C GLN A 387 -13.45 -7.98 -17.33
N TYR A 388 -12.86 -8.15 -16.15
CA TYR A 388 -12.51 -7.01 -15.31
C TYR A 388 -11.02 -6.79 -15.22
N GLY A 389 -10.22 -7.58 -15.93
CA GLY A 389 -8.78 -7.42 -15.87
C GLY A 389 -8.16 -8.03 -14.65
N ARG A 390 -8.80 -9.03 -14.06
CA ARG A 390 -8.21 -9.76 -12.96
C ARG A 390 -7.16 -10.72 -13.49
N VAL A 391 -6.28 -11.18 -12.59
CA VAL A 391 -5.26 -12.15 -12.95
C VAL A 391 -5.08 -13.17 -11.84
N LYS A 392 -4.49 -14.30 -12.21
CA LYS A 392 -4.04 -15.30 -11.26
C LYS A 392 -2.59 -15.01 -10.87
N VAL A 393 -2.24 -15.40 -9.65
CA VAL A 393 -0.96 -15.02 -9.06
C VAL A 393 -0.39 -16.20 -8.30
N HIS A 394 0.93 -16.30 -8.33
CA HIS A 394 1.67 -17.19 -7.44
C HIS A 394 2.41 -16.33 -6.42
N PHE A 395 1.99 -16.44 -5.16
CA PHE A 395 2.70 -15.76 -4.09
C PHE A 395 4.00 -16.48 -3.78
N HIS A 396 5.03 -15.71 -3.46
CA HIS A 396 6.33 -16.29 -3.18
C HIS A 396 6.33 -17.12 -1.91
N TRP A 397 5.35 -16.91 -1.04
CA TRP A 397 5.22 -17.73 0.16
C TRP A 397 4.39 -18.99 -0.04
N ASP A 398 3.70 -19.13 -1.17
CA ASP A 398 2.89 -20.32 -1.40
C ASP A 398 3.81 -21.49 -1.76
N ARG A 399 3.76 -22.53 -0.95
CA ARG A 399 4.55 -23.73 -1.15
C ARG A 399 3.84 -24.78 -1.99
N HIS A 400 2.51 -24.73 -2.00
CA HIS A 400 1.70 -25.91 -2.23
C HIS A 400 1.15 -26.01 -3.64
N ASP A 401 1.05 -24.90 -4.37
CA ASP A 401 0.36 -24.86 -5.63
C ASP A 401 1.32 -24.52 -6.76
N GLN A 402 1.03 -25.07 -7.93
CA GLN A 402 2.00 -25.31 -8.98
C GLN A 402 2.33 -24.08 -9.79
N SER A 403 2.06 -22.87 -9.28
CA SER A 403 2.32 -21.65 -10.02
C SER A 403 1.58 -21.67 -11.36
N ASN A 404 0.27 -21.85 -11.27
CA ASN A 404 -0.59 -21.88 -12.45
C ASN A 404 -1.90 -21.16 -12.12
N GLU A 405 -2.88 -21.32 -13.01
CA GLU A 405 -4.16 -20.62 -12.90
C GLU A 405 -4.95 -20.99 -11.66
N ASN A 406 -4.56 -22.02 -10.92
CA ASN A 406 -5.23 -22.41 -9.70
C ASN A 406 -4.64 -21.76 -8.46
N SER A 407 -3.55 -21.01 -8.61
CA SER A 407 -2.77 -20.55 -7.48
C SER A 407 -3.28 -19.27 -6.86
N SER A 408 -4.40 -18.70 -7.33
CA SER A 408 -4.97 -17.58 -6.61
C SER A 408 -6.40 -17.33 -7.04
N CYS A 409 -7.10 -16.57 -6.21
CA CYS A 409 -8.25 -15.79 -6.63
C CYS A 409 -7.94 -14.99 -7.89
N TRP A 410 -8.97 -14.69 -8.66
CA TRP A 410 -8.87 -13.63 -9.66
C TRP A 410 -8.59 -12.31 -8.98
N ILE A 411 -7.40 -11.77 -9.21
CA ILE A 411 -6.94 -10.57 -8.52
C ILE A 411 -7.06 -9.38 -9.45
N ARG A 412 -7.77 -8.36 -9.00
CA ARG A 412 -7.87 -7.12 -9.75
C ARG A 412 -6.51 -6.44 -9.85
N VAL A 413 -6.30 -5.77 -10.97
CA VAL A 413 -5.07 -5.01 -11.22
C VAL A 413 -5.42 -3.54 -11.26
N SER A 414 -4.71 -2.73 -10.49
CA SER A 414 -4.83 -1.30 -10.60
C SER A 414 -4.24 -0.80 -11.90
N GLN A 415 -4.84 0.26 -12.43
CA GLN A 415 -4.39 0.89 -13.65
C GLN A 415 -4.23 2.38 -13.41
N ALA A 416 -3.29 2.99 -14.12
CA ALA A 416 -2.96 4.38 -13.87
C ALA A 416 -4.15 5.30 -14.12
N TRP A 417 -5.13 4.85 -14.91
CA TRP A 417 -6.37 5.57 -15.11
C TRP A 417 -7.44 4.54 -15.46
N ALA A 418 -8.67 4.78 -15.05
CA ALA A 418 -9.71 3.80 -15.28
C ALA A 418 -11.09 4.42 -15.11
N GLY A 419 -11.95 4.22 -16.12
CA GLY A 419 -13.28 4.81 -16.13
C GLY A 419 -14.29 3.93 -16.83
N LYS A 420 -15.39 4.53 -17.28
CA LYS A 420 -16.48 3.78 -17.90
C LYS A 420 -16.06 3.33 -19.28
N ASN A 421 -15.62 2.08 -19.36
CA ASN A 421 -14.86 1.57 -20.50
C ASN A 421 -13.52 2.28 -20.59
N TRP A 422 -13.54 3.59 -20.80
CA TRP A 422 -12.32 4.29 -21.11
C TRP A 422 -11.33 4.25 -19.96
N GLY A 423 -10.07 4.45 -20.31
CA GLY A 423 -8.98 4.48 -19.35
C GLY A 423 -7.77 3.70 -19.81
N SER A 424 -6.69 3.77 -19.03
CA SER A 424 -5.45 3.12 -19.38
C SER A 424 -5.45 1.67 -18.97
N MET A 425 -4.93 0.83 -19.85
CA MET A 425 -4.79 -0.60 -19.60
C MET A 425 -3.32 -0.98 -19.70
N GLN A 426 -2.85 -1.75 -18.71
CA GLN A 426 -1.47 -2.19 -18.63
C GLN A 426 -1.50 -3.60 -18.03
N ILE A 427 -2.01 -4.55 -18.79
CA ILE A 427 -2.28 -5.89 -18.25
C ILE A 427 -0.97 -6.59 -17.94
N PRO A 428 -0.73 -6.96 -16.69
CA PRO A 428 0.51 -7.67 -16.37
C PRO A 428 0.48 -9.10 -16.88
N ARG A 429 1.58 -9.51 -17.49
CA ARG A 429 1.66 -10.79 -18.18
C ARG A 429 2.32 -11.86 -17.31
N ILE A 430 2.13 -13.10 -17.75
CA ILE A 430 2.66 -14.26 -17.04
C ILE A 430 4.17 -14.13 -16.89
N GLY A 431 4.65 -14.36 -15.67
CA GLY A 431 6.04 -14.21 -15.33
C GLY A 431 6.42 -12.85 -14.80
N GLN A 432 5.57 -11.85 -15.01
CA GLN A 432 5.85 -10.52 -14.48
C GLN A 432 5.61 -10.48 -12.97
N GLU A 433 6.50 -9.76 -12.28
CA GLU A 433 6.35 -9.55 -10.85
C GLU A 433 5.39 -8.39 -10.63
N VAL A 434 4.57 -8.50 -9.60
CA VAL A 434 3.63 -7.46 -9.26
C VAL A 434 3.73 -7.13 -7.77
N ILE A 435 3.38 -5.89 -7.44
CA ILE A 435 3.22 -5.46 -6.06
C ILE A 435 1.76 -5.70 -5.69
N VAL A 436 1.51 -6.77 -4.95
CA VAL A 436 0.18 -7.06 -4.44
C VAL A 436 -0.07 -6.15 -3.24
N SER A 437 -1.31 -6.12 -2.79
CA SER A 437 -1.69 -5.36 -1.59
C SER A 437 -3.12 -5.75 -1.28
N PHE A 438 -3.45 -5.77 0.00
CA PHE A 438 -4.67 -6.37 0.48
C PHE A 438 -5.67 -5.30 0.92
N LEU A 439 -6.96 -5.61 0.79
CA LEU A 439 -7.99 -4.60 1.01
C LEU A 439 -8.02 -4.07 2.43
N GLU A 440 -7.39 -4.76 3.38
CA GLU A 440 -7.15 -4.16 4.68
C GLU A 440 -5.87 -4.69 5.30
N GLY A 441 -5.01 -5.32 4.52
CA GLY A 441 -4.11 -6.32 5.02
C GLY A 441 -4.71 -7.70 5.01
N ASP A 442 -6.00 -7.81 4.75
CA ASP A 442 -6.70 -9.09 4.73
C ASP A 442 -6.13 -9.98 3.62
N PRO A 443 -5.48 -11.08 3.97
CA PRO A 443 -4.92 -11.94 2.91
C PRO A 443 -5.97 -12.50 1.98
N ASP A 444 -7.23 -12.56 2.40
CA ASP A 444 -8.31 -13.06 1.57
C ASP A 444 -8.79 -12.04 0.54
N ARG A 445 -8.30 -10.80 0.58
CA ARG A 445 -8.72 -9.75 -0.34
C ARG A 445 -7.48 -9.07 -0.89
N PRO A 446 -6.69 -9.80 -1.69
CA PRO A 446 -5.57 -9.17 -2.40
C PRO A 446 -6.03 -8.25 -3.51
N ILE A 447 -5.14 -7.31 -3.83
CA ILE A 447 -5.27 -6.47 -5.02
C ILE A 447 -3.85 -6.03 -5.40
N ILE A 448 -3.67 -5.72 -6.68
CA ILE A 448 -2.36 -5.39 -7.22
C ILE A 448 -2.25 -3.88 -7.41
N THR A 449 -1.22 -3.29 -6.80
CA THR A 449 -1.00 -1.85 -6.84
C THR A 449 0.30 -1.47 -7.54
N GLY A 450 0.96 -2.40 -8.22
CA GLY A 450 2.10 -2.02 -9.02
C GLY A 450 2.71 -3.21 -9.73
N ARG A 451 3.54 -2.90 -10.72
CA ARG A 451 4.41 -3.86 -11.39
C ARG A 451 5.85 -3.44 -11.14
N VAL A 452 6.75 -4.42 -11.17
CA VAL A 452 8.14 -4.16 -10.79
C VAL A 452 9.05 -5.06 -11.61
N TYR A 453 10.19 -4.49 -12.01
CA TYR A 453 11.24 -5.20 -12.72
C TYR A 453 12.14 -5.98 -11.77
N ASN A 454 12.85 -6.94 -12.33
CA ASN A 454 13.78 -7.76 -11.57
C ASN A 454 14.80 -8.32 -12.54
N ALA A 455 15.81 -9.00 -11.97
CA ALA A 455 16.92 -9.50 -12.77
C ALA A 455 16.50 -10.51 -13.82
N GLU A 456 15.30 -11.07 -13.71
CA GLU A 456 14.69 -11.82 -14.81
C GLU A 456 13.85 -10.91 -15.68
N GLN A 457 12.83 -10.28 -15.10
CA GLN A 457 12.01 -9.31 -15.81
C GLN A 457 12.80 -8.02 -15.95
N THR A 458 13.77 -8.03 -16.85
CA THR A 458 14.75 -6.98 -16.93
C THR A 458 14.13 -5.68 -17.45
N VAL A 459 14.79 -4.59 -17.10
CA VAL A 459 14.39 -3.23 -17.46
C VAL A 459 14.55 -3.01 -18.95
N PRO A 460 13.70 -2.19 -19.60
CA PRO A 460 13.82 -2.05 -21.06
C PRO A 460 15.13 -1.42 -21.50
N TYR A 461 15.54 -0.36 -20.81
CA TYR A 461 16.66 0.46 -21.23
C TYR A 461 17.72 0.44 -20.14
N ASP A 462 18.95 0.11 -20.53
CA ASP A 462 20.00 -0.16 -19.55
C ASP A 462 20.26 1.13 -18.77
N LEU A 463 19.84 1.13 -17.52
CA LEU A 463 19.49 2.36 -16.80
C LEU A 463 20.66 3.20 -16.29
N PRO A 464 21.81 2.63 -15.94
CA PRO A 464 22.91 3.49 -15.52
C PRO A 464 23.41 4.40 -16.62
N ALA A 465 23.19 4.05 -17.89
CA ALA A 465 23.41 4.95 -19.01
C ALA A 465 22.12 5.64 -19.43
N ASN A 466 21.08 4.87 -19.75
CA ASN A 466 19.91 5.37 -20.44
C ASN A 466 18.82 5.84 -19.48
N ALA A 467 19.21 6.35 -18.31
CA ALA A 467 18.23 6.74 -17.31
C ALA A 467 17.24 7.76 -17.83
N THR A 468 17.59 8.48 -18.89
CA THR A 468 16.70 9.47 -19.47
C THR A 468 15.64 8.86 -20.38
N GLN A 469 15.75 7.59 -20.73
CA GLN A 469 14.77 6.98 -21.65
C GLN A 469 13.52 6.60 -20.87
N SER A 470 12.51 7.43 -20.99
CA SER A 470 11.17 7.15 -20.48
C SER A 470 10.32 6.49 -21.56
N GLY A 471 9.10 6.13 -21.17
CA GLY A 471 8.05 5.77 -22.09
C GLY A 471 7.80 4.28 -22.12
N MET A 472 6.65 3.91 -22.68
CA MET A 472 6.27 2.51 -22.72
C MET A 472 7.00 1.77 -23.83
N LYS A 473 7.05 0.46 -23.66
CA LYS A 473 7.53 -0.47 -24.67
C LYS A 473 6.70 -1.73 -24.53
N SER A 474 6.57 -2.46 -25.63
CA SER A 474 5.79 -3.68 -25.64
C SER A 474 6.66 -4.82 -26.14
N ARG A 475 6.07 -6.01 -26.19
CA ARG A 475 6.75 -7.16 -26.77
C ARG A 475 5.68 -8.17 -27.18
N SER A 476 5.48 -8.30 -28.49
CA SER A 476 4.41 -9.14 -29.05
C SER A 476 4.08 -10.33 -28.17
N SER A 477 2.79 -10.56 -27.95
CA SER A 477 2.31 -11.48 -26.94
C SER A 477 2.83 -12.89 -27.17
N LYS A 478 2.35 -13.53 -28.23
CA LYS A 478 2.72 -14.89 -28.56
C LYS A 478 4.12 -14.91 -29.17
N GLY A 479 5.07 -15.46 -28.43
CA GLY A 479 6.41 -15.68 -28.95
C GLY A 479 7.08 -14.44 -29.48
N GLY A 480 6.74 -13.27 -28.95
CA GLY A 480 7.39 -12.05 -29.40
C GLY A 480 8.86 -12.06 -29.09
N SER A 481 9.68 -11.78 -30.09
CA SER A 481 11.09 -11.55 -29.85
C SER A 481 11.29 -10.17 -29.25
N PRO A 482 12.49 -9.91 -28.71
CA PRO A 482 12.80 -8.54 -28.27
C PRO A 482 12.67 -7.51 -29.37
N ALA A 483 12.71 -7.92 -30.63
CA ALA A 483 12.58 -7.01 -31.76
C ALA A 483 11.14 -6.80 -32.19
N ASN A 484 10.19 -7.58 -31.67
CA ASN A 484 8.79 -7.46 -32.07
C ASN A 484 8.08 -6.66 -30.99
N PHE A 485 8.15 -5.34 -31.10
CA PHE A 485 7.58 -4.47 -30.09
C PHE A 485 7.04 -3.21 -30.73
N ASN A 486 5.92 -2.74 -30.20
CA ASN A 486 5.58 -1.34 -30.32
C ASN A 486 6.36 -0.57 -29.25
N GLU A 487 6.62 0.70 -29.52
CA GLU A 487 7.32 1.51 -28.56
C GLU A 487 6.87 2.96 -28.66
N ILE A 488 6.95 3.66 -27.54
CA ILE A 488 6.85 5.12 -27.51
C ILE A 488 7.85 5.63 -26.49
N ARG A 489 9.12 5.30 -26.69
CA ARG A 489 10.13 5.76 -25.75
C ARG A 489 10.36 7.25 -25.94
N MET A 490 10.84 7.88 -24.87
CA MET A 490 10.90 9.32 -24.79
C MET A 490 12.13 9.68 -23.97
N GLU A 491 13.19 10.06 -24.67
CA GLU A 491 14.42 10.52 -24.04
C GLU A 491 14.43 12.03 -24.03
N ASP A 492 14.78 12.60 -22.88
CA ASP A 492 15.00 14.03 -22.74
C ASP A 492 16.41 14.28 -22.24
N LYS A 493 17.35 13.47 -22.71
CA LYS A 493 18.76 13.80 -22.58
C LYS A 493 19.00 15.16 -23.22
N LYS A 494 19.56 16.08 -22.45
CA LYS A 494 19.75 17.43 -22.94
C LYS A 494 20.66 17.38 -24.15
N GLY A 495 20.23 18.01 -25.25
CA GLY A 495 20.95 17.95 -26.50
C GLY A 495 20.69 16.69 -27.28
N ALA A 496 19.65 15.94 -26.91
CA ALA A 496 19.30 14.71 -27.64
C ALA A 496 17.84 14.35 -27.46
N GLU A 497 16.99 15.31 -27.13
CA GLU A 497 15.61 15.04 -26.73
C GLU A 497 14.86 14.38 -27.89
N GLN A 498 14.55 13.10 -27.74
CA GLN A 498 14.03 12.29 -28.82
C GLN A 498 12.68 11.72 -28.43
N LEU A 499 11.69 11.91 -29.29
CA LEU A 499 10.56 11.01 -29.38
C LEU A 499 10.92 9.86 -30.30
N TYR A 500 10.44 8.67 -29.97
CA TYR A 500 10.60 7.51 -30.84
C TYR A 500 9.37 6.64 -30.74
N ILE A 501 8.55 6.65 -31.79
CA ILE A 501 7.37 5.82 -31.90
C ILE A 501 7.66 4.71 -32.88
N HIS A 502 7.26 3.49 -32.52
CA HIS A 502 7.52 2.30 -33.31
C HIS A 502 6.29 1.41 -33.27
N ALA A 503 5.88 0.92 -34.44
CA ALA A 503 4.91 -0.14 -34.56
C ALA A 503 5.56 -1.33 -35.26
N GLU A 504 5.42 -2.50 -34.66
CA GLU A 504 6.07 -3.69 -35.20
C GLU A 504 5.36 -4.21 -36.44
N ARG A 505 4.16 -3.72 -36.74
CA ARG A 505 3.61 -3.82 -38.09
C ARG A 505 3.13 -2.47 -38.61
N ASN A 506 2.01 -1.99 -38.07
CA ASN A 506 1.30 -0.88 -38.66
C ASN A 506 0.91 0.15 -37.61
N GLN A 507 0.88 1.39 -38.06
CA GLN A 507 0.52 2.55 -37.26
C GLN A 507 -0.68 3.23 -37.92
N ASP A 508 -1.87 2.79 -37.56
CA ASP A 508 -3.06 3.54 -37.94
C ASP A 508 -3.14 4.82 -37.13
N ILE A 509 -3.62 5.87 -37.78
CA ILE A 509 -3.90 7.14 -37.11
C ILE A 509 -5.20 7.70 -37.66
N VAL A 510 -6.02 8.21 -36.76
CA VAL A 510 -7.21 8.95 -37.16
C VAL A 510 -7.21 10.28 -36.43
N VAL A 511 -7.73 11.29 -37.11
CA VAL A 511 -8.06 12.56 -36.49
C VAL A 511 -9.42 13.00 -37.02
N GLU A 512 -10.34 13.31 -36.11
CA GLU A 512 -11.69 13.67 -36.51
C GLU A 512 -11.73 15.01 -37.22
N VAL A 513 -10.75 15.88 -36.98
CA VAL A 513 -10.75 17.21 -37.58
C VAL A 513 -9.38 17.55 -38.16
N ASN A 514 -8.55 18.25 -37.40
CA ASN A 514 -7.33 18.85 -37.92
C ASN A 514 -6.10 18.22 -37.29
N GLU A 515 -5.17 17.82 -38.15
CA GLU A 515 -3.79 17.62 -37.75
C GLU A 515 -3.05 18.96 -37.74
N SER A 516 -1.92 18.99 -37.06
CA SER A 516 -0.87 19.93 -37.38
C SER A 516 0.50 19.31 -37.19
N HIS A 517 1.44 19.77 -37.97
CA HIS A 517 2.86 19.52 -37.78
C HIS A 517 3.57 20.85 -37.83
N SER A 518 4.62 21.00 -37.03
CA SER A 518 5.40 22.23 -37.04
C SER A 518 6.83 21.86 -36.67
N VAL A 519 7.68 21.82 -37.67
CA VAL A 519 9.00 21.23 -37.58
C VAL A 519 10.02 22.31 -37.87
N GLY A 520 10.88 22.60 -36.89
CA GLY A 520 11.76 23.75 -37.01
C GLY A 520 12.78 23.58 -38.11
N ASN A 521 13.25 22.36 -38.34
CA ASN A 521 14.18 22.11 -39.43
C ASN A 521 13.68 21.00 -40.34
N ASN A 522 14.27 19.82 -40.23
CA ASN A 522 14.23 18.82 -41.28
C ASN A 522 13.12 17.81 -41.05
N ARG A 523 12.74 17.13 -42.13
CA ARG A 523 11.91 15.94 -42.07
C ARG A 523 12.41 14.95 -43.10
N ASN A 524 12.57 13.69 -42.71
CA ASN A 524 12.79 12.62 -43.66
C ASN A 524 11.66 11.60 -43.51
N LYS A 525 10.85 11.48 -44.55
CA LYS A 525 9.86 10.41 -44.66
C LYS A 525 10.30 9.46 -45.74
N SER A 526 10.58 8.21 -45.35
CA SER A 526 10.80 7.12 -46.28
C SER A 526 9.62 6.19 -46.31
N ILE A 527 9.09 5.95 -47.50
CA ILE A 527 7.98 5.02 -47.70
C ILE A 527 8.56 3.90 -48.55
N GLY A 528 9.00 2.83 -47.89
CA GLY A 528 9.73 1.79 -48.58
C GLY A 528 8.94 1.09 -49.66
N HIS A 529 7.66 1.37 -49.80
CA HIS A 529 6.92 0.91 -50.98
C HIS A 529 6.04 2.00 -51.57
N ASP A 530 4.80 2.09 -51.12
CA ASP A 530 3.72 2.72 -51.88
C ASP A 530 2.93 3.65 -50.99
N GLU A 531 2.72 4.88 -51.45
CA GLU A 531 1.88 5.85 -50.77
C GLU A 531 0.68 6.23 -51.62
N TYR A 532 -0.50 6.11 -51.04
CA TYR A 532 -1.70 6.74 -51.56
C TYR A 532 -2.05 7.95 -50.71
N VAL A 533 -2.41 9.05 -51.36
CA VAL A 533 -2.92 10.23 -50.70
C VAL A 533 -4.19 10.66 -51.40
N THR A 534 -5.28 10.76 -50.65
CA THR A 534 -6.58 11.10 -51.21
C THR A 534 -7.12 12.32 -50.47
N ILE A 535 -7.27 13.41 -51.20
CA ILE A 535 -7.61 14.71 -50.63
C ILE A 535 -9.02 15.05 -51.08
N GLY A 536 -9.88 15.34 -50.10
CA GLY A 536 -11.28 15.55 -50.40
C GLY A 536 -11.60 16.91 -50.98
N ASN A 537 -10.63 17.82 -50.99
CA ASN A 537 -10.85 19.14 -51.55
C ASN A 537 -9.57 19.70 -52.15
N LYS A 538 -8.67 20.16 -51.30
CA LYS A 538 -7.58 21.01 -51.74
C LYS A 538 -6.28 20.63 -51.05
N ARG A 539 -5.18 20.91 -51.75
CA ARG A 539 -3.86 20.94 -51.15
C ARG A 539 -3.20 22.26 -51.51
N THR A 540 -2.25 22.68 -50.70
CA THR A 540 -1.54 23.93 -50.93
C THR A 540 -0.16 23.79 -50.32
N ARG A 541 0.81 23.50 -51.17
CA ARG A 541 2.19 23.35 -50.78
C ARG A 541 2.99 24.56 -51.21
N ILE A 542 3.81 25.09 -50.30
CA ILE A 542 4.52 26.34 -50.52
C ILE A 542 5.96 26.21 -50.03
N VAL A 543 6.89 26.55 -50.90
CA VAL A 543 8.32 26.40 -50.66
C VAL A 543 8.98 27.76 -50.83
N GLN A 544 9.75 28.19 -49.84
CA GLN A 544 10.47 29.45 -49.96
C GLN A 544 11.43 29.42 -51.13
N HIS A 545 12.19 28.33 -51.28
CA HIS A 545 13.29 28.32 -52.23
C HIS A 545 13.14 27.23 -53.28
N VAL A 546 13.37 25.96 -52.93
CA VAL A 546 13.62 24.93 -53.92
C VAL A 546 12.75 23.71 -53.69
N ASP A 547 12.27 23.15 -54.79
CA ASP A 547 11.77 21.78 -54.83
C ASP A 547 12.60 20.96 -55.79
N GLU A 548 12.71 19.68 -55.49
CA GLU A 548 13.09 18.68 -56.47
C GLU A 548 12.10 17.53 -56.42
N LEU A 549 11.81 16.98 -57.58
CA LEU A 549 11.27 15.64 -57.71
C LEU A 549 12.21 14.82 -58.56
N ARG A 550 12.39 13.57 -58.21
CA ARG A 550 13.07 12.62 -59.06
C ARG A 550 12.27 11.33 -59.10
N VAL A 551 12.18 10.75 -60.28
CA VAL A 551 11.41 9.54 -60.52
C VAL A 551 12.17 8.65 -61.46
N GLY A 552 12.35 7.39 -61.09
CA GLY A 552 13.10 6.48 -61.92
C GLY A 552 12.34 6.06 -63.15
N GLU A 553 11.02 6.20 -63.15
CA GLU A 553 10.24 5.98 -64.37
C GLU A 553 9.25 7.10 -64.65
N LYS A 554 8.01 6.95 -64.17
CA LYS A 554 6.86 7.62 -64.76
C LYS A 554 6.17 8.54 -63.76
N LYS A 555 5.57 9.61 -64.30
CA LYS A 555 4.70 10.49 -63.55
C LYS A 555 3.48 10.82 -64.38
N LEU A 556 2.31 10.85 -63.73
CA LEU A 556 1.04 11.12 -64.38
C LEU A 556 0.28 12.17 -63.59
N ASP A 557 -0.24 13.17 -64.29
CA ASP A 557 -0.99 14.27 -63.66
C ASP A 557 -2.38 14.33 -64.29
N SER A 558 -3.27 13.45 -63.84
CA SER A 558 -4.63 13.40 -64.36
C SER A 558 -5.39 14.62 -63.85
N VAL A 559 -5.09 15.77 -64.45
CA VAL A 559 -5.69 17.04 -64.07
C VAL A 559 -6.97 17.24 -64.87
N GLY A 560 -8.11 17.04 -64.24
CA GLY A 560 -9.39 16.99 -64.92
C GLY A 560 -9.84 18.32 -65.50
N GLN A 561 -9.21 19.43 -65.12
CA GLN A 561 -9.46 20.68 -65.80
C GLN A 561 -8.18 21.35 -66.28
N SER A 562 -7.67 22.32 -65.53
CA SER A 562 -6.59 23.17 -66.00
C SER A 562 -5.35 23.00 -65.14
N TYR A 563 -4.20 22.98 -65.79
CA TYR A 563 -2.89 22.95 -65.15
C TYR A 563 -2.13 24.18 -65.61
N VAL A 564 -1.79 25.05 -64.67
CA VAL A 564 -1.23 26.36 -64.95
C VAL A 564 0.03 26.55 -64.12
N ILE A 565 1.13 26.91 -64.78
CA ILE A 565 2.46 26.68 -64.25
C ILE A 565 3.23 27.96 -64.04
N GLU A 566 2.67 29.10 -64.42
CA GLU A 566 2.97 30.39 -63.80
C GLU A 566 4.44 30.66 -63.49
N VAL A 567 5.34 30.25 -64.38
CA VAL A 567 6.76 30.37 -64.09
C VAL A 567 7.22 31.81 -64.18
N GLY A 568 8.28 32.13 -63.45
CA GLY A 568 8.75 33.50 -63.31
C GLY A 568 10.01 33.86 -64.07
N GLU A 569 10.78 32.86 -64.51
CA GLU A 569 12.07 33.16 -65.11
C GLU A 569 12.41 32.23 -66.28
N ARG A 570 12.33 30.93 -66.06
CA ARG A 570 12.51 29.98 -67.16
C ARG A 570 11.73 28.71 -66.87
N LEU A 571 10.70 28.44 -67.65
CA LEU A 571 10.31 27.07 -67.88
C LEU A 571 11.31 26.45 -68.84
N ARG A 572 11.81 25.27 -68.50
CA ARG A 572 12.64 24.50 -69.42
C ARG A 572 12.15 23.06 -69.42
N LEU A 573 11.24 22.76 -70.35
CA LEU A 573 10.89 21.38 -70.62
C LEU A 573 12.04 20.71 -71.34
N VAL A 574 12.21 19.42 -71.09
CA VAL A 574 13.26 18.65 -71.74
C VAL A 574 12.79 17.23 -71.94
N CYS A 575 13.28 16.61 -73.01
CA CYS A 575 13.38 15.17 -73.10
C CYS A 575 14.56 14.85 -74.01
N GLY A 576 15.65 14.38 -73.41
CA GLY A 576 16.89 14.28 -74.14
C GLY A 576 17.27 15.56 -74.83
N ALA A 577 17.46 15.51 -76.15
CA ALA A 577 17.77 16.70 -76.92
C ALA A 577 16.55 17.56 -77.22
N SER A 578 15.35 17.00 -77.19
CA SER A 578 14.15 17.79 -77.46
C SER A 578 13.90 18.73 -76.30
N ILE A 579 13.79 20.02 -76.59
CA ILE A 579 13.73 21.04 -75.55
C ILE A 579 12.75 22.13 -75.93
N LEU A 580 11.75 22.35 -75.08
CA LEU A 580 10.92 23.54 -75.12
C LEU A 580 11.39 24.42 -73.99
N GLU A 581 11.49 25.73 -74.25
CA GLU A 581 11.92 26.65 -73.22
C GLU A 581 11.10 27.92 -73.31
N LEU A 582 10.64 28.38 -72.16
CA LEU A 582 9.95 29.66 -72.05
C LEU A 582 10.74 30.55 -71.10
N ASN A 583 11.37 31.59 -71.62
CA ASN A 583 11.99 32.60 -70.80
C ASN A 583 10.99 33.72 -70.52
N ALA A 584 11.06 34.26 -69.30
CA ALA A 584 10.20 35.37 -68.93
C ALA A 584 10.54 36.62 -69.72
N SER A 585 11.72 36.68 -70.32
CA SER A 585 12.05 37.75 -71.26
C SER A 585 11.29 37.62 -72.57
N GLY A 586 10.40 36.64 -72.70
CA GLY A 586 9.59 36.46 -73.88
C GLY A 586 10.28 35.72 -75.00
N GLN A 587 11.56 35.42 -74.88
CA GLN A 587 12.21 34.56 -75.84
C GLN A 587 11.78 33.13 -75.59
N ILE A 588 11.38 32.45 -76.65
CA ILE A 588 11.01 31.05 -76.62
C ILE A 588 11.94 30.26 -77.52
N ASN A 589 12.39 29.12 -77.02
CA ASN A 589 13.05 28.12 -77.85
C ASN A 589 12.22 26.84 -77.79
N LEU A 590 11.82 26.37 -78.96
CA LEU A 590 10.99 25.17 -79.09
C LEU A 590 11.78 24.05 -79.75
N CYS A 591 13.09 24.12 -79.64
CA CYS A 591 14.01 23.50 -80.57
C CYS A 591 14.30 22.05 -80.22
N GLY A 592 14.51 21.25 -81.26
CA GLY A 592 14.67 19.80 -81.11
C GLY A 592 15.61 19.29 -82.16
N VAL A 593 15.32 18.09 -82.69
CA VAL A 593 16.15 17.50 -83.72
C VAL A 593 15.31 17.05 -84.91
N ASN A 594 14.13 16.52 -84.64
CA ASN A 594 13.08 16.44 -85.64
C ASN A 594 11.77 16.94 -85.04
N ILE A 595 10.95 17.51 -85.91
CA ILE A 595 9.68 18.08 -85.53
C ILE A 595 8.66 17.74 -86.60
N SER A 596 7.41 17.49 -86.18
CA SER A 596 6.34 17.26 -87.14
C SER A 596 5.05 17.81 -86.55
N VAL A 597 4.83 19.10 -86.77
CA VAL A 597 3.58 19.72 -86.39
C VAL A 597 2.47 19.18 -87.29
N HIS A 598 1.27 19.07 -86.74
CA HIS A 598 0.14 18.58 -87.51
C HIS A 598 -1.15 19.14 -86.94
N ALA A 599 -2.10 19.39 -87.83
CA ALA A 599 -3.41 19.87 -87.44
C ALA A 599 -4.46 19.27 -88.36
N SER A 600 -5.59 18.88 -87.77
CA SER A 600 -6.69 18.40 -88.59
C SER A 600 -7.32 19.52 -89.39
N ALA A 601 -7.29 20.74 -88.86
CA ALA A 601 -7.71 21.90 -89.61
C ALA A 601 -6.57 22.88 -89.82
N ASP A 602 -6.85 24.18 -89.69
CA ASP A 602 -5.85 25.19 -89.99
C ASP A 602 -4.70 25.13 -89.00
N ALA A 603 -3.63 25.81 -89.39
CA ALA A 603 -2.56 26.19 -88.50
C ALA A 603 -2.07 27.56 -88.94
N GLN A 604 -1.33 28.23 -88.06
CA GLN A 604 -0.91 29.58 -88.37
C GLN A 604 0.46 29.86 -87.79
N ILE A 605 1.06 30.91 -88.33
CA ILE A 605 2.05 31.72 -87.62
C ILE A 605 1.68 33.17 -87.83
N ASN A 606 2.05 34.00 -86.87
CA ASN A 606 1.90 35.44 -87.03
C ASN A 606 3.06 36.13 -86.33
N THR A 607 3.46 37.28 -86.89
CA THR A 607 4.43 38.13 -86.23
C THR A 607 4.05 39.58 -86.45
N GLY A 608 4.25 40.39 -85.41
CA GLY A 608 4.38 41.81 -85.64
C GLY A 608 5.71 42.15 -86.31
N GLY A 609 6.75 41.41 -85.98
CA GLY A 609 7.98 41.42 -86.76
C GLY A 609 7.86 40.63 -88.04
N VAL A 610 8.97 40.05 -88.48
CA VAL A 610 9.05 39.40 -89.78
C VAL A 610 9.55 37.98 -89.57
N LEU A 611 8.64 37.02 -89.58
CA LEU A 611 9.02 35.63 -89.68
C LEU A 611 9.89 35.41 -90.90
N HIS A 612 11.10 34.88 -90.69
CA HIS A 612 11.75 34.18 -91.79
C HIS A 612 12.53 32.98 -91.27
N LEU A 613 12.85 32.11 -92.22
CA LEU A 613 13.21 30.73 -91.97
C LEU A 613 14.67 30.48 -92.34
N ASN A 614 15.33 29.65 -91.54
CA ASN A 614 16.73 29.34 -91.75
C ASN A 614 17.60 30.59 -91.79
N ASN A 615 17.23 31.61 -91.02
CA ASN A 615 18.04 32.82 -90.96
C ASN A 615 19.49 32.49 -90.63
N GLY A 616 19.72 31.44 -89.86
CA GLY A 616 21.01 31.19 -89.26
C GLY A 616 21.34 32.04 -88.05
N GLY A 617 20.35 32.74 -87.50
CA GLY A 617 20.56 33.51 -86.29
C GLY A 617 20.32 32.67 -85.05
N GLY A 618 19.51 31.63 -85.19
CA GLY A 618 19.42 30.57 -84.21
C GLY A 618 20.37 29.45 -84.59
N PRO A 619 21.50 29.34 -83.88
CA PRO A 619 22.59 28.49 -84.38
C PRO A 619 22.43 27.03 -83.98
N GLY A 620 21.66 26.77 -82.93
CA GLY A 620 21.61 25.43 -82.39
C GLY A 620 20.46 25.27 -81.42
N THR A 621 20.19 24.01 -81.12
CA THR A 621 19.25 23.65 -80.07
C THR A 621 19.86 24.03 -78.71
N THR A 622 19.00 24.22 -77.70
CA THR A 622 19.47 24.65 -76.39
C THR A 622 19.78 23.48 -75.47
N THR A 623 20.28 22.38 -76.02
CA THR A 623 20.59 21.21 -75.22
C THR A 623 21.57 21.57 -74.09
N GLU A 624 21.28 21.08 -72.88
CA GLU A 624 22.12 21.38 -71.73
C GLU A 624 22.48 20.13 -70.94
N GLY A 625 22.35 18.95 -71.54
CA GLY A 625 22.61 17.70 -70.87
C GLY A 625 21.55 17.24 -69.90
N GLN A 626 20.48 18.02 -69.74
CA GLN A 626 19.37 17.61 -68.90
C GLN A 626 18.55 16.52 -69.58
N GLY A 627 17.83 15.76 -68.75
CA GLY A 627 16.97 14.72 -69.26
C GLY A 627 17.65 13.49 -69.80
N VAL A 628 18.96 13.37 -69.67
CA VAL A 628 19.63 12.17 -70.15
C VAL A 628 19.30 11.03 -69.18
N GLN A 629 18.55 10.04 -69.67
CA GLN A 629 17.93 9.04 -68.79
C GLN A 629 18.92 8.41 -67.84
N GLY A 630 20.15 8.14 -68.31
CA GLY A 630 21.12 7.50 -67.44
C GLY A 630 21.32 8.25 -66.13
N ALA A 631 21.49 9.56 -66.22
CA ALA A 631 21.61 10.37 -65.01
C ALA A 631 20.30 10.42 -64.24
N ILE A 632 19.18 10.55 -64.95
CA ILE A 632 17.90 10.85 -64.29
C ILE A 632 17.40 9.65 -63.49
N SER A 633 17.45 8.46 -64.09
CA SER A 633 17.14 7.26 -63.30
C SER A 633 18.11 7.12 -62.13
N ALA A 634 19.39 7.39 -62.37
CA ALA A 634 20.38 7.30 -61.30
C ALA A 634 20.05 8.25 -60.16
N LYS A 635 19.73 9.50 -60.48
CA LYS A 635 19.39 10.48 -59.45
C LYS A 635 18.10 10.13 -58.72
N ALA A 636 17.18 9.42 -59.38
CA ALA A 636 15.98 8.97 -58.70
C ALA A 636 16.21 7.71 -57.88
N LYS A 637 17.15 6.87 -58.31
CA LYS A 637 17.51 5.67 -57.55
C LYS A 637 18.53 5.94 -56.46
N ALA A 638 19.16 7.12 -56.48
CA ALA A 638 20.28 7.40 -55.57
C ALA A 638 19.98 7.09 -54.10
N PRO A 639 18.78 7.31 -53.58
CA PRO A 639 18.52 6.96 -52.17
C PRO A 639 18.52 5.47 -51.90
N PHE A 640 18.38 4.64 -52.92
CA PHE A 640 17.99 3.24 -52.75
C PHE A 640 19.10 2.27 -53.13
N SER A 641 20.34 2.75 -53.21
CA SER A 641 21.46 1.84 -53.38
C SER A 641 21.60 0.93 -52.18
N ALA A 642 22.32 -0.17 -52.37
CA ALA A 642 22.48 -1.15 -51.30
C ALA A 642 23.35 -0.58 -50.19
N PRO A 643 23.12 -0.99 -48.93
CA PRO A 643 23.93 -0.51 -47.81
C PRO A 643 25.39 -0.95 -47.90
N ARG B 8 -25.11 8.79 59.43
CA ARG B 8 -24.59 7.47 59.91
C ARG B 8 -23.80 6.76 58.82
N LEU B 9 -24.48 6.18 57.82
CA LEU B 9 -23.79 5.35 56.83
C LEU B 9 -24.32 5.69 55.45
N ALA B 10 -24.00 4.86 54.48
CA ALA B 10 -24.30 5.07 53.07
C ALA B 10 -25.66 4.51 52.71
N GLN B 11 -26.40 5.24 51.90
CA GLN B 11 -27.67 4.76 51.35
C GLN B 11 -27.65 4.96 49.84
N VAL B 12 -28.25 4.00 49.13
CA VAL B 12 -28.27 3.99 47.68
C VAL B 12 -29.35 4.92 47.15
N ASN B 13 -29.04 5.59 46.04
CA ASN B 13 -30.00 6.40 45.29
C ASN B 13 -30.26 5.72 43.96
N CYS B 14 -31.49 5.28 43.75
CA CYS B 14 -31.81 4.31 42.71
C CYS B 14 -33.27 4.46 42.33
N PRO B 15 -33.67 3.97 41.16
CA PRO B 15 -35.09 4.07 40.76
C PRO B 15 -36.01 3.17 41.57
N LEU B 16 -35.49 2.11 42.18
CA LEU B 16 -36.30 1.24 43.02
C LEU B 16 -36.68 1.88 44.34
N GLY B 17 -36.17 3.06 44.64
CA GLY B 17 -36.33 3.68 45.94
C GLY B 17 -35.17 3.38 46.88
N PRO B 18 -34.57 4.44 47.47
CA PRO B 18 -33.36 4.24 48.28
C PRO B 18 -33.50 3.19 49.37
N ASP B 19 -34.73 2.94 49.81
CA ASP B 19 -34.96 1.97 50.87
C ASP B 19 -35.00 0.53 50.37
N VAL B 20 -35.23 0.31 49.08
CA VAL B 20 -35.33 -1.05 48.58
C VAL B 20 -33.95 -1.70 48.52
N LEU B 21 -32.93 -0.93 48.16
CA LEU B 21 -31.56 -1.41 48.14
C LEU B 21 -30.73 -0.66 49.17
N LEU B 22 -29.89 -1.41 49.89
CA LEU B 22 -28.97 -0.84 50.86
C LEU B 22 -27.62 -1.51 50.68
N LEU B 23 -26.57 -0.70 50.71
CA LEU B 23 -25.24 -1.19 50.43
C LEU B 23 -24.72 -2.10 51.53
N LYS B 24 -24.12 -3.21 51.10
CA LYS B 24 -23.37 -4.08 51.99
C LYS B 24 -21.91 -3.66 52.04
N SER B 25 -21.35 -3.36 50.87
CA SER B 25 -19.97 -2.91 50.75
C SER B 25 -19.84 -2.04 49.50
N LEU B 26 -18.60 -1.65 49.20
CA LEU B 26 -18.28 -0.94 47.97
C LEU B 26 -16.86 -1.31 47.57
N GLY B 27 -16.60 -1.23 46.27
CA GLY B 27 -15.27 -1.38 45.73
C GLY B 27 -15.05 -0.42 44.58
N GLY B 28 -13.88 -0.53 43.98
CA GLY B 28 -13.59 0.19 42.75
C GLY B 28 -12.80 1.45 42.97
N GLY B 29 -12.79 2.27 41.93
CA GLY B 29 -11.84 3.35 41.86
C GLY B 29 -12.09 4.26 40.69
N GLU B 30 -11.17 5.20 40.51
CA GLU B 30 -11.30 6.26 39.53
C GLU B 30 -9.93 6.66 39.03
N GLU B 31 -9.88 7.21 37.83
CA GLU B 31 -8.62 7.69 37.28
C GLU B 31 -8.90 8.74 36.22
N LEU B 32 -8.05 9.77 36.18
CA LEU B 32 -8.25 10.87 35.24
C LEU B 32 -8.22 10.38 33.80
N GLY B 33 -9.23 10.78 33.03
CA GLY B 33 -9.31 10.39 31.65
C GLY B 33 -9.60 8.92 31.44
N ARG B 34 -10.02 8.23 32.50
CA ARG B 34 -10.36 6.82 32.42
C ARG B 34 -11.66 6.62 33.19
N LEU B 35 -12.43 5.63 32.75
CA LEU B 35 -13.77 5.42 33.28
C LEU B 35 -13.70 4.95 34.72
N PHE B 36 -14.49 5.56 35.60
CA PHE B 36 -14.67 5.00 36.93
C PHE B 36 -15.28 3.62 36.84
N ASP B 37 -15.05 2.85 37.90
CA ASP B 37 -15.44 1.44 37.93
C ASP B 37 -15.71 1.08 39.39
N TYR B 38 -16.97 0.87 39.74
CA TYR B 38 -17.38 0.71 41.13
C TYR B 38 -18.18 -0.58 41.28
N GLN B 39 -17.54 -1.60 41.84
CA GLN B 39 -18.23 -2.82 42.21
C GLN B 39 -19.00 -2.56 43.50
N LEU B 40 -20.28 -2.23 43.36
CA LEU B 40 -21.17 -2.33 44.49
C LEU B 40 -21.35 -3.78 44.93
N GLN B 41 -21.57 -3.97 46.22
CA GLN B 41 -22.24 -5.14 46.73
C GLN B 41 -23.35 -4.68 47.66
N LEU B 42 -24.55 -5.20 47.45
CA LEU B 42 -25.69 -4.72 48.20
C LEU B 42 -26.65 -5.87 48.42
N ALA B 43 -27.56 -5.69 49.36
CA ALA B 43 -28.57 -6.69 49.69
C ALA B 43 -29.95 -6.06 49.63
N SER B 44 -30.95 -6.90 49.35
CA SER B 44 -32.33 -6.45 49.31
C SER B 44 -33.24 -7.60 49.70
N SER B 45 -34.44 -7.23 50.16
CA SER B 45 -35.44 -8.20 50.57
C SER B 45 -36.03 -9.00 49.42
N ASP B 46 -35.76 -8.64 48.17
CA ASP B 46 -36.23 -9.40 47.02
C ASP B 46 -35.06 -10.08 46.33
N ALA B 47 -35.12 -11.41 46.23
CA ALA B 47 -34.28 -12.15 45.30
C ALA B 47 -34.80 -12.13 43.88
N ASN B 48 -36.03 -11.70 43.65
CA ASN B 48 -36.69 -11.77 42.35
C ASN B 48 -36.74 -10.40 41.69
N ILE B 49 -35.69 -9.63 41.89
CA ILE B 49 -35.53 -8.36 41.20
C ILE B 49 -35.18 -8.63 39.75
N ASP B 50 -36.00 -8.12 38.83
CA ASP B 50 -35.69 -8.23 37.41
C ASP B 50 -34.48 -7.36 37.12
N LEU B 51 -33.36 -7.99 36.81
CA LEU B 51 -32.13 -7.24 36.60
C LEU B 51 -32.22 -6.33 35.39
N ASN B 52 -33.06 -6.68 34.42
CA ASN B 52 -33.27 -5.79 33.28
C ASN B 52 -33.78 -4.42 33.72
N GLN B 53 -34.44 -4.35 34.87
CA GLN B 53 -34.86 -3.05 35.38
C GLN B 53 -33.69 -2.27 35.93
N LEU B 54 -32.77 -2.96 36.61
CA LEU B 54 -31.58 -2.30 37.13
C LEU B 54 -30.61 -1.95 36.02
N LEU B 55 -30.39 -2.86 35.09
CA LEU B 55 -29.25 -2.80 34.20
C LEU B 55 -29.31 -1.58 33.28
N GLY B 56 -28.15 -0.95 33.10
CA GLY B 56 -28.02 0.27 32.33
C GLY B 56 -28.57 1.53 32.97
N LYS B 57 -29.42 1.38 33.98
CA LYS B 57 -30.08 2.54 34.53
C LYS B 57 -29.16 3.35 35.44
N PRO B 58 -29.47 4.63 35.63
CA PRO B 58 -28.71 5.47 36.56
C PRO B 58 -28.94 5.08 38.01
N MET B 59 -27.85 4.88 38.73
CA MET B 59 -27.88 4.57 40.16
C MET B 59 -26.72 5.28 40.83
N GLY B 60 -26.93 5.65 42.10
CA GLY B 60 -25.93 6.40 42.82
C GLY B 60 -25.98 6.09 44.30
N LEU B 61 -25.01 6.67 45.01
CA LEU B 61 -24.91 6.53 46.46
C LEU B 61 -24.95 7.89 47.12
N SER B 62 -25.52 7.92 48.32
CA SER B 62 -25.38 9.05 49.22
C SER B 62 -24.48 8.64 50.37
N VAL B 63 -23.35 9.34 50.52
CA VAL B 63 -22.40 9.09 51.59
C VAL B 63 -22.37 10.34 52.46
N GLN B 64 -22.65 10.18 53.74
CA GLN B 64 -22.64 11.32 54.65
C GLN B 64 -21.21 11.78 54.89
N LEU B 65 -20.99 13.09 54.79
CA LEU B 65 -19.75 13.72 55.22
C LEU B 65 -19.99 14.53 56.49
N ASP B 66 -18.94 14.65 57.30
CA ASP B 66 -19.02 15.44 58.50
C ASP B 66 -19.22 16.91 58.15
N GLY B 67 -19.85 17.64 59.07
CA GLY B 67 -20.41 18.92 58.72
C GLY B 67 -21.67 18.82 57.90
N GLY B 68 -22.31 17.65 57.89
CA GLY B 68 -23.58 17.46 57.24
C GLY B 68 -23.54 17.43 55.73
N GLY B 69 -22.35 17.38 55.13
CA GLY B 69 -22.26 17.31 53.70
C GLY B 69 -22.65 15.93 53.18
N GLN B 70 -22.85 15.86 51.88
CA GLN B 70 -23.05 14.59 51.20
C GLN B 70 -22.08 14.46 50.04
N ARG B 71 -21.68 13.21 49.81
CA ARG B 71 -20.90 12.80 48.65
C ARG B 71 -21.78 11.90 47.81
N TYR B 72 -21.69 12.04 46.49
CA TYR B 72 -22.46 11.22 45.58
C TYR B 72 -21.54 10.45 44.65
N PHE B 73 -22.04 9.30 44.20
CA PHE B 73 -21.34 8.41 43.28
C PHE B 73 -22.27 7.95 42.17
N HIS B 74 -23.04 8.87 41.60
CA HIS B 74 -23.94 8.52 40.52
C HIS B 74 -23.17 7.90 39.37
N GLY B 75 -23.84 7.00 38.66
CA GLY B 75 -23.21 6.28 37.57
C GLY B 75 -24.22 5.46 36.81
N ILE B 76 -23.71 4.63 35.91
CA ILE B 76 -24.54 3.78 35.06
C ILE B 76 -24.26 2.33 35.39
N VAL B 77 -25.33 1.57 35.62
CA VAL B 77 -25.28 0.14 35.87
C VAL B 77 -24.88 -0.62 34.62
N ALA B 78 -23.60 -0.97 34.49
CA ALA B 78 -23.11 -1.67 33.32
C ALA B 78 -23.21 -3.18 33.46
N ARG B 79 -22.92 -3.69 34.66
CA ARG B 79 -23.18 -5.07 35.01
C ARG B 79 -24.15 -5.13 36.17
N CYS B 80 -25.04 -6.11 36.13
CA CYS B 80 -25.87 -6.45 37.27
C CYS B 80 -25.62 -7.91 37.63
N SER B 81 -25.79 -8.24 38.91
CA SER B 81 -25.63 -9.62 39.34
C SER B 81 -26.31 -9.81 40.69
N GLN B 82 -26.68 -11.06 40.96
CA GLN B 82 -27.17 -11.47 42.26
C GLN B 82 -26.45 -12.73 42.69
N ASN B 83 -26.35 -12.93 44.00
CA ASN B 83 -25.56 -14.01 44.56
C ASN B 83 -26.26 -14.54 45.81
N ILE B 84 -25.98 -15.79 46.12
CA ILE B 84 -26.64 -16.50 47.21
C ILE B 84 -26.53 -15.69 48.49
N ASP B 85 -27.67 -15.48 49.15
CA ASP B 85 -27.72 -14.88 50.47
C ASP B 85 -29.05 -15.20 51.12
N THR B 86 -29.14 -14.91 52.41
CA THR B 86 -30.40 -15.04 53.14
C THR B 86 -31.51 -14.26 52.46
N GLY B 87 -32.75 -14.75 52.63
CA GLY B 87 -33.84 -14.28 51.81
C GLY B 87 -34.08 -12.79 51.93
N GLN B 88 -34.04 -12.27 53.16
CA GLN B 88 -34.17 -10.84 53.38
C GLN B 88 -33.01 -10.04 52.84
N PHE B 89 -31.92 -10.70 52.46
CA PHE B 89 -30.67 -10.02 52.14
C PHE B 89 -30.06 -10.60 50.87
N ALA B 90 -30.91 -10.94 49.91
CA ALA B 90 -30.43 -11.41 48.62
C ALA B 90 -29.40 -10.44 48.07
N SER B 91 -28.24 -10.97 47.70
CA SER B 91 -27.05 -10.18 47.51
C SER B 91 -26.84 -9.90 46.04
N TYR B 92 -26.54 -8.64 45.73
CA TYR B 92 -26.33 -8.16 44.38
C TYR B 92 -24.99 -7.46 44.30
N GLU B 93 -24.38 -7.50 43.13
CA GLU B 93 -23.00 -7.09 42.93
C GLU B 93 -22.92 -6.20 41.71
N VAL B 94 -23.80 -5.20 41.69
CA VAL B 94 -23.86 -4.26 40.60
C VAL B 94 -22.53 -3.53 40.41
N THR B 95 -22.13 -3.41 39.15
CA THR B 95 -21.02 -2.56 38.76
C THR B 95 -21.59 -1.27 38.19
N LEU B 96 -21.11 -0.14 38.69
CA LEU B 96 -21.39 1.14 38.08
C LEU B 96 -20.32 1.50 37.07
N ARG B 97 -20.75 2.08 35.96
CA ARG B 97 -19.86 2.67 34.97
C ARG B 97 -20.46 3.99 34.54
N PRO B 98 -19.68 4.86 33.92
CA PRO B 98 -20.24 6.11 33.39
C PRO B 98 -21.06 5.89 32.13
N TRP B 99 -21.94 6.86 31.87
CA TRP B 99 -22.66 6.91 30.61
C TRP B 99 -21.70 6.91 29.44
N LEU B 100 -20.57 7.62 29.60
CA LEU B 100 -19.50 7.58 28.62
C LEU B 100 -19.01 6.17 28.33
N TRP B 101 -19.18 5.24 29.25
CA TRP B 101 -18.81 3.86 28.99
C TRP B 101 -19.70 3.22 27.93
N LEU B 102 -20.95 3.67 27.83
CA LEU B 102 -21.82 3.14 26.78
C LEU B 102 -21.30 3.44 25.39
N LEU B 103 -20.46 4.45 25.24
CA LEU B 103 -19.83 4.70 23.96
C LEU B 103 -18.83 3.63 23.57
N SER B 104 -18.45 2.77 24.51
CA SER B 104 -17.73 1.55 24.16
C SER B 104 -18.66 0.45 23.69
N ARG B 105 -19.96 0.58 23.94
CA ARG B 105 -20.97 -0.33 23.44
C ARG B 105 -21.50 0.04 22.06
N THR B 106 -21.01 1.11 21.45
CA THR B 106 -21.38 1.45 20.09
C THR B 106 -20.11 1.70 19.28
N SER B 107 -20.17 1.30 18.01
CA SER B 107 -19.10 1.55 17.07
C SER B 107 -19.70 2.07 15.78
N ASP B 108 -18.86 2.72 14.98
CA ASP B 108 -19.24 3.12 13.64
C ASP B 108 -17.96 3.45 12.89
N CYS B 109 -18.13 3.87 11.64
CA CYS B 109 -17.14 4.70 10.97
C CYS B 109 -17.80 6.00 10.57
N ARG B 110 -17.17 7.12 10.92
CA ARG B 110 -17.72 8.42 10.62
C ARG B 110 -16.56 9.38 10.40
N ILE B 111 -16.75 10.33 9.49
CA ILE B 111 -15.74 11.32 9.17
C ILE B 111 -16.19 12.67 9.71
N PHE B 112 -15.28 13.35 10.39
CA PHE B 112 -15.51 14.69 10.91
C PHE B 112 -14.52 15.63 10.25
N GLN B 113 -15.01 16.78 9.79
CA GLN B 113 -14.20 17.66 8.97
C GLN B 113 -14.38 19.10 9.43
N ASN B 114 -13.27 19.84 9.42
CA ASN B 114 -13.25 21.23 9.86
C ASN B 114 -13.89 21.39 11.23
N LEU B 115 -13.48 20.55 12.17
CA LEU B 115 -13.98 20.59 13.52
C LEU B 115 -12.84 20.44 14.51
N SER B 116 -12.93 21.17 15.61
CA SER B 116 -12.01 20.96 16.72
C SER B 116 -12.47 19.77 17.56
N ILE B 117 -11.51 19.13 18.20
CA ILE B 117 -11.80 17.89 18.93
C ILE B 117 -12.85 18.11 20.00
N PRO B 118 -12.89 19.25 20.71
CA PRO B 118 -14.02 19.51 21.60
C PRO B 118 -15.35 19.53 20.89
N GLN B 119 -15.38 20.03 19.66
CA GLN B 119 -16.62 20.01 18.88
C GLN B 119 -16.93 18.61 18.39
N ILE B 120 -15.89 17.85 18.04
CA ILE B 120 -16.08 16.49 17.56
C ILE B 120 -16.71 15.63 18.65
N ILE B 121 -16.11 15.65 19.83
CA ILE B 121 -16.59 14.82 20.94
C ILE B 121 -18.03 15.13 21.27
N LYS B 122 -18.34 16.42 21.43
CA LYS B 122 -19.71 16.81 21.75
C LYS B 122 -20.69 16.38 20.68
N GLN B 123 -20.24 16.22 19.43
CA GLN B 123 -21.11 15.63 18.43
C GLN B 123 -21.39 14.17 18.75
N VAL B 124 -20.34 13.42 19.10
CA VAL B 124 -20.51 12.03 19.47
C VAL B 124 -21.47 11.92 20.65
N PHE B 125 -21.25 12.73 21.68
CA PHE B 125 -22.10 12.69 22.86
C PHE B 125 -23.53 13.07 22.51
N ARG B 126 -23.69 14.22 21.84
CA ARG B 126 -25.02 14.77 21.59
C ARG B 126 -25.83 13.89 20.66
N ASP B 127 -25.17 13.19 19.73
CA ASP B 127 -25.90 12.30 18.85
C ASP B 127 -26.45 11.08 19.59
N LEU B 128 -25.73 10.61 20.61
CA LEU B 128 -26.22 9.56 21.49
C LEU B 128 -27.05 10.08 22.65
N GLY B 129 -27.37 11.37 22.67
CA GLY B 129 -28.21 11.93 23.70
C GLY B 129 -27.50 12.17 25.01
N PHE B 130 -26.21 11.87 25.10
CA PHE B 130 -25.45 12.04 26.33
C PHE B 130 -25.16 13.54 26.47
N SER B 131 -26.11 14.24 27.08
CA SER B 131 -25.99 15.66 27.35
C SER B 131 -25.10 15.98 28.54
N ASP B 132 -24.79 14.99 29.37
CA ASP B 132 -24.26 15.25 30.71
C ASP B 132 -22.74 15.34 30.65
N PHE B 133 -22.30 16.37 29.93
CA PHE B 133 -20.90 16.72 29.78
C PHE B 133 -20.76 18.22 29.98
N GLU B 134 -19.52 18.64 30.21
CA GLU B 134 -19.26 20.01 30.62
C GLU B 134 -17.85 20.37 30.17
N ASP B 135 -17.62 21.67 30.00
CA ASP B 135 -16.40 22.17 29.38
C ASP B 135 -15.64 23.03 30.38
N ALA B 136 -14.39 22.64 30.65
CA ALA B 136 -13.45 23.46 31.40
C ALA B 136 -12.21 23.79 30.58
N LEU B 137 -12.22 23.47 29.29
CA LEU B 137 -11.04 23.63 28.46
C LEU B 137 -10.63 25.09 28.33
N SER B 138 -9.32 25.31 28.26
CA SER B 138 -8.74 26.64 28.27
C SER B 138 -7.99 26.97 26.99
N ARG B 139 -7.50 25.98 26.25
CA ARG B 139 -6.83 26.22 24.99
C ARG B 139 -7.85 26.38 23.86
N PRO B 140 -7.54 27.21 22.87
CA PRO B 140 -8.26 27.13 21.60
C PRO B 140 -7.66 26.05 20.72
N TYR B 141 -8.33 24.91 20.66
CA TYR B 141 -7.78 23.75 19.98
C TYR B 141 -7.81 23.90 18.47
N ARG B 142 -6.95 23.14 17.82
CA ARG B 142 -6.85 23.15 16.37
C ARG B 142 -8.13 22.63 15.75
N GLU B 143 -8.51 23.21 14.61
CA GLU B 143 -9.67 22.76 13.86
C GLU B 143 -9.18 21.71 12.88
N TRP B 144 -9.34 20.45 13.23
CA TRP B 144 -8.95 19.36 12.35
C TRP B 144 -9.69 19.48 11.03
N GLU B 145 -8.94 19.39 9.93
CA GLU B 145 -9.60 19.39 8.63
C GLU B 145 -10.39 18.11 8.42
N TYR B 146 -9.92 17.00 8.98
CA TYR B 146 -10.54 15.71 8.69
C TYR B 146 -10.15 14.72 9.77
N CYS B 147 -11.15 14.16 10.44
CA CYS B 147 -10.98 13.09 11.41
C CYS B 147 -11.86 11.93 11.02
N VAL B 148 -11.40 10.72 11.36
CA VAL B 148 -12.12 9.50 11.01
C VAL B 148 -12.21 8.62 12.25
N GLN B 149 -13.45 8.31 12.64
CA GLN B 149 -13.71 7.11 13.41
C GLN B 149 -13.70 5.92 12.46
N TYR B 150 -12.84 4.94 12.73
CA TYR B 150 -12.73 3.77 11.88
C TYR B 150 -12.43 2.56 12.76
N ARG B 151 -13.14 1.46 12.49
CA ARG B 151 -12.96 0.22 13.24
C ARG B 151 -12.70 0.52 14.71
N GLU B 152 -13.65 1.23 15.31
CA GLU B 152 -13.45 1.72 16.66
C GLU B 152 -14.80 2.02 17.30
N THR B 153 -14.81 1.97 18.63
CA THR B 153 -15.97 2.36 19.40
C THR B 153 -16.01 3.87 19.50
N SER B 154 -17.13 4.38 20.00
CA SER B 154 -17.23 5.81 20.20
C SER B 154 -16.44 6.28 21.42
N PHE B 155 -16.24 5.39 22.40
CA PHE B 155 -15.35 5.72 23.51
C PHE B 155 -13.89 5.63 23.11
N ASP B 156 -13.53 4.60 22.36
CA ASP B 156 -12.14 4.41 21.94
C ASP B 156 -11.69 5.56 21.05
N PHE B 157 -12.51 5.94 20.07
CA PHE B 157 -12.23 7.12 19.27
C PHE B 157 -12.12 8.36 20.14
N VAL B 158 -13.14 8.60 20.98
CA VAL B 158 -13.16 9.77 21.85
C VAL B 158 -11.88 9.86 22.68
N SER B 159 -11.47 8.75 23.29
CA SER B 159 -10.30 8.79 24.15
C SER B 159 -9.03 9.11 23.37
N ARG B 160 -8.86 8.50 22.20
CA ARG B 160 -7.69 8.79 21.39
C ARG B 160 -7.58 10.27 21.05
N LEU B 161 -8.68 10.90 20.68
CA LEU B 161 -8.65 12.32 20.31
C LEU B 161 -8.21 13.17 21.48
N MET B 162 -8.78 12.92 22.66
CA MET B 162 -8.36 13.66 23.85
C MET B 162 -6.90 13.41 24.19
N GLU B 163 -6.47 12.15 24.10
CA GLU B 163 -5.08 11.84 24.41
C GLU B 163 -4.11 12.52 23.45
N GLN B 164 -4.49 12.69 22.19
CA GLN B 164 -3.61 13.40 21.26
C GLN B 164 -3.49 14.86 21.66
N GLU B 165 -4.62 15.53 21.86
CA GLU B 165 -4.58 16.92 22.30
C GLU B 165 -4.10 17.02 23.73
N GLY B 166 -4.10 15.92 24.46
CA GLY B 166 -3.75 15.96 25.86
C GLY B 166 -4.88 16.46 26.72
N ILE B 167 -6.10 16.30 26.28
CA ILE B 167 -7.25 16.48 27.15
C ILE B 167 -7.39 15.26 28.05
N TYR B 168 -7.90 15.51 29.25
CA TYR B 168 -8.41 14.47 30.11
C TYR B 168 -9.79 14.86 30.59
N TYR B 169 -10.44 13.94 31.30
CA TYR B 169 -11.74 14.21 31.86
C TYR B 169 -11.82 13.63 33.26
N PHE B 170 -12.64 14.28 34.07
CA PHE B 170 -13.00 13.77 35.38
C PHE B 170 -14.47 14.10 35.61
N PHE B 171 -15.05 13.45 36.61
CA PHE B 171 -16.51 13.44 36.78
C PHE B 171 -16.92 14.29 37.97
N ARG B 172 -18.05 14.98 37.81
CA ARG B 172 -18.80 15.59 38.90
C ARG B 172 -20.05 14.75 39.13
N HIS B 173 -20.28 14.33 40.37
CA HIS B 173 -21.36 13.42 40.69
C HIS B 173 -22.43 14.16 41.49
N GLU B 174 -23.65 14.14 40.98
CA GLU B 174 -24.81 14.67 41.66
C GLU B 174 -25.64 13.52 42.23
N LYS B 175 -26.81 13.85 42.78
CA LYS B 175 -27.79 12.82 43.09
C LYS B 175 -28.09 11.97 41.88
N ASP B 176 -28.60 12.61 40.83
CA ASP B 176 -29.22 11.92 39.71
C ASP B 176 -28.51 12.23 38.39
N ARG B 177 -27.35 12.88 38.45
CA ARG B 177 -26.53 13.10 37.27
C ARG B 177 -25.07 12.95 37.64
N HIS B 178 -24.31 12.46 36.67
CA HIS B 178 -22.85 12.45 36.73
C HIS B 178 -22.35 13.00 35.42
N VAL B 179 -21.36 13.89 35.50
CA VAL B 179 -21.04 14.79 34.41
C VAL B 179 -19.60 14.57 34.02
N VAL B 180 -19.36 14.29 32.74
CA VAL B 180 -18.02 14.25 32.22
C VAL B 180 -17.55 15.68 32.08
N VAL B 181 -16.72 16.14 33.02
CA VAL B 181 -16.04 17.41 32.87
C VAL B 181 -14.80 17.21 32.03
N LEU B 182 -14.72 17.89 30.90
CA LEU B 182 -13.51 17.96 30.11
C LEU B 182 -12.54 18.95 30.74
N ALA B 183 -11.29 18.52 30.89
CA ALA B 183 -10.31 19.30 31.62
C ALA B 183 -8.98 19.23 30.91
N ASP B 184 -8.24 20.33 30.98
CA ASP B 184 -6.95 20.41 30.30
C ASP B 184 -5.95 21.24 31.09
N ALA B 185 -6.28 21.70 32.28
CA ALA B 185 -5.36 22.51 33.08
C ALA B 185 -5.71 22.36 34.55
N TYR B 186 -4.73 22.69 35.38
CA TYR B 186 -4.90 22.78 36.82
C TYR B 186 -6.18 23.52 37.19
N GLY B 187 -6.47 24.60 36.47
CA GLY B 187 -7.62 25.42 36.79
C GLY B 187 -8.95 24.71 36.66
N ALA B 188 -8.99 23.58 35.94
CA ALA B 188 -10.22 22.81 35.88
C ALA B 188 -10.48 22.06 37.18
N HIS B 189 -9.43 21.82 37.96
CA HIS B 189 -9.55 21.12 39.22
C HIS B 189 -10.10 22.06 40.29
N SER B 190 -10.56 21.47 41.39
CA SER B 190 -11.15 22.22 42.48
C SER B 190 -10.77 21.58 43.80
N SER B 191 -10.83 22.39 44.85
CA SER B 191 -10.52 21.95 46.20
C SER B 191 -11.82 21.68 46.95
N VAL B 192 -11.96 20.45 47.45
CA VAL B 192 -13.21 20.03 48.08
C VAL B 192 -13.35 20.69 49.45
N PRO B 193 -14.46 21.36 49.73
CA PRO B 193 -14.64 22.03 51.03
C PRO B 193 -14.34 21.12 52.21
N GLY B 194 -13.50 21.63 53.13
CA GLY B 194 -13.10 20.89 54.31
C GLY B 194 -12.00 19.87 54.07
N TYR B 195 -11.73 19.52 52.83
CA TYR B 195 -10.62 18.64 52.48
C TYR B 195 -9.54 19.37 51.70
N ALA B 196 -9.53 20.70 51.75
CA ALA B 196 -8.45 21.46 51.15
C ALA B 196 -7.12 21.12 51.80
N SER B 197 -7.14 20.72 53.06
CA SER B 197 -6.05 19.99 53.69
C SER B 197 -6.58 18.69 54.26
N VAL B 198 -5.77 17.64 54.15
CA VAL B 198 -5.99 16.39 54.85
C VAL B 198 -4.80 16.14 55.76
N PRO B 199 -4.99 15.94 57.06
CA PRO B 199 -3.87 15.59 57.91
C PRO B 199 -3.41 14.17 57.65
N TYR B 200 -2.14 13.93 57.91
CA TYR B 200 -1.61 12.57 58.01
C TYR B 200 -1.54 12.19 59.47
N TYR B 201 -2.09 11.03 59.80
CA TYR B 201 -1.96 10.46 61.12
C TYR B 201 -1.96 8.94 60.99
N PRO B 202 -0.89 8.27 61.37
CA PRO B 202 -0.76 6.85 61.05
C PRO B 202 -1.74 6.00 61.84
N ARG B 203 -1.93 4.77 61.34
CA ARG B 203 -2.72 3.79 62.08
C ARG B 203 -2.11 3.46 63.42
N ASP B 204 -0.83 3.78 63.62
CA ASP B 204 -0.20 3.59 64.92
C ASP B 204 -0.58 4.67 65.93
N GLU B 205 -1.25 5.73 65.49
CA GLU B 205 -1.94 6.59 66.43
C GLU B 205 -3.24 5.95 66.90
N GLN B 206 -3.74 6.45 68.03
CA GLN B 206 -5.10 6.14 68.45
C GLN B 206 -6.09 6.70 67.44
N GLN B 207 -7.19 5.97 67.25
CA GLN B 207 -8.08 6.25 66.12
C GLN B 207 -8.54 7.69 66.17
N ARG B 208 -8.10 8.46 65.18
CA ARG B 208 -8.23 9.90 65.16
C ARG B 208 -9.62 10.31 64.73
N GLU B 209 -10.04 11.50 65.18
CA GLU B 209 -11.44 11.90 65.10
C GLU B 209 -11.87 12.32 63.70
N ARG B 210 -10.95 12.78 62.86
CA ARG B 210 -11.33 13.34 61.57
C ARG B 210 -11.00 12.35 60.46
N ASP B 211 -10.85 12.87 59.23
CA ASP B 211 -10.43 12.08 58.09
C ASP B 211 -8.95 12.32 57.86
N HIS B 212 -8.22 11.23 57.62
CA HIS B 212 -6.78 11.34 57.53
C HIS B 212 -6.22 10.34 56.54
N MET B 213 -5.06 10.68 55.99
CA MET B 213 -4.29 9.74 55.20
C MET B 213 -3.56 8.85 56.19
N PHE B 214 -3.86 7.56 56.18
CA PHE B 214 -3.24 6.63 57.11
C PHE B 214 -1.95 6.03 56.60
N ASP B 215 -1.70 6.04 55.29
CA ASP B 215 -0.49 5.47 54.74
C ASP B 215 -0.06 6.29 53.53
N TRP B 216 1.21 6.13 53.18
CA TRP B 216 1.80 6.94 52.13
C TRP B 216 2.95 6.18 51.50
N HIS B 217 3.11 6.29 50.18
CA HIS B 217 4.31 5.78 49.50
C HIS B 217 4.63 6.69 48.32
N LEU B 218 5.57 7.60 48.51
CA LEU B 218 6.16 8.33 47.40
C LEU B 218 6.87 7.37 46.44
N ALA B 219 6.71 7.63 45.14
CA ALA B 219 7.41 6.91 44.10
C ALA B 219 7.89 7.86 43.02
N GLN B 220 9.05 7.54 42.44
CA GLN B 220 9.58 8.31 41.33
C GLN B 220 10.18 7.37 40.30
N GLU B 221 10.24 7.83 39.06
CA GLU B 221 10.70 7.04 37.93
C GLU B 221 11.55 7.89 37.01
N VAL B 222 12.53 7.24 36.39
CA VAL B 222 13.23 7.82 35.24
C VAL B 222 12.26 7.96 34.08
N GLN B 223 12.11 9.18 33.58
CA GLN B 223 11.22 9.44 32.45
C GLN B 223 11.89 10.36 31.45
N PRO B 224 11.56 10.24 30.16
CA PRO B 224 12.33 10.91 29.11
C PRO B 224 12.27 12.42 29.21
N GLY B 225 13.45 13.06 29.10
CA GLY B 225 13.55 14.49 29.31
C GLY B 225 13.06 15.34 28.17
N SER B 226 12.88 14.77 26.98
CA SER B 226 12.45 15.55 25.84
C SER B 226 11.81 14.63 24.80
N LEU B 227 10.96 15.23 23.97
CA LEU B 227 10.43 14.60 22.78
C LEU B 227 10.55 15.55 21.60
N GLU B 228 10.99 15.02 20.47
CA GLU B 228 10.99 15.75 19.20
C GLU B 228 10.02 15.07 18.22
N LEU B 229 9.20 15.88 17.56
CA LEU B 229 8.21 15.40 16.61
C LEU B 229 8.44 16.00 15.24
N ASN B 230 8.22 15.19 14.21
CA ASN B 230 8.21 15.64 12.83
C ASN B 230 6.92 15.21 12.16
N ASP B 231 6.46 16.01 11.22
CA ASP B 231 5.57 15.54 10.17
C ASP B 231 5.94 16.20 8.85
N TYR B 232 5.62 15.52 7.76
CA TYR B 232 5.69 16.11 6.44
C TYR B 232 4.51 17.04 6.20
N ASP B 233 4.67 17.91 5.21
CA ASP B 233 3.57 18.72 4.70
C ASP B 233 3.82 18.93 3.21
N PHE B 234 3.02 18.27 2.37
CA PHE B 234 3.19 18.42 0.94
C PHE B 234 2.94 19.84 0.47
N GLN B 235 2.27 20.67 1.27
CA GLN B 235 2.17 22.08 0.98
C GLN B 235 3.37 22.88 1.50
N ARG B 236 4.21 22.27 2.36
CA ARG B 236 5.42 22.93 2.84
C ARG B 236 6.55 21.90 2.92
N PRO B 237 6.87 21.26 1.79
CA PRO B 237 7.79 20.12 1.85
C PRO B 237 9.20 20.51 2.20
N SER B 238 9.57 21.77 2.00
CA SER B 238 10.87 22.26 2.45
C SER B 238 10.89 22.63 3.93
N ALA B 239 9.71 22.86 4.51
CA ALA B 239 9.63 23.49 5.81
C ALA B 239 10.04 22.53 6.92
N ARG B 240 10.84 23.02 7.86
CA ARG B 240 11.26 22.27 9.03
C ARG B 240 10.10 22.20 10.02
N ILE B 241 9.13 21.34 9.71
CA ILE B 241 7.98 21.16 10.59
C ILE B 241 8.43 20.58 11.92
N ASP B 242 9.60 19.97 11.97
CA ASP B 242 10.20 19.49 13.21
C ASP B 242 9.94 20.46 14.36
N VAL B 243 9.44 19.92 15.46
CA VAL B 243 9.25 20.66 16.70
C VAL B 243 9.60 19.75 17.85
N ARG B 244 10.29 20.29 18.83
CA ARG B 244 10.74 19.54 19.99
C ARG B 244 10.25 20.22 21.25
N SER B 245 9.74 19.42 22.16
CA SER B 245 9.35 19.86 23.49
C SER B 245 10.26 19.17 24.50
N ALA B 246 10.59 19.89 25.57
CA ALA B 246 11.57 19.41 26.53
C ALA B 246 11.15 19.79 27.93
N MET B 247 11.24 18.81 28.84
CA MET B 247 11.11 19.04 30.27
C MET B 247 12.13 18.14 30.96
N PRO B 248 13.41 18.45 30.81
CA PRO B 248 14.44 17.61 31.42
C PRO B 248 14.42 17.68 32.93
N ARG B 249 14.64 16.57 33.56
CA ARG B 249 14.60 16.50 35.00
C ARG B 249 15.96 16.87 35.59
N PRO B 250 16.01 17.29 36.85
CA PRO B 250 17.30 17.58 37.47
C PRO B 250 18.14 16.34 37.68
N HIS B 251 17.52 15.17 37.82
CA HIS B 251 18.27 13.97 38.13
C HIS B 251 19.04 13.46 36.93
N SER B 252 20.03 12.63 37.20
CA SER B 252 20.76 11.94 36.15
C SER B 252 19.81 11.13 35.28
N ALA B 253 20.21 10.93 34.03
CA ALA B 253 19.39 10.28 33.02
C ALA B 253 18.06 10.98 32.80
N GLY B 254 17.96 12.22 33.25
CA GLY B 254 16.75 13.00 33.09
C GLY B 254 16.61 13.69 31.75
N ASP B 255 17.44 13.31 30.78
CA ASP B 255 17.54 14.04 29.52
C ASP B 255 17.48 13.13 28.31
N TYR B 256 17.21 11.85 28.50
CA TYR B 256 17.11 10.97 27.35
C TYR B 256 15.97 11.43 26.46
N PRO B 257 16.24 11.79 25.20
CA PRO B 257 15.19 12.30 24.34
C PRO B 257 14.46 11.23 23.57
N LEU B 258 13.17 11.43 23.41
CA LEU B 258 12.37 10.65 22.48
C LEU B 258 12.24 11.39 21.17
N TYR B 259 12.01 10.63 20.11
CA TYR B 259 11.64 11.19 18.83
C TYR B 259 10.59 10.29 18.20
N ASP B 260 9.62 10.90 17.55
CA ASP B 260 8.61 10.16 16.82
C ASP B 260 8.31 10.92 15.53
N TYR B 261 7.84 10.19 14.54
CA TYR B 261 7.49 10.83 13.28
C TYR B 261 6.07 11.39 13.37
N PRO B 262 5.09 10.86 12.64
CA PRO B 262 4.01 11.75 12.23
C PRO B 262 3.00 12.05 13.32
N GLY B 263 3.22 13.16 14.02
CA GLY B 263 2.12 13.76 14.75
C GLY B 263 1.18 14.39 13.74
N THR B 264 -0.11 14.08 13.84
CA THR B 264 -1.02 14.46 12.78
C THR B 264 -0.97 15.95 12.49
N TYR B 265 -0.49 16.75 13.44
CA TYR B 265 -0.28 18.17 13.26
C TYR B 265 0.37 18.47 11.92
N VAL B 266 0.11 19.66 11.37
CA VAL B 266 0.76 20.10 10.15
C VAL B 266 1.36 21.47 10.41
N GLN B 267 0.59 22.34 11.05
CA GLN B 267 1.11 23.59 11.59
C GLN B 267 1.98 23.27 12.79
N SER B 268 3.24 23.74 12.76
CA SER B 268 4.21 23.37 13.78
C SER B 268 3.75 23.75 15.18
N SER B 269 3.07 24.89 15.31
CA SER B 269 2.64 25.33 16.63
C SER B 269 1.53 24.48 17.22
N ASP B 270 0.87 23.66 16.41
CA ASP B 270 0.01 22.62 16.96
C ASP B 270 0.81 21.43 17.47
N GLY B 271 1.79 21.00 16.70
CA GLY B 271 2.61 19.87 17.10
C GLY B 271 3.35 20.09 18.40
N GLU B 272 3.73 21.35 18.68
CA GLU B 272 4.36 21.67 19.96
C GLU B 272 3.60 21.09 21.14
N HIS B 273 2.28 21.31 21.18
CA HIS B 273 1.51 20.83 22.31
C HIS B 273 1.29 19.33 22.28
N TYR B 274 1.33 18.71 21.11
CA TYR B 274 1.31 17.25 21.07
C TYR B 274 2.54 16.68 21.75
N ALA B 275 3.69 17.32 21.55
CA ALA B 275 4.89 16.94 22.28
C ALA B 275 4.75 17.27 23.77
N GLN B 276 4.33 18.49 24.08
CA GLN B 276 4.23 18.90 25.48
C GLN B 276 3.40 17.91 26.27
N THR B 277 2.25 17.53 25.73
CA THR B 277 1.38 16.59 26.41
C THR B 277 2.01 15.22 26.52
N ARG B 278 2.65 14.75 25.46
CA ARG B 278 3.27 13.43 25.48
C ARG B 278 4.41 13.37 26.48
N ILE B 279 5.09 14.49 26.73
CA ILE B 279 6.10 14.51 27.78
C ILE B 279 5.46 14.70 29.14
N GLU B 280 4.57 15.67 29.27
CA GLU B 280 3.93 15.92 30.55
C GLU B 280 3.24 14.68 31.09
N ALA B 281 2.70 13.85 30.19
CA ALA B 281 2.11 12.60 30.64
C ALA B 281 3.16 11.70 31.26
N LEU B 282 4.36 11.68 30.69
CA LEU B 282 5.44 10.89 31.27
C LEU B 282 6.09 11.60 32.45
N GLN B 283 6.18 12.93 32.40
CA GLN B 283 6.58 13.69 33.59
C GLN B 283 5.61 13.45 34.73
N SER B 284 4.34 13.20 34.42
CA SER B 284 3.38 12.84 35.46
C SER B 284 3.74 11.53 36.14
N LEU B 285 4.58 10.72 35.51
CA LEU B 285 5.08 9.50 36.12
C LEU B 285 6.39 9.72 36.87
N HIS B 286 7.08 10.81 36.60
CA HIS B 286 8.35 11.06 37.25
C HIS B 286 8.18 11.12 38.75
N GLU B 287 7.08 11.69 39.22
CA GLU B 287 6.72 11.64 40.62
C GLU B 287 5.24 11.31 40.74
N ARG B 288 4.93 10.38 41.63
CA ARG B 288 3.57 10.19 42.10
C ARG B 288 3.63 9.78 43.56
N ILE B 289 2.53 10.03 44.27
CA ILE B 289 2.43 9.81 45.70
C ILE B 289 1.23 8.92 45.97
N GLU B 290 1.49 7.66 46.30
CA GLU B 290 0.44 6.83 46.87
C GLU B 290 0.00 7.39 48.20
N LEU B 291 -1.30 7.34 48.46
CA LEU B 291 -1.84 7.52 49.79
C LEU B 291 -2.93 6.50 50.04
N SER B 292 -3.29 6.34 51.31
CA SER B 292 -4.53 5.72 51.67
C SER B 292 -5.09 6.40 52.91
N GLY B 293 -6.40 6.38 53.05
CA GLY B 293 -7.02 7.04 54.17
C GLY B 293 -8.49 7.28 53.94
N ASN B 294 -9.05 8.09 54.83
CA ASN B 294 -10.49 8.24 55.01
C ASN B 294 -11.03 9.49 54.33
N ALA B 295 -10.33 9.99 53.31
CA ALA B 295 -10.70 11.27 52.72
C ALA B 295 -11.99 11.14 51.94
N ARG B 296 -13.09 10.98 52.67
CA ARG B 296 -14.39 10.74 52.04
C ARG B 296 -14.72 11.84 51.04
N GLY B 297 -14.36 13.07 51.35
CA GLY B 297 -14.72 14.19 50.48
C GLY B 297 -13.93 14.25 49.19
N LEU B 298 -12.70 13.76 49.21
CA LEU B 298 -11.82 13.91 48.06
C LEU B 298 -12.12 12.87 46.99
N GLY B 299 -11.96 13.30 45.75
CA GLY B 299 -12.21 12.46 44.60
C GLY B 299 -11.18 12.73 43.53
N VAL B 300 -11.24 11.93 42.46
CA VAL B 300 -10.28 12.09 41.38
C VAL B 300 -10.41 13.48 40.79
N GLY B 301 -9.26 14.09 40.51
CA GLY B 301 -9.21 15.44 40.00
C GLY B 301 -9.47 16.52 41.03
N ASN B 302 -9.71 16.15 42.29
CA ASN B 302 -9.72 17.13 43.36
C ASN B 302 -8.29 17.55 43.72
N LEU B 303 -8.19 18.70 44.36
CA LEU B 303 -6.96 19.15 44.99
C LEU B 303 -7.04 19.04 46.50
N PHE B 304 -5.89 18.86 47.14
CA PHE B 304 -5.84 18.90 48.60
C PHE B 304 -4.41 19.01 49.12
N SER B 305 -4.19 19.99 49.98
CA SER B 305 -2.91 20.10 50.69
C SER B 305 -2.74 18.93 51.66
N LEU B 306 -1.48 18.60 51.93
CA LEU B 306 -1.13 17.65 52.97
C LEU B 306 -0.62 18.38 54.20
N THR B 307 -0.95 17.85 55.38
CA THR B 307 -0.49 18.41 56.63
C THR B 307 -0.05 17.30 57.56
N GLY B 308 0.84 17.66 58.48
CA GLY B 308 1.33 16.76 59.50
C GLY B 308 2.24 15.66 59.02
N PHE B 309 2.66 15.69 57.76
CA PHE B 309 3.67 14.75 57.30
C PHE B 309 5.04 15.12 57.83
N SER B 310 5.86 14.10 58.06
CA SER B 310 7.18 14.33 58.63
C SER B 310 8.12 14.97 57.63
N ARG B 311 8.29 14.35 56.46
CA ARG B 311 9.12 14.93 55.40
C ARG B 311 8.43 16.16 54.84
N GLN B 312 9.01 17.33 55.11
CA GLN B 312 8.33 18.58 54.84
C GLN B 312 8.24 18.90 53.35
N ASP B 313 9.03 18.22 52.51
CA ASP B 313 8.82 18.30 51.08
C ASP B 313 7.41 17.86 50.69
N GLN B 314 6.75 17.05 51.51
CA GLN B 314 5.48 16.45 51.15
C GLN B 314 4.30 17.30 51.57
N ASN B 315 4.51 18.32 52.38
CA ASN B 315 3.43 19.23 52.75
C ASN B 315 3.07 20.09 51.57
N ARG B 316 2.40 19.50 50.58
CA ARG B 316 2.16 20.12 49.29
C ARG B 316 0.70 20.02 48.90
N GLU B 317 0.33 20.85 47.92
CA GLU B 317 -0.92 20.64 47.21
C GLU B 317 -0.76 19.48 46.22
N TYR B 318 -1.73 18.59 46.22
CA TYR B 318 -1.68 17.37 45.43
C TYR B 318 -2.90 17.27 44.53
N LEU B 319 -2.68 16.67 43.36
CA LEU B 319 -3.73 16.33 42.42
C LEU B 319 -3.99 14.84 42.46
N ILE B 320 -5.21 14.46 42.78
CA ILE B 320 -5.58 13.05 42.83
C ILE B 320 -5.76 12.57 41.40
N VAL B 321 -4.75 11.90 40.87
CA VAL B 321 -4.82 11.35 39.52
C VAL B 321 -5.70 10.11 39.49
N SER B 322 -5.67 9.32 40.56
CA SER B 322 -6.48 8.11 40.62
C SER B 322 -6.84 7.81 42.06
N ILE B 323 -7.96 7.12 42.22
CA ILE B 323 -8.43 6.65 43.52
C ILE B 323 -8.94 5.24 43.38
N ARG B 324 -8.71 4.43 44.41
CA ARG B 324 -9.52 3.28 44.71
C ARG B 324 -10.30 3.55 45.99
N TYR B 325 -11.54 3.10 46.02
CA TYR B 325 -12.40 3.28 47.18
C TYR B 325 -12.77 1.92 47.75
N TYR B 326 -12.91 1.88 49.07
CA TYR B 326 -13.62 0.80 49.73
C TYR B 326 -14.58 1.41 50.74
N LEU B 327 -15.81 0.90 50.75
CA LEU B 327 -16.69 1.02 51.91
C LEU B 327 -17.09 -0.36 52.37
N VAL B 328 -17.17 -0.52 53.69
CA VAL B 328 -17.92 -1.60 54.31
C VAL B 328 -18.87 -0.95 55.30
N GLN B 329 -20.02 -1.56 55.50
CA GLN B 329 -21.13 -0.87 56.14
C GLN B 329 -21.90 -1.83 57.04
N GLU B 330 -22.60 -1.23 58.00
CA GLU B 330 -23.40 -1.95 58.98
C GLU B 330 -24.84 -1.46 58.95
N SER B 331 -25.77 -2.36 59.23
CA SER B 331 -27.16 -1.98 59.45
C SER B 331 -27.85 -2.99 60.36
N ALA B 341 -20.12 2.89 59.64
CA ALA B 341 -19.43 2.67 58.38
C ALA B 341 -17.93 2.69 58.56
N GLN B 342 -17.24 1.90 57.75
CA GLN B 342 -15.80 2.03 57.55
C GLN B 342 -15.55 2.45 56.11
N PHE B 343 -14.94 3.61 55.93
CA PHE B 343 -14.57 4.13 54.63
C PHE B 343 -13.07 4.05 54.48
N GLU B 344 -12.62 3.55 53.33
CA GLU B 344 -11.22 3.59 52.98
C GLU B 344 -11.07 4.03 51.54
N SER B 345 -9.97 4.72 51.27
CA SER B 345 -9.56 5.03 49.91
C SER B 345 -8.06 4.76 49.78
N HIS B 346 -7.68 4.29 48.59
CA HIS B 346 -6.29 4.21 48.18
C HIS B 346 -6.15 5.01 46.91
N LEU B 347 -5.13 5.86 46.83
CA LEU B 347 -5.08 6.84 45.76
C LEU B 347 -3.65 7.13 45.39
N THR B 348 -3.47 7.65 44.18
CA THR B 348 -2.20 8.15 43.70
C THR B 348 -2.34 9.63 43.39
N CYS B 349 -1.60 10.45 44.10
CA CYS B 349 -1.48 11.85 43.76
C CYS B 349 -0.32 12.09 42.79
N ILE B 350 -0.32 13.27 42.19
CA ILE B 350 0.90 13.92 41.72
C ILE B 350 0.94 15.32 42.32
N ASP B 351 2.13 15.90 42.33
CA ASP B 351 2.28 17.27 42.76
C ASP B 351 1.48 18.18 41.82
N ALA B 352 0.58 18.96 42.41
CA ALA B 352 -0.33 19.77 41.61
C ALA B 352 0.39 20.79 40.76
N GLN B 353 1.65 21.09 41.08
CA GLN B 353 2.42 22.03 40.28
C GLN B 353 2.87 21.45 38.94
N GLN B 354 2.79 20.13 38.80
CA GLN B 354 3.03 19.46 37.53
C GLN B 354 1.70 19.14 36.88
N SER B 355 1.51 19.58 35.64
CA SER B 355 0.27 19.31 34.95
C SER B 355 0.13 17.83 34.69
N PHE B 356 -1.01 17.26 35.05
CA PHE B 356 -1.35 15.94 34.58
C PHE B 356 -1.57 15.93 33.07
N ARG B 357 -1.39 14.76 32.49
CA ARG B 357 -1.67 14.56 31.09
C ARG B 357 -1.81 13.06 30.84
N PRO B 358 -2.87 12.61 30.19
CA PRO B 358 -3.08 11.16 30.08
C PRO B 358 -2.12 10.53 29.09
N LEU B 359 -1.76 9.28 29.38
CA LEU B 359 -0.93 8.50 28.51
C LEU B 359 -1.66 8.16 27.22
N ALA B 360 -0.89 7.74 26.21
CA ALA B 360 -1.47 7.09 25.06
C ALA B 360 -1.94 5.69 25.40
N THR B 361 -2.94 5.59 26.28
CA THR B 361 -3.49 4.29 26.62
C THR B 361 -4.30 3.74 25.47
N THR B 362 -4.96 4.63 24.73
CA THR B 362 -6.00 4.28 23.77
C THR B 362 -5.34 4.02 22.42
N HIS B 363 -5.05 2.76 22.15
CA HIS B 363 -4.32 2.40 20.95
C HIS B 363 -5.10 2.76 19.69
N LYS B 364 -4.45 3.49 18.80
CA LYS B 364 -5.12 3.97 17.61
C LYS B 364 -5.45 2.81 16.68
N PRO B 365 -6.56 2.88 15.97
CA PRO B 365 -6.76 1.97 14.84
C PRO B 365 -5.83 2.38 13.71
N MET B 366 -5.23 1.39 13.07
CA MET B 366 -4.47 1.61 11.85
C MET B 366 -5.06 0.75 10.76
N VAL B 367 -5.30 1.36 9.60
CA VAL B 367 -5.71 0.59 8.42
C VAL B 367 -4.50 -0.18 7.91
N GLN B 368 -4.48 -1.48 8.14
CA GLN B 368 -3.33 -2.30 7.80
C GLN B 368 -3.21 -2.55 6.32
N GLY B 369 -3.97 -1.83 5.50
CA GLY B 369 -3.82 -1.89 4.07
C GLY B 369 -4.75 -0.95 3.35
N PRO B 370 -4.72 -0.98 2.02
CA PRO B 370 -5.43 0.03 1.24
C PRO B 370 -6.95 -0.12 1.35
N GLN B 371 -7.64 0.87 0.79
CA GLN B 371 -9.08 0.86 0.64
C GLN B 371 -9.45 1.14 -0.81
N THR B 372 -10.60 0.61 -1.21
CA THR B 372 -11.30 1.09 -2.39
C THR B 372 -12.27 2.20 -2.03
N ALA B 373 -12.59 3.04 -3.01
CA ALA B 373 -13.49 4.15 -2.74
C ALA B 373 -13.93 4.79 -4.04
N ARG B 374 -15.20 5.16 -4.10
CA ARG B 374 -15.69 5.92 -5.23
C ARG B 374 -15.10 7.31 -5.19
N VAL B 375 -14.86 7.85 -6.34
CA VAL B 375 -14.51 9.26 -6.44
C VAL B 375 -15.83 10.02 -6.53
N VAL B 376 -15.86 11.23 -5.98
CA VAL B 376 -17.07 12.02 -5.98
C VAL B 376 -16.75 13.50 -6.13
N GLY B 377 -17.78 14.26 -6.49
CA GLY B 377 -17.69 15.68 -6.61
C GLY B 377 -19.07 16.28 -6.74
N PRO B 378 -19.14 17.56 -7.05
CA PRO B 378 -20.44 18.22 -7.14
C PRO B 378 -21.32 17.56 -8.19
N ALA B 379 -22.62 17.68 -8.00
CA ALA B 379 -23.57 16.84 -8.72
C ALA B 379 -23.47 16.99 -10.23
N GLY B 380 -23.15 18.19 -10.72
CA GLY B 380 -23.06 18.39 -12.15
C GLY B 380 -21.66 18.28 -12.72
N GLU B 381 -20.66 18.24 -11.85
CA GLU B 381 -19.29 18.17 -12.31
C GLU B 381 -18.93 16.76 -12.72
N GLU B 382 -17.81 16.66 -13.45
CA GLU B 382 -17.21 15.39 -13.81
C GLU B 382 -15.88 15.18 -13.13
N ILE B 383 -15.13 16.25 -12.89
CA ILE B 383 -13.91 16.22 -12.11
C ILE B 383 -13.97 17.32 -11.08
N TRP B 384 -13.52 17.02 -9.87
CA TRP B 384 -13.41 18.01 -8.80
C TRP B 384 -12.05 17.87 -8.15
N THR B 385 -11.21 18.91 -8.31
CA THR B 385 -9.81 18.82 -7.95
C THR B 385 -9.25 20.21 -7.71
N ASP B 386 -8.03 20.26 -7.19
CA ASP B 386 -7.39 21.49 -6.77
C ASP B 386 -5.99 21.57 -7.37
N GLN B 387 -5.30 22.68 -7.06
CA GLN B 387 -4.02 22.99 -7.67
C GLN B 387 -2.94 21.96 -7.39
N TYR B 388 -3.17 20.98 -6.52
CA TYR B 388 -2.24 19.88 -6.32
C TYR B 388 -2.78 18.57 -6.85
N GLY B 389 -3.95 18.57 -7.46
CA GLY B 389 -4.52 17.34 -7.97
C GLY B 389 -5.16 16.48 -6.91
N ARG B 390 -5.61 17.09 -5.82
CA ARG B 390 -6.35 16.35 -4.81
C ARG B 390 -7.77 16.13 -5.28
N VAL B 391 -8.45 15.17 -4.66
CA VAL B 391 -9.84 14.88 -4.98
C VAL B 391 -10.63 14.59 -3.71
N LYS B 392 -11.94 14.71 -3.82
CA LYS B 392 -12.87 14.27 -2.80
C LYS B 392 -13.27 12.83 -3.07
N VAL B 393 -13.59 12.10 -2.01
CA VAL B 393 -13.79 10.66 -2.08
C VAL B 393 -14.97 10.28 -1.20
N HIS B 394 -15.71 9.28 -1.65
CA HIS B 394 -16.69 8.59 -0.82
C HIS B 394 -16.16 7.20 -0.51
N PHE B 395 -15.84 6.97 0.75
CA PHE B 395 -15.45 5.65 1.20
C PHE B 395 -16.66 4.73 1.27
N HIS B 396 -16.45 3.47 0.91
CA HIS B 396 -17.54 2.51 0.89
C HIS B 396 -18.05 2.22 2.30
N TRP B 397 -17.26 2.50 3.32
CA TRP B 397 -17.71 2.34 4.70
C TRP B 397 -18.40 3.56 5.27
N ASP B 398 -18.36 4.70 4.58
CA ASP B 398 -19.02 5.89 5.10
C ASP B 398 -20.53 5.76 4.89
N ARG B 399 -21.26 5.81 5.99
CA ARG B 399 -22.72 5.71 5.97
C ARG B 399 -23.39 7.07 5.86
N HIS B 400 -22.71 8.12 6.32
CA HIS B 400 -23.35 9.31 6.83
C HIS B 400 -23.39 10.46 5.83
N ASP B 401 -22.50 10.46 4.84
CA ASP B 401 -22.33 11.61 3.97
C ASP B 401 -22.69 11.25 2.54
N GLN B 402 -23.19 12.25 1.83
CA GLN B 402 -24.05 12.07 0.66
C GLN B 402 -23.28 11.75 -0.60
N SER B 403 -22.04 11.27 -0.49
CA SER B 403 -21.24 10.96 -1.67
C SER B 403 -21.11 12.19 -2.55
N ASN B 404 -20.59 13.27 -1.95
CA ASN B 404 -20.38 14.52 -2.67
C ASN B 404 -19.08 15.15 -2.18
N GLU B 405 -18.87 16.41 -2.54
CA GLU B 405 -17.62 17.12 -2.26
C GLU B 405 -17.35 17.29 -0.77
N ASN B 406 -18.32 17.00 0.09
CA ASN B 406 -18.12 17.10 1.53
C ASN B 406 -17.67 15.79 2.16
N SER B 407 -17.58 14.73 1.38
CA SER B 407 -17.40 13.39 1.92
C SER B 407 -15.94 13.02 2.17
N SER B 408 -14.99 13.94 1.94
CA SER B 408 -13.63 13.63 2.37
C SER B 408 -12.77 14.89 2.40
N CYS B 409 -11.65 14.76 3.09
CA CYS B 409 -10.47 15.60 2.85
C CYS B 409 -10.16 15.66 1.37
N TRP B 410 -9.50 16.74 0.96
CA TRP B 410 -8.82 16.75 -0.32
C TRP B 410 -7.71 15.71 -0.32
N ILE B 411 -7.86 14.66 -1.14
CA ILE B 411 -6.96 13.52 -1.12
C ILE B 411 -6.03 13.61 -2.32
N ARG B 412 -4.73 13.59 -2.04
CA ARG B 412 -3.74 13.58 -3.11
C ARG B 412 -3.85 12.29 -3.91
N VAL B 413 -3.56 12.39 -5.20
CA VAL B 413 -3.54 11.26 -6.12
C VAL B 413 -2.12 11.03 -6.56
N SER B 414 -1.66 9.78 -6.44
CA SER B 414 -0.38 9.40 -7.01
C SER B 414 -0.46 9.38 -8.52
N GLN B 415 0.66 9.70 -9.15
CA GLN B 415 0.79 9.70 -10.59
C GLN B 415 2.02 8.91 -10.98
N ALA B 416 1.97 8.27 -12.14
CA ALA B 416 3.05 7.38 -12.54
C ALA B 416 4.37 8.11 -12.67
N TRP B 417 4.34 9.42 -12.85
CA TRP B 417 5.53 10.24 -12.85
C TRP B 417 5.12 11.64 -12.40
N ALA B 418 6.02 12.34 -11.70
CA ALA B 418 5.65 13.65 -11.18
C ALA B 418 6.88 14.44 -10.78
N GLY B 419 6.97 15.67 -11.27
CA GLY B 419 8.12 16.51 -11.02
C GLY B 419 7.76 17.98 -10.96
N LYS B 420 8.74 18.85 -11.18
CA LYS B 420 8.55 20.29 -11.06
C LYS B 420 7.73 20.78 -12.24
N ASN B 421 6.43 20.94 -12.02
CA ASN B 421 5.44 21.06 -13.09
C ASN B 421 5.38 19.77 -13.88
N TRP B 422 6.47 19.41 -14.54
CA TRP B 422 6.42 18.32 -15.49
C TRP B 422 6.08 17.00 -14.81
N GLY B 423 5.57 16.08 -15.64
CA GLY B 423 5.22 14.76 -15.20
C GLY B 423 3.89 14.30 -15.74
N SER B 424 3.54 13.04 -15.47
CA SER B 424 2.32 12.45 -15.98
C SER B 424 1.14 12.80 -15.10
N MET B 425 0.01 13.11 -15.74
CA MET B 425 -1.23 13.42 -15.05
C MET B 425 -2.30 12.43 -15.52
N GLN B 426 -3.02 11.86 -14.55
CA GLN B 426 -4.09 10.89 -14.80
C GLN B 426 -5.17 11.14 -13.77
N ILE B 427 -5.86 12.28 -13.90
CA ILE B 427 -6.77 12.72 -12.86
C ILE B 427 -7.98 11.79 -12.80
N PRO B 428 -8.22 11.14 -11.66
CA PRO B 428 -9.38 10.26 -11.57
C PRO B 428 -10.67 11.06 -11.48
N ARG B 429 -11.66 10.63 -12.24
CA ARG B 429 -12.90 11.36 -12.41
C ARG B 429 -14.00 10.83 -11.51
N ILE B 430 -15.05 11.64 -11.37
CA ILE B 430 -16.18 11.31 -10.53
C ILE B 430 -16.80 9.99 -10.97
N GLY B 431 -17.04 9.10 -10.00
CA GLY B 431 -17.54 7.78 -10.25
C GLY B 431 -16.47 6.72 -10.41
N GLN B 432 -15.23 7.12 -10.66
CA GLN B 432 -14.15 6.16 -10.77
C GLN B 432 -13.76 5.61 -9.41
N GLU B 433 -13.47 4.31 -9.38
CA GLU B 433 -13.00 3.67 -8.17
C GLU B 433 -11.50 3.90 -8.07
N VAL B 434 -11.02 4.10 -6.84
CA VAL B 434 -9.60 4.30 -6.59
C VAL B 434 -9.15 3.39 -5.47
N ILE B 435 -7.86 3.05 -5.50
CA ILE B 435 -7.19 2.36 -4.41
C ILE B 435 -6.63 3.44 -3.49
N VAL B 436 -7.31 3.68 -2.37
CA VAL B 436 -6.81 4.59 -1.37
C VAL B 436 -5.73 3.90 -0.57
N SER B 437 -5.01 4.64 0.26
CA SER B 437 -3.99 4.11 1.14
C SER B 437 -3.56 5.24 2.05
N PHE B 438 -3.22 4.88 3.29
CA PHE B 438 -3.05 5.86 4.34
C PHE B 438 -1.59 6.05 4.69
N LEU B 439 -1.23 7.25 5.14
CA LEU B 439 0.17 7.60 5.32
C LEU B 439 0.86 6.75 6.37
N GLU B 440 0.12 6.04 7.22
CA GLU B 440 0.72 5.00 8.04
C GLU B 440 -0.26 3.88 8.32
N GLY B 441 -1.36 3.81 7.57
CA GLY B 441 -2.57 3.22 8.05
C GLY B 441 -3.47 4.21 8.75
N ASP B 442 -2.97 5.42 9.02
CA ASP B 442 -3.72 6.46 9.71
C ASP B 442 -4.93 6.86 8.87
N PRO B 443 -6.15 6.58 9.34
CA PRO B 443 -7.33 6.96 8.55
C PRO B 443 -7.43 8.45 8.30
N ASP B 444 -6.79 9.26 9.14
CA ASP B 444 -6.82 10.71 8.97
C ASP B 444 -5.87 11.21 7.88
N ARG B 445 -5.06 10.34 7.30
CA ARG B 445 -4.09 10.72 6.27
C ARG B 445 -4.21 9.76 5.11
N PRO B 446 -5.34 9.77 4.41
CA PRO B 446 -5.48 9.00 3.18
C PRO B 446 -4.63 9.54 2.04
N ILE B 447 -4.31 8.63 1.11
CA ILE B 447 -3.72 9.00 -0.17
C ILE B 447 -4.10 7.90 -1.15
N ILE B 448 -4.12 8.24 -2.43
CA ILE B 448 -4.57 7.33 -3.48
C ILE B 448 -3.38 6.78 -4.22
N THR B 449 -3.27 5.45 -4.27
CA THR B 449 -2.16 4.76 -4.90
C THR B 449 -2.58 3.92 -6.10
N GLY B 450 -3.80 4.06 -6.59
CA GLY B 450 -4.17 3.39 -7.82
C GLY B 450 -5.60 3.69 -8.21
N ARG B 451 -5.90 3.38 -9.47
CA ARG B 451 -7.25 3.36 -10.01
C ARG B 451 -7.57 1.96 -10.45
N VAL B 452 -8.85 1.60 -10.43
CA VAL B 452 -9.25 0.23 -10.70
C VAL B 452 -10.60 0.22 -11.39
N TYR B 453 -10.74 -0.71 -12.34
CA TYR B 453 -11.96 -0.95 -13.06
C TYR B 453 -12.92 -1.83 -12.28
N ASN B 454 -14.19 -1.77 -12.67
CA ASN B 454 -15.23 -2.57 -12.04
C ASN B 454 -16.37 -2.72 -13.03
N ALA B 455 -17.36 -3.53 -12.65
CA ALA B 455 -18.45 -3.86 -13.55
C ALA B 455 -19.28 -2.65 -13.94
N GLU B 456 -19.15 -1.53 -13.22
CA GLU B 456 -19.67 -0.25 -13.69
C GLU B 456 -18.61 0.51 -14.48
N GLN B 457 -17.49 0.81 -13.85
CA GLN B 457 -16.37 1.44 -14.53
C GLN B 457 -15.67 0.40 -15.39
N THR B 458 -16.30 0.07 -16.50
CA THR B 458 -15.89 -1.08 -17.29
C THR B 458 -14.55 -0.81 -17.99
N VAL B 459 -13.89 -1.91 -18.33
CA VAL B 459 -12.58 -1.92 -18.98
C VAL B 459 -12.70 -1.42 -20.40
N PRO B 460 -11.70 -0.73 -20.96
CA PRO B 460 -11.86 -0.18 -22.31
C PRO B 460 -12.03 -1.25 -23.38
N TYR B 461 -11.21 -2.29 -23.32
CA TYR B 461 -11.14 -3.30 -24.36
C TYR B 461 -11.51 -4.65 -23.79
N ASP B 462 -12.46 -5.32 -24.44
CA ASP B 462 -13.04 -6.52 -23.86
C ASP B 462 -11.95 -7.57 -23.75
N LEU B 463 -11.54 -7.84 -22.52
CA LEU B 463 -10.21 -8.36 -22.21
C LEU B 463 -9.98 -9.85 -22.49
N PRO B 464 -10.98 -10.72 -22.38
CA PRO B 464 -10.72 -12.13 -22.71
C PRO B 464 -10.36 -12.33 -24.17
N ALA B 465 -10.76 -11.42 -25.06
CA ALA B 465 -10.27 -11.40 -26.43
C ALA B 465 -9.10 -10.42 -26.59
N ASN B 466 -9.31 -9.16 -26.23
CA ASN B 466 -8.41 -8.07 -26.60
C ASN B 466 -7.32 -7.84 -25.56
N ALA B 467 -6.89 -8.89 -24.85
CA ALA B 467 -5.92 -8.75 -23.79
C ALA B 467 -4.64 -8.08 -24.27
N THR B 468 -4.36 -8.12 -25.57
CA THR B 468 -3.17 -7.49 -26.11
C THR B 468 -3.30 -5.99 -26.30
N GLN B 469 -4.50 -5.44 -26.19
CA GLN B 469 -4.70 -4.00 -26.42
C GLN B 469 -4.29 -3.24 -25.17
N SER B 470 -3.08 -2.68 -25.22
CA SER B 470 -2.60 -1.75 -24.21
C SER B 470 -2.90 -0.31 -24.60
N GLY B 471 -2.56 0.60 -23.71
CA GLY B 471 -2.49 2.01 -24.00
C GLY B 471 -3.65 2.78 -23.40
N MET B 472 -3.48 4.10 -23.35
CA MET B 472 -4.50 4.94 -22.75
C MET B 472 -5.67 5.16 -23.70
N LYS B 473 -6.79 5.52 -23.09
CA LYS B 473 -7.98 5.97 -23.79
C LYS B 473 -8.63 7.03 -22.93
N SER B 474 -9.37 7.93 -23.57
CA SER B 474 -10.03 9.01 -22.87
C SER B 474 -11.52 8.98 -23.20
N ARG B 475 -12.25 9.91 -22.60
CA ARG B 475 -13.66 10.08 -22.93
C ARG B 475 -14.06 11.49 -22.54
N SER B 476 -14.27 12.34 -23.55
CA SER B 476 -14.56 13.75 -23.36
C SER B 476 -15.28 14.04 -22.06
N SER B 477 -14.80 15.05 -21.33
CA SER B 477 -15.20 15.29 -19.96
C SER B 477 -16.70 15.50 -19.83
N LYS B 478 -17.17 16.63 -20.35
CA LYS B 478 -18.58 16.99 -20.27
C LYS B 478 -19.38 16.18 -21.28
N GLY B 479 -20.20 15.26 -20.78
CA GLY B 479 -21.13 14.54 -21.62
C GLY B 479 -20.48 13.81 -22.77
N GLY B 480 -19.23 13.37 -22.60
CA GLY B 480 -18.58 12.63 -23.66
C GLY B 480 -19.26 11.31 -23.90
N SER B 481 -19.58 11.03 -25.15
CA SER B 481 -20.04 9.71 -25.53
C SER B 481 -18.87 8.74 -25.58
N PRO B 482 -19.13 7.45 -25.62
CA PRO B 482 -18.05 6.48 -25.84
C PRO B 482 -17.28 6.72 -27.13
N ALA B 483 -17.86 7.45 -28.07
CA ALA B 483 -17.19 7.76 -29.33
C ALA B 483 -16.37 9.04 -29.28
N ASN B 484 -16.48 9.83 -28.22
CA ASN B 484 -15.75 11.09 -28.12
C ASN B 484 -14.55 10.83 -27.22
N PHE B 485 -13.47 10.35 -27.82
CA PHE B 485 -12.28 9.99 -27.06
C PHE B 485 -11.04 10.27 -27.88
N ASN B 486 -10.00 10.73 -27.20
CA ASN B 486 -8.66 10.54 -27.69
C ASN B 486 -8.21 9.14 -27.31
N GLU B 487 -7.30 8.59 -28.10
CA GLU B 487 -6.80 7.25 -27.80
C GLU B 487 -5.36 7.14 -28.26
N ILE B 488 -4.62 6.28 -27.57
CA ILE B 488 -3.32 5.80 -28.03
C ILE B 488 -3.22 4.33 -27.69
N ARG B 489 -4.14 3.53 -28.18
CA ARG B 489 -4.09 2.11 -27.89
C ARG B 489 -2.96 1.46 -28.68
N MET B 490 -2.50 0.33 -28.15
CA MET B 490 -1.27 -0.28 -28.62
C MET B 490 -1.45 -1.78 -28.48
N GLU B 491 -1.75 -2.44 -29.59
CA GLU B 491 -1.87 -3.89 -29.64
C GLU B 491 -0.58 -4.46 -30.17
N ASP B 492 -0.08 -5.50 -29.51
CA ASP B 492 1.06 -6.26 -29.99
C ASP B 492 0.65 -7.73 -30.14
N LYS B 493 -0.58 -7.95 -30.58
CA LYS B 493 -0.96 -9.26 -31.08
C LYS B 493 -0.03 -9.64 -32.21
N LYS B 494 0.62 -10.79 -32.07
CA LYS B 494 1.60 -11.21 -33.05
C LYS B 494 0.92 -11.35 -34.40
N GLY B 495 1.50 -10.71 -35.42
CA GLY B 495 0.89 -10.66 -36.73
C GLY B 495 -0.19 -9.62 -36.86
N ALA B 496 -0.26 -8.68 -35.91
CA ALA B 496 -1.25 -7.61 -35.97
C ALA B 496 -0.81 -6.40 -35.17
N GLU B 497 0.49 -6.23 -34.93
CA GLU B 497 0.99 -5.22 -34.02
C GLU B 497 0.62 -3.83 -34.51
N GLN B 498 -0.30 -3.18 -33.81
CA GLN B 498 -0.91 -1.94 -34.28
C GLN B 498 -0.68 -0.85 -33.25
N LEU B 499 -0.17 0.29 -33.73
CA LEU B 499 -0.39 1.56 -33.08
C LEU B 499 -1.70 2.13 -33.58
N TYR B 500 -2.43 2.81 -32.70
CA TYR B 500 -3.63 3.51 -33.09
C TYR B 500 -3.76 4.78 -32.25
N ILE B 501 -3.52 5.91 -32.88
CA ILE B 501 -3.66 7.22 -32.26
C ILE B 501 -4.92 7.88 -32.80
N HIS B 502 -5.69 8.47 -31.91
CA HIS B 502 -6.97 9.08 -32.25
C HIS B 502 -7.12 10.37 -31.48
N ALA B 503 -7.52 11.43 -32.17
CA ALA B 503 -7.98 12.66 -31.55
C ALA B 503 -9.42 12.92 -31.95
N GLU B 504 -10.27 13.17 -30.96
CA GLU B 504 -11.68 13.35 -31.23
C GLU B 504 -11.98 14.71 -31.86
N ARG B 505 -11.01 15.62 -31.88
CA ARG B 505 -11.03 16.75 -32.81
C ARG B 505 -9.73 16.88 -33.58
N ASN B 506 -8.69 17.32 -32.90
CA ASN B 506 -7.47 17.77 -33.56
C ASN B 506 -6.24 17.20 -32.89
N GLN B 507 -5.22 16.98 -33.71
CA GLN B 507 -3.93 16.46 -33.31
C GLN B 507 -2.86 17.47 -33.71
N ASP B 508 -2.59 18.42 -32.82
CA ASP B 508 -1.44 19.27 -33.00
C ASP B 508 -0.17 18.47 -32.74
N ILE B 509 0.87 18.77 -33.51
CA ILE B 509 2.19 18.20 -33.29
C ILE B 509 3.22 19.29 -33.51
N VAL B 510 4.21 19.34 -32.63
CA VAL B 510 5.36 20.20 -32.82
C VAL B 510 6.62 19.37 -32.67
N VAL B 511 7.63 19.72 -33.45
CA VAL B 511 8.98 19.23 -33.25
C VAL B 511 9.94 20.40 -33.38
N GLU B 512 10.80 20.58 -32.38
CA GLU B 512 11.71 21.71 -32.40
C GLU B 512 12.76 21.59 -33.48
N VAL B 513 13.07 20.37 -33.93
CA VAL B 513 14.11 20.16 -34.93
C VAL B 513 13.63 19.22 -36.03
N ASN B 514 13.95 17.94 -35.92
CA ASN B 514 13.79 16.99 -37.01
C ASN B 514 12.73 15.95 -36.68
N GLU B 515 11.80 15.76 -37.60
CA GLU B 515 11.01 14.54 -37.67
C GLU B 515 11.80 13.46 -38.39
N SER B 516 11.37 12.22 -38.21
CA SER B 516 11.62 11.20 -39.20
C SER B 516 10.43 10.24 -39.28
N HIS B 517 10.24 9.69 -40.46
CA HIS B 517 9.37 8.56 -40.71
C HIS B 517 10.14 7.53 -41.49
N SER B 518 9.87 6.26 -41.21
CA SER B 518 10.55 5.18 -41.94
C SER B 518 9.58 4.01 -41.98
N VAL B 519 8.97 3.82 -43.14
CA VAL B 519 7.83 2.94 -43.30
C VAL B 519 8.21 1.86 -44.31
N GLY B 520 8.19 0.61 -43.87
CA GLY B 520 8.71 -0.46 -44.69
C GLY B 520 7.90 -0.69 -45.95
N ASN B 521 6.59 -0.51 -45.87
CA ASN B 521 5.74 -0.63 -47.04
C ASN B 521 4.90 0.62 -47.26
N ASN B 522 3.61 0.52 -46.94
CA ASN B 522 2.61 1.44 -47.47
C ASN B 522 2.34 2.58 -46.51
N ARG B 523 1.76 3.65 -47.06
CA ARG B 523 1.16 4.72 -46.29
C ARG B 523 -0.10 5.17 -47.00
N ASN B 524 -1.18 5.33 -46.27
CA ASN B 524 -2.37 6.01 -46.77
C ASN B 524 -2.65 7.22 -45.88
N LYS B 525 -2.53 8.40 -46.45
CA LYS B 525 -2.96 9.64 -45.82
C LYS B 525 -4.18 10.16 -46.56
N SER B 526 -5.31 10.21 -45.87
CA SER B 526 -6.52 10.87 -46.36
C SER B 526 -6.73 12.19 -45.63
N ILE B 527 -6.86 13.26 -46.39
CA ILE B 527 -7.14 14.58 -45.85
C ILE B 527 -8.52 14.94 -46.37
N GLY B 528 -9.55 14.68 -45.57
CA GLY B 528 -10.91 14.81 -46.04
C GLY B 528 -11.29 16.21 -46.46
N HIS B 529 -10.43 17.20 -46.22
CA HIS B 529 -10.65 18.51 -46.82
C HIS B 529 -9.38 19.09 -47.42
N ASP B 530 -8.62 19.84 -46.62
CA ASP B 530 -7.67 20.83 -47.13
C ASP B 530 -6.35 20.69 -46.42
N GLU B 531 -5.26 20.62 -47.18
CA GLU B 531 -3.92 20.60 -46.65
C GLU B 531 -3.14 21.83 -47.10
N TYR B 532 -2.57 22.54 -46.15
CA TYR B 532 -1.51 23.51 -46.41
C TYR B 532 -0.17 22.93 -45.98
N VAL B 533 0.84 23.12 -46.82
CA VAL B 533 2.20 22.77 -46.49
C VAL B 533 3.09 23.96 -46.81
N THR B 534 3.84 24.44 -45.81
CA THR B 534 4.67 25.62 -45.96
C THR B 534 6.10 25.24 -45.57
N ILE B 535 7.00 25.29 -46.55
CA ILE B 535 8.36 24.82 -46.40
C ILE B 535 9.28 26.04 -46.40
N GLY B 536 10.11 26.15 -45.38
CA GLY B 536 10.93 27.33 -45.23
C GLY B 536 12.14 27.36 -46.10
N ASN B 537 12.45 26.25 -46.77
CA ASN B 537 13.61 26.20 -47.66
C ASN B 537 13.37 25.27 -48.84
N LYS B 538 13.45 23.97 -48.58
CA LYS B 538 13.58 22.99 -49.65
C LYS B 538 12.71 21.77 -49.37
N ARG B 539 12.30 21.12 -50.45
CA ARG B 539 11.78 19.77 -50.42
C ARG B 539 12.53 18.94 -51.44
N THR B 540 12.54 17.63 -51.22
CA THR B 540 13.23 16.72 -52.12
C THR B 540 12.52 15.39 -52.03
N ARG B 541 11.66 15.12 -53.00
CA ARG B 541 10.92 13.88 -53.08
C ARG B 541 11.49 13.00 -54.19
N ILE B 542 11.67 11.72 -53.87
CA ILE B 542 12.36 10.79 -54.75
C ILE B 542 11.63 9.47 -54.79
N VAL B 543 11.33 9.01 -55.99
CA VAL B 543 10.54 7.82 -56.24
C VAL B 543 11.34 6.88 -57.11
N GLN B 544 11.48 5.62 -56.67
CA GLN B 544 12.18 4.65 -57.48
C GLN B 544 11.51 4.45 -58.82
N HIS B 545 10.18 4.32 -58.83
CA HIS B 545 9.48 3.90 -60.03
C HIS B 545 8.44 4.93 -60.49
N VAL B 546 7.31 5.04 -59.81
CA VAL B 546 6.14 5.69 -60.39
C VAL B 546 5.57 6.73 -59.44
N ASP B 547 5.14 7.85 -60.01
CA ASP B 547 4.23 8.76 -59.38
C ASP B 547 2.95 8.87 -60.21
N GLU B 548 1.85 9.12 -59.51
CA GLU B 548 0.66 9.65 -60.15
C GLU B 548 0.16 10.84 -59.34
N LEU B 549 -0.35 11.83 -60.04
CA LEU B 549 -1.24 12.82 -59.47
C LEU B 549 -2.54 12.78 -60.25
N ARG B 550 -3.65 12.92 -59.55
CA ARG B 550 -4.93 13.15 -60.18
C ARG B 550 -5.65 14.28 -59.47
N VAL B 551 -6.29 15.13 -60.26
CA VAL B 551 -6.98 16.30 -59.75
C VAL B 551 -8.27 16.48 -60.52
N GLY B 552 -9.37 16.61 -59.79
CA GLY B 552 -10.65 16.77 -60.46
C GLY B 552 -10.84 18.11 -61.10
N GLU B 553 -10.06 19.11 -60.69
CA GLU B 553 -10.05 20.39 -61.37
C GLU B 553 -8.65 20.91 -61.67
N LYS B 554 -8.10 21.72 -60.78
CA LYS B 554 -7.05 22.66 -61.13
C LYS B 554 -5.77 22.40 -60.36
N LYS B 555 -4.65 22.74 -61.00
CA LYS B 555 -3.34 22.74 -60.36
C LYS B 555 -2.59 24.00 -60.77
N LEU B 556 -1.89 24.60 -59.81
CA LEU B 556 -1.13 25.83 -60.02
C LEU B 556 0.26 25.67 -59.46
N ASP B 557 1.27 26.05 -60.23
CA ASP B 557 2.68 25.94 -59.83
C ASP B 557 3.32 27.31 -59.91
N SER B 558 3.07 28.14 -58.89
CA SER B 558 3.61 29.49 -58.84
C SER B 558 5.11 29.41 -58.57
N VAL B 559 5.85 29.03 -59.61
CA VAL B 559 7.30 28.86 -59.52
C VAL B 559 7.97 30.17 -59.85
N GLY B 560 8.46 30.87 -58.83
CA GLY B 560 8.94 32.22 -58.96
C GLY B 560 10.21 32.37 -59.77
N GLN B 561 10.90 31.27 -60.07
CA GLN B 561 12.01 31.33 -61.02
C GLN B 561 11.86 30.30 -62.13
N SER B 562 12.57 29.18 -62.01
CA SER B 562 12.68 28.22 -63.09
C SER B 562 12.06 26.89 -62.71
N TYR B 563 11.37 26.29 -63.69
CA TYR B 563 10.81 24.96 -63.59
C TYR B 563 11.41 24.10 -64.69
N VAL B 564 12.14 23.06 -64.31
CA VAL B 564 12.94 22.27 -65.23
C VAL B 564 12.62 20.80 -65.01
N ILE B 565 12.28 20.10 -66.10
CA ILE B 565 11.50 18.88 -66.02
C ILE B 565 12.26 17.68 -66.57
N GLU B 566 13.45 17.89 -67.12
CA GLU B 566 14.51 16.89 -67.15
C GLU B 566 14.06 15.46 -67.50
N VAL B 567 13.12 15.32 -68.44
CA VAL B 567 12.57 14.01 -68.73
C VAL B 567 13.57 13.16 -69.49
N GLY B 568 13.43 11.84 -69.34
CA GLY B 568 14.40 10.90 -69.89
C GLY B 568 13.96 10.13 -71.11
N GLU B 569 12.66 10.08 -71.40
CA GLU B 569 12.19 9.22 -72.48
C GLU B 569 11.05 9.86 -73.27
N ARG B 570 10.00 10.31 -72.59
CA ARG B 570 8.93 11.04 -73.26
C ARG B 570 8.26 12.00 -72.27
N LEU B 571 8.42 13.28 -72.49
CA LEU B 571 7.40 14.21 -72.06
C LEU B 571 6.23 14.10 -73.01
N ARG B 572 5.03 13.97 -72.48
CA ARG B 572 3.81 14.04 -73.28
C ARG B 572 2.83 14.97 -72.58
N LEU B 573 2.87 16.24 -72.96
CA LEU B 573 1.82 17.15 -72.57
C LEU B 573 0.56 16.84 -73.36
N VAL B 574 -0.59 17.06 -72.73
CA VAL B 574 -1.87 16.82 -73.39
C VAL B 574 -2.89 17.81 -72.88
N CYS B 575 -3.81 18.17 -73.76
CA CYS B 575 -5.12 18.66 -73.35
C CYS B 575 -6.12 18.27 -74.43
N GLY B 576 -6.96 17.29 -74.13
CA GLY B 576 -7.78 16.70 -75.16
C GLY B 576 -6.97 16.24 -76.35
N ALA B 577 -7.32 16.73 -77.54
CA ALA B 577 -6.57 16.43 -78.74
C ALA B 577 -5.28 17.22 -78.89
N SER B 578 -5.16 18.38 -78.23
CA SER B 578 -3.94 19.16 -78.33
C SER B 578 -2.83 18.46 -77.58
N ILE B 579 -1.72 18.20 -78.26
CA ILE B 579 -0.65 17.39 -77.70
C ILE B 579 0.71 17.95 -78.08
N LEU B 580 1.51 18.25 -77.08
CA LEU B 580 2.94 18.49 -77.25
C LEU B 580 3.64 17.25 -76.76
N GLU B 581 4.66 16.82 -77.49
CA GLU B 581 5.41 15.63 -77.09
C GLU B 581 6.89 15.86 -77.33
N LEU B 582 7.70 15.52 -76.34
CA LEU B 582 9.14 15.53 -76.47
C LEU B 582 9.66 14.12 -76.25
N ASN B 583 10.16 13.48 -77.30
CA ASN B 583 10.85 12.22 -77.16
C ASN B 583 12.35 12.47 -76.97
N ALA B 584 12.96 11.63 -76.14
CA ALA B 584 14.39 11.72 -75.93
C ALA B 584 15.19 11.37 -77.17
N SER B 585 14.55 10.69 -78.13
CA SER B 585 15.16 10.50 -79.44
C SER B 585 15.21 11.77 -80.27
N GLY B 586 14.79 12.89 -79.70
CA GLY B 586 14.85 14.17 -80.37
C GLY B 586 13.71 14.44 -81.31
N GLN B 587 12.83 13.47 -81.55
CA GLN B 587 11.62 13.73 -82.31
C GLN B 587 10.65 14.49 -81.42
N ILE B 588 10.10 15.57 -81.95
CA ILE B 588 9.09 16.35 -81.28
C ILE B 588 7.81 16.34 -82.11
N ASN B 589 6.69 16.16 -81.43
CA ASN B 589 5.37 16.40 -82.00
C ASN B 589 4.70 17.51 -81.21
N LEU B 590 4.31 18.57 -81.90
CA LEU B 590 3.68 19.73 -81.30
C LEU B 590 2.23 19.83 -81.74
N CYS B 591 1.65 18.71 -82.12
CA CYS B 591 0.53 18.65 -83.03
C CYS B 591 -0.81 18.79 -82.30
N GLY B 592 -1.76 19.41 -82.99
CA GLY B 592 -3.05 19.75 -82.40
C GLY B 592 -4.12 19.69 -83.44
N VAL B 593 -5.09 20.61 -83.37
CA VAL B 593 -6.16 20.67 -84.35
C VAL B 593 -6.33 22.07 -84.91
N ASN B 594 -6.16 23.08 -84.08
CA ASN B 594 -5.87 24.42 -84.53
C ASN B 594 -4.70 25.00 -83.75
N ILE B 595 -3.95 25.85 -84.41
CA ILE B 595 -2.76 26.48 -83.84
C ILE B 595 -2.72 27.93 -84.29
N SER B 596 -2.26 28.81 -83.40
CA SER B 596 -2.09 30.21 -83.77
C SER B 596 -0.88 30.75 -83.01
N VAL B 597 0.29 30.56 -83.58
CA VAL B 597 1.51 31.15 -83.04
C VAL B 597 1.45 32.65 -83.23
N HIS B 598 2.04 33.38 -82.29
CA HIS B 598 2.04 34.83 -82.39
C HIS B 598 3.24 35.38 -81.65
N ALA B 599 3.79 36.47 -82.17
CA ALA B 599 4.90 37.15 -81.55
C ALA B 599 4.77 38.65 -81.77
N SER B 600 5.08 39.41 -80.72
CA SER B 600 5.08 40.86 -80.85
C SER B 600 6.23 41.33 -81.73
N ALA B 601 7.34 40.60 -81.73
CA ALA B 601 8.43 40.86 -82.65
C ALA B 601 8.67 39.68 -83.59
N ASP B 602 9.93 39.38 -83.84
CA ASP B 602 10.26 38.35 -84.82
C ASP B 602 9.81 36.98 -84.35
N ALA B 603 9.79 36.06 -85.30
CA ALA B 603 9.73 34.65 -85.04
C ALA B 603 10.59 33.96 -86.09
N GLN B 604 10.94 32.70 -85.84
CA GLN B 604 11.85 32.01 -86.74
C GLN B 604 11.50 30.55 -86.82
N ILE B 605 12.01 29.93 -87.86
CA ILE B 605 12.33 28.50 -87.89
C ILE B 605 13.73 28.36 -88.47
N ASN B 606 14.41 27.30 -88.07
CA ASN B 606 15.68 26.97 -88.67
C ASN B 606 15.83 25.46 -88.73
N THR B 607 16.51 24.98 -89.76
CA THR B 607 16.87 23.57 -89.85
C THR B 607 18.27 23.44 -90.42
N GLY B 608 19.02 22.49 -89.89
CA GLY B 608 20.13 21.97 -90.65
C GLY B 608 19.67 21.10 -91.81
N GLY B 609 18.57 20.39 -91.63
CA GLY B 609 17.85 19.78 -92.73
C GLY B 609 17.04 20.78 -93.51
N VAL B 610 15.93 20.33 -94.07
CA VAL B 610 15.12 21.12 -94.98
C VAL B 610 13.69 21.15 -94.48
N LEU B 611 13.32 22.23 -93.81
CA LEU B 611 11.92 22.49 -93.53
C LEU B 611 11.11 22.46 -94.81
N HIS B 612 10.10 21.60 -94.86
CA HIS B 612 9.01 21.86 -95.78
C HIS B 612 7.68 21.43 -95.18
N LEU B 613 6.63 21.95 -95.80
CA LEU B 613 5.31 22.04 -95.21
C LEU B 613 4.32 21.17 -95.95
N ASN B 614 3.41 20.57 -95.20
CA ASN B 614 2.42 19.66 -95.74
C ASN B 614 3.06 18.53 -96.55
N ASN B 615 4.23 18.07 -96.12
CA ASN B 615 4.87 16.96 -96.79
C ASN B 615 3.93 15.77 -96.90
N GLY B 616 3.05 15.60 -95.92
CA GLY B 616 2.28 14.38 -95.78
C GLY B 616 3.04 13.23 -95.15
N GLY B 617 4.21 13.49 -94.57
CA GLY B 617 4.97 12.46 -93.88
C GLY B 617 4.56 12.37 -92.43
N GLY B 618 4.05 13.47 -91.88
CA GLY B 618 3.34 13.45 -90.63
C GLY B 618 1.85 13.30 -90.88
N PRO B 619 1.32 12.10 -90.62
CA PRO B 619 -0.02 11.79 -91.13
C PRO B 619 -1.14 12.27 -90.20
N GLY B 620 -0.81 12.48 -88.94
CA GLY B 620 -1.86 12.76 -87.97
C GLY B 620 -1.28 13.26 -86.67
N THR B 621 -2.17 13.80 -85.85
CA THR B 621 -1.84 14.18 -84.49
C THR B 621 -1.62 12.91 -83.67
N THR B 622 -0.86 13.03 -82.57
CA THR B 622 -0.51 11.88 -81.75
C THR B 622 -1.52 11.62 -80.64
N THR B 623 -2.81 11.89 -80.89
CA THR B 623 -3.84 11.69 -79.88
C THR B 623 -3.83 10.25 -79.39
N GLU B 624 -3.91 10.09 -78.06
CA GLU B 624 -3.89 8.75 -77.46
C GLU B 624 -5.02 8.55 -76.46
N GLY B 625 -6.05 9.38 -76.51
CA GLY B 625 -7.16 9.30 -75.58
C GLY B 625 -6.86 9.86 -74.20
N GLN B 626 -5.65 10.34 -73.96
CA GLN B 626 -5.31 10.98 -72.69
C GLN B 626 -5.94 12.36 -72.60
N GLY B 627 -6.12 12.82 -71.37
CA GLY B 627 -6.66 14.14 -71.12
C GLY B 627 -8.14 14.31 -71.39
N VAL B 628 -8.86 13.25 -71.69
CA VAL B 628 -10.30 13.39 -71.91
C VAL B 628 -10.96 13.61 -70.54
N GLN B 629 -11.51 14.81 -70.35
CA GLN B 629 -11.92 15.25 -69.02
C GLN B 629 -12.81 14.24 -68.30
N GLY B 630 -13.71 13.59 -69.04
CA GLY B 630 -14.59 12.63 -68.40
C GLY B 630 -13.86 11.57 -67.61
N ALA B 631 -12.82 10.99 -68.22
CA ALA B 631 -12.00 10.02 -67.51
C ALA B 631 -11.18 10.68 -66.40
N ILE B 632 -10.64 11.86 -66.66
CA ILE B 632 -9.65 12.45 -65.76
C ILE B 632 -10.30 12.91 -64.47
N SER B 633 -11.44 13.60 -64.56
CA SER B 633 -12.19 13.91 -63.35
C SER B 633 -12.60 12.64 -62.62
N ALA B 634 -13.04 11.63 -63.37
CA ALA B 634 -13.44 10.37 -62.76
C ALA B 634 -12.28 9.73 -62.00
N LYS B 635 -11.10 9.67 -62.62
CA LYS B 635 -9.94 9.09 -61.96
C LYS B 635 -9.49 9.91 -60.76
N ALA B 636 -9.74 11.21 -60.75
CA ALA B 636 -9.43 12.01 -59.57
C ALA B 636 -10.50 11.90 -58.50
N LYS B 637 -11.75 11.67 -58.89
CA LYS B 637 -12.83 11.46 -57.93
C LYS B 637 -12.92 10.02 -57.44
N ALA B 638 -12.23 9.09 -58.10
CA ALA B 638 -12.40 7.67 -57.81
C ALA B 638 -12.29 7.32 -56.33
N PRO B 639 -11.42 7.95 -55.53
CA PRO B 639 -11.37 7.61 -54.10
C PRO B 639 -12.60 8.02 -53.32
N PHE B 640 -13.42 8.94 -53.87
CA PHE B 640 -14.38 9.68 -53.07
C PHE B 640 -15.82 9.34 -53.44
N SER B 641 -16.04 8.22 -54.12
CA SER B 641 -17.40 7.74 -54.34
C SER B 641 -18.06 7.39 -53.01
N ALA B 642 -19.39 7.32 -53.03
CA ALA B 642 -20.13 7.04 -51.81
C ALA B 642 -19.89 5.60 -51.36
N PRO B 643 -19.93 5.34 -50.04
CA PRO B 643 -19.74 3.98 -49.53
C PRO B 643 -20.85 3.02 -49.97
N ARG C 8 29.27 -11.68 56.99
CA ARG C 8 27.96 -11.82 57.69
C ARG C 8 26.79 -11.68 56.73
N LEU C 9 26.47 -10.45 56.31
CA LEU C 9 25.27 -10.20 55.51
C LEU C 9 25.60 -9.25 54.38
N ALA C 10 24.58 -8.74 53.73
CA ALA C 10 24.69 -7.90 52.54
C ALA C 10 24.82 -6.44 52.93
N GLN C 11 25.68 -5.72 52.21
CA GLN C 11 25.80 -4.29 52.35
C GLN C 11 25.73 -3.63 50.97
N VAL C 12 25.10 -2.48 50.91
CA VAL C 12 24.87 -1.77 49.67
C VAL C 12 26.12 -1.00 49.25
N ASN C 13 26.37 -0.97 47.95
CA ASN C 13 27.41 -0.14 47.34
C ASN C 13 26.74 0.96 46.52
N CYS C 14 26.94 2.20 46.94
CA CYS C 14 26.10 3.31 46.51
C CYS C 14 26.90 4.60 46.63
N PRO C 15 26.49 5.66 45.94
CA PRO C 15 27.22 6.94 46.05
C PRO C 15 27.03 7.62 47.40
N LEU C 16 25.95 7.31 48.13
CA LEU C 16 25.75 7.88 49.45
C LEU C 16 26.69 7.32 50.50
N GLY C 17 27.49 6.32 50.16
CA GLY C 17 28.31 5.60 51.10
C GLY C 17 27.63 4.34 51.62
N PRO C 18 28.32 3.19 51.53
CA PRO C 18 27.68 1.91 51.87
C PRO C 18 27.04 1.89 53.25
N ASP C 19 27.50 2.75 54.17
CA ASP C 19 26.95 2.79 55.51
C ASP C 19 25.66 3.59 55.60
N VAL C 20 25.39 4.47 54.65
CA VAL C 20 24.19 5.30 54.75
C VAL C 20 22.94 4.47 54.45
N LEU C 21 23.04 3.55 53.51
CA LEU C 21 21.95 2.65 53.17
C LEU C 21 22.34 1.21 53.50
N LEU C 22 21.41 0.48 54.10
CA LEU C 22 21.59 -0.93 54.40
C LEU C 22 20.32 -1.67 54.01
N LEU C 23 20.50 -2.83 53.39
CA LEU C 23 19.38 -3.57 52.86
C LEU C 23 18.52 -4.17 53.96
N LYS C 24 17.21 -4.03 53.78
CA LYS C 24 16.23 -4.73 54.60
C LYS C 24 15.88 -6.07 53.97
N SER C 25 15.68 -6.07 52.66
CA SER C 25 15.36 -7.27 51.90
C SER C 25 15.84 -7.11 50.47
N LEU C 26 15.52 -8.09 49.63
CA LEU C 26 15.76 -8.02 48.20
C LEU C 26 14.70 -8.83 47.49
N GLY C 27 14.43 -8.44 46.25
CA GLY C 27 13.56 -9.19 45.38
C GLY C 27 14.09 -9.18 43.95
N GLY C 28 13.32 -9.77 43.06
CA GLY C 28 13.60 -9.68 41.65
C GLY C 28 14.33 -10.89 41.10
N GLY C 29 14.85 -10.70 39.90
CA GLY C 29 15.30 -11.83 39.12
C GLY C 29 16.02 -11.39 37.86
N GLU C 30 16.33 -12.39 37.03
CA GLU C 30 17.17 -12.22 35.87
C GLU C 30 16.74 -13.22 34.82
N GLU C 31 16.99 -12.89 33.55
CA GLU C 31 16.70 -13.80 32.46
C GLU C 31 17.57 -13.46 31.27
N LEU C 32 18.02 -14.50 30.56
CA LEU C 32 18.92 -14.30 29.43
C LEU C 32 18.25 -13.45 28.35
N GLY C 33 18.98 -12.44 27.90
CA GLY C 33 18.46 -11.57 26.87
C GLY C 33 17.32 -10.69 27.32
N ARG C 34 17.10 -10.61 28.62
CA ARG C 34 16.06 -9.78 29.19
C ARG C 34 16.63 -9.03 30.37
N LEU C 35 16.11 -7.84 30.62
CA LEU C 35 16.68 -6.96 31.63
C LEU C 35 16.46 -7.53 33.03
N PHE C 36 17.51 -7.54 33.83
CA PHE C 36 17.34 -7.83 35.24
C PHE C 36 16.44 -6.78 35.89
N ASP C 37 15.83 -7.18 37.00
CA ASP C 37 14.82 -6.37 37.67
C ASP C 37 14.88 -6.72 39.15
N TYR C 38 15.37 -5.81 39.97
CA TYR C 38 15.66 -6.08 41.38
C TYR C 38 14.98 -5.04 42.26
N GLN C 39 13.87 -5.44 42.88
CA GLN C 39 13.23 -4.61 43.89
C GLN C 39 14.04 -4.71 45.17
N LEU C 40 14.93 -3.76 45.39
CA LEU C 40 15.46 -3.54 46.72
C LEU C 40 14.38 -3.07 47.67
N GLN C 41 14.53 -3.45 48.93
CA GLN C 41 13.94 -2.72 50.04
C GLN C 41 15.02 -2.45 51.07
N LEU C 42 15.14 -1.21 51.49
CA LEU C 42 16.24 -0.83 52.37
C LEU C 42 15.76 0.26 53.31
N ALA C 43 16.51 0.47 54.37
CA ALA C 43 16.20 1.48 55.36
C ALA C 43 17.41 2.38 55.58
N SER C 44 17.14 3.62 55.99
CA SER C 44 18.20 4.57 56.27
C SER C 44 17.74 5.54 57.35
N SER C 45 18.72 6.12 58.03
CA SER C 45 18.44 7.09 59.09
C SER C 45 17.86 8.40 58.59
N ASP C 46 17.84 8.66 57.28
CA ASP C 46 17.25 9.86 56.73
C ASP C 46 15.98 9.51 55.96
N ALA C 47 14.85 10.10 56.37
CA ALA C 47 13.65 10.15 55.55
C ALA C 47 13.70 11.24 54.49
N ASN C 48 14.66 12.16 54.58
CA ASN C 48 14.70 13.34 53.72
C ASN C 48 15.79 13.19 52.67
N ILE C 49 15.97 11.97 52.19
CA ILE C 49 16.87 11.70 51.08
C ILE C 49 16.23 12.22 49.79
N ASP C 50 16.93 13.12 49.11
CA ASP C 50 16.47 13.60 47.81
C ASP C 50 16.57 12.45 46.82
N LEU C 51 15.42 11.93 46.39
CA LEU C 51 15.42 10.78 45.50
C LEU C 51 16.06 11.09 44.17
N ASN C 52 16.02 12.35 43.73
CA ASN C 52 16.71 12.72 42.51
C ASN C 52 18.19 12.41 42.58
N GLN C 53 18.76 12.36 43.77
CA GLN C 53 20.16 11.98 43.89
C GLN C 53 20.34 10.49 43.68
N LEU C 54 19.41 9.69 44.19
CA LEU C 54 19.46 8.24 43.98
C LEU C 54 19.12 7.88 42.55
N LEU C 55 18.08 8.49 42.01
CA LEU C 55 17.42 7.98 40.82
C LEU C 55 18.36 8.02 39.61
N GLY C 56 18.29 6.95 38.81
CA GLY C 56 19.14 6.75 37.67
C GLY C 56 20.60 6.42 37.96
N LYS C 57 21.05 6.67 39.17
CA LYS C 57 22.46 6.51 39.46
C LYS C 57 22.84 5.04 39.64
N PRO C 58 24.10 4.72 39.45
CA PRO C 58 24.60 3.35 39.68
C PRO C 58 24.61 2.99 41.15
N MET C 59 24.01 1.84 41.47
CA MET C 59 23.99 1.31 42.83
C MET C 59 24.13 -0.20 42.75
N GLY C 60 24.75 -0.77 43.78
CA GLY C 60 25.01 -2.20 43.78
C GLY C 60 25.01 -2.75 45.18
N LEU C 61 25.14 -4.07 45.26
CA LEU C 61 25.19 -4.79 46.52
C LEU C 61 26.48 -5.59 46.62
N SER C 62 26.98 -5.72 47.84
CA SER C 62 28.02 -6.68 48.17
C SER C 62 27.40 -7.80 48.99
N VAL C 63 27.47 -9.01 48.47
CA VAL C 63 26.96 -10.19 49.15
C VAL C 63 28.14 -11.11 49.44
N GLN C 64 28.35 -11.43 50.71
CA GLN C 64 29.46 -12.29 51.06
C GLN C 64 29.19 -13.72 50.61
N LEU C 65 30.18 -14.33 49.98
CA LEU C 65 30.18 -15.75 49.69
C LEU C 65 31.19 -16.47 50.58
N ASP C 66 30.90 -17.74 50.86
CA ASP C 66 31.81 -18.55 51.64
C ASP C 66 33.10 -18.77 50.88
N GLY C 67 34.18 -18.98 51.63
CA GLY C 67 35.51 -18.84 51.07
C GLY C 67 35.91 -17.40 50.83
N GLY C 68 35.22 -16.46 51.47
CA GLY C 68 35.58 -15.06 51.42
C GLY C 68 35.29 -14.37 50.11
N GLY C 69 34.59 -15.01 49.19
CA GLY C 69 34.25 -14.36 47.95
C GLY C 69 33.19 -13.30 48.14
N GLN C 70 33.01 -12.49 47.11
CA GLN C 70 31.91 -11.54 47.05
C GLN C 70 31.13 -11.71 45.76
N ARG C 71 29.84 -11.46 45.87
CA ARG C 71 28.93 -11.37 44.75
C ARG C 71 28.45 -9.93 44.65
N TYR C 72 28.33 -9.42 43.43
CA TYR C 72 27.86 -8.07 43.21
C TYR C 72 26.59 -8.07 42.37
N PHE C 73 25.79 -7.03 42.57
CA PHE C 73 24.54 -6.81 41.84
C PHE C 73 24.43 -5.38 41.38
N HIS C 74 25.50 -4.84 40.83
CA HIS C 74 25.48 -3.47 40.34
C HIS C 74 24.38 -3.29 39.30
N GLY C 75 23.84 -2.09 39.24
CA GLY C 75 22.75 -1.82 38.34
C GLY C 75 22.43 -0.34 38.33
N ILE C 76 21.32 0.00 37.67
CA ILE C 76 20.87 1.38 37.54
C ILE C 76 19.53 1.54 38.25
N VAL C 77 19.45 2.56 39.09
CA VAL C 77 18.24 2.93 39.80
C VAL C 77 17.19 3.50 38.86
N ALA C 78 16.25 2.67 38.44
CA ALA C 78 15.22 3.11 37.51
C ALA C 78 14.00 3.67 38.21
N ARG C 79 13.62 3.07 39.32
CA ARG C 79 12.61 3.60 40.21
C ARG C 79 13.22 3.84 41.57
N CYS C 80 12.82 4.94 42.21
CA CYS C 80 13.11 5.17 43.61
C CYS C 80 11.80 5.35 44.36
N SER C 81 11.81 5.01 45.64
CA SER C 81 10.62 5.18 46.46
C SER C 81 10.99 5.14 47.93
N GLN C 82 10.15 5.77 48.75
CA GLN C 82 10.26 5.70 50.19
C GLN C 82 8.88 5.38 50.76
N ASN C 83 8.88 4.75 51.92
CA ASN C 83 7.65 4.26 52.53
C ASN C 83 7.74 4.40 54.04
N ILE C 84 6.57 4.50 54.67
CA ILE C 84 6.47 4.77 56.10
C ILE C 84 7.31 3.77 56.88
N ASP C 85 8.16 4.29 57.77
CA ASP C 85 8.90 3.46 58.71
C ASP C 85 9.38 4.34 59.85
N THR C 86 9.88 3.69 60.89
CA THR C 86 10.50 4.38 62.01
C THR C 86 11.61 5.31 61.53
N GLY C 87 11.84 6.38 62.29
CA GLY C 87 12.64 7.49 61.79
C GLY C 87 14.05 7.07 61.44
N GLN C 88 14.66 6.24 62.30
CA GLN C 88 16.00 5.72 62.02
C GLN C 88 16.01 4.75 60.86
N PHE C 89 14.85 4.30 60.39
CA PHE C 89 14.77 3.22 59.43
C PHE C 89 13.79 3.55 58.33
N ALA C 90 13.75 4.82 57.92
CA ALA C 90 12.91 5.22 56.81
C ALA C 90 13.15 4.31 55.62
N SER C 91 12.06 3.76 55.08
CA SER C 91 12.13 2.60 54.21
C SER C 91 12.03 3.03 52.77
N TYR C 92 12.92 2.49 51.95
CA TYR C 92 13.01 2.78 50.53
C TYR C 92 12.93 1.49 49.74
N GLU C 93 12.40 1.58 48.53
CA GLU C 93 12.05 0.42 47.73
C GLU C 93 12.57 0.61 46.32
N VAL C 94 13.86 0.95 46.26
CA VAL C 94 14.52 1.17 44.99
C VAL C 94 14.47 -0.06 44.10
N THR C 95 14.17 0.17 42.83
CA THR C 95 14.29 -0.84 41.79
C THR C 95 15.58 -0.59 41.04
N LEU C 96 16.38 -1.64 40.89
CA LEU C 96 17.53 -1.59 40.00
C LEU C 96 17.14 -2.10 38.62
N ARG C 97 17.68 -1.45 37.60
CA ARG C 97 17.59 -1.89 36.22
C ARG C 97 18.95 -1.69 35.58
N PRO C 98 19.21 -2.34 34.45
CA PRO C 98 20.47 -2.12 33.74
C PRO C 98 20.50 -0.77 33.02
N TRP C 99 21.72 -0.31 32.76
CA TRP C 99 21.91 0.85 31.90
C TRP C 99 21.26 0.64 30.55
N LEU C 100 21.34 -0.59 30.03
CA LEU C 100 20.62 -0.96 28.83
C LEU C 100 19.12 -0.69 28.91
N TRP C 101 18.56 -0.65 30.12
CA TRP C 101 17.15 -0.31 30.26
C TRP C 101 16.88 1.14 29.89
N LEU C 102 17.86 2.03 30.07
CA LEU C 102 17.67 3.41 29.67
C LEU C 102 17.45 3.56 28.17
N LEU C 103 17.88 2.58 27.38
CA LEU C 103 17.59 2.60 25.96
C LEU C 103 16.11 2.39 25.66
N SER C 104 15.33 1.95 26.65
CA SER C 104 13.88 1.99 26.54
C SER C 104 13.32 3.37 26.86
N ARG C 105 14.13 4.24 27.47
CA ARG C 105 13.75 5.62 27.73
C ARG C 105 14.12 6.56 26.60
N THR C 106 14.70 6.07 25.51
CA THR C 106 14.95 6.88 24.33
C THR C 106 14.41 6.17 23.10
N SER C 107 13.90 6.97 22.17
CA SER C 107 13.43 6.48 20.89
C SER C 107 13.98 7.38 19.79
N ASP C 108 13.99 6.85 18.58
CA ASP C 108 14.31 7.64 17.41
C ASP C 108 13.84 6.87 16.20
N CYS C 109 14.09 7.44 15.02
CA CYS C 109 14.21 6.66 13.80
C CYS C 109 15.58 6.90 13.20
N ARG C 110 16.28 5.81 12.89
CA ARG C 110 17.62 5.91 12.35
C ARG C 110 17.83 4.73 11.41
N ILE C 111 18.59 4.97 10.35
CA ILE C 111 18.90 3.96 9.35
C ILE C 111 20.35 3.55 9.49
N PHE C 112 20.60 2.24 9.52
CA PHE C 112 21.94 1.69 9.56
C PHE C 112 22.15 0.87 8.31
N GLN C 113 23.30 1.04 7.67
CA GLN C 113 23.53 0.47 6.35
C GLN C 113 24.92 -0.15 6.29
N ASN C 114 25.00 -1.30 5.63
CA ASN C 114 26.25 -2.04 5.50
C ASN C 114 26.92 -2.24 6.85
N LEU C 115 26.14 -2.70 7.81
CA LEU C 115 26.65 -2.97 9.15
C LEU C 115 26.11 -4.29 9.66
N SER C 116 26.95 -5.02 10.38
CA SER C 116 26.49 -6.20 11.09
C SER C 116 25.84 -5.80 12.41
N ILE C 117 24.90 -6.63 12.85
CA ILE C 117 24.11 -6.29 14.03
C ILE C 117 25.00 -6.05 15.25
N PRO C 118 26.08 -6.78 15.46
CA PRO C 118 27.01 -6.40 16.53
C PRO C 118 27.58 -5.01 16.38
N GLN C 119 27.81 -4.58 15.15
CA GLN C 119 28.29 -3.22 14.92
C GLN C 119 27.17 -2.21 15.11
N ILE C 120 25.95 -2.58 14.71
CA ILE C 120 24.81 -1.70 14.86
C ILE C 120 24.54 -1.41 16.33
N ILE C 121 24.46 -2.46 17.14
CA ILE C 121 24.15 -2.29 18.55
C ILE C 121 25.20 -1.42 19.23
N LYS C 122 26.47 -1.73 19.02
CA LYS C 122 27.53 -0.94 19.64
C LYS C 122 27.48 0.51 19.20
N GLN C 123 26.92 0.81 18.03
CA GLN C 123 26.69 2.20 17.68
C GLN C 123 25.63 2.81 18.58
N VAL C 124 24.53 2.09 18.78
CA VAL C 124 23.48 2.57 19.67
C VAL C 124 24.04 2.80 21.07
N PHE C 125 24.79 1.84 21.59
CA PHE C 125 25.35 1.97 22.92
C PHE C 125 26.34 3.13 22.98
N ARG C 126 27.29 3.15 22.05
CA ARG C 126 28.37 4.12 22.10
C ARG C 126 27.88 5.54 21.89
N ASP C 127 26.81 5.71 21.11
CA ASP C 127 26.27 7.05 20.93
C ASP C 127 25.61 7.58 22.20
N LEU C 128 25.02 6.70 23.00
CA LEU C 128 24.50 7.06 24.31
C LEU C 128 25.54 6.97 25.41
N GLY C 129 26.80 6.75 25.07
CA GLY C 129 27.85 6.70 26.05
C GLY C 129 27.91 5.43 26.86
N PHE C 130 27.04 4.46 26.59
CA PHE C 130 27.01 3.21 27.33
C PHE C 130 28.16 2.36 26.80
N SER C 131 29.33 2.56 27.41
CA SER C 131 30.53 1.81 27.08
C SER C 131 30.55 0.42 27.69
N ASP C 132 29.68 0.13 28.66
CA ASP C 132 29.85 -1.01 29.54
C ASP C 132 29.17 -2.23 28.92
N PHE C 133 29.71 -2.62 27.77
CA PHE C 133 29.31 -3.80 27.03
C PHE C 133 30.55 -4.57 26.61
N GLU C 134 30.33 -5.82 26.22
CA GLU C 134 31.45 -6.72 25.98
C GLU C 134 30.99 -7.77 24.97
N ASP C 135 31.95 -8.35 24.27
CA ASP C 135 31.69 -9.22 23.13
C ASP C 135 32.19 -10.62 23.42
N ALA C 136 31.29 -11.59 23.35
CA ALA C 136 31.65 -13.00 23.38
C ALA C 136 31.19 -13.72 22.12
N LEU C 137 30.72 -12.98 21.11
CA LEU C 137 30.15 -13.58 19.92
C LEU C 137 31.17 -14.38 19.14
N SER C 138 30.70 -15.48 18.55
CA SER C 138 31.55 -16.45 17.87
C SER C 138 31.27 -16.55 16.38
N ARG C 139 30.05 -16.22 15.94
CA ARG C 139 29.74 -16.23 14.53
C ARG C 139 30.19 -14.94 13.84
N PRO C 140 30.60 -15.03 12.58
CA PRO C 140 30.68 -13.81 11.76
C PRO C 140 29.32 -13.47 11.17
N TYR C 141 28.67 -12.48 11.77
CA TYR C 141 27.30 -12.16 11.42
C TYR C 141 27.21 -11.48 10.06
N ARG C 142 26.02 -11.57 9.47
CA ARG C 142 25.77 -10.96 8.18
C ARG C 142 25.85 -9.44 8.29
N GLU C 143 26.36 -8.82 7.22
CA GLU C 143 26.41 -7.36 7.14
C GLU C 143 25.12 -6.90 6.50
N TRP C 144 24.18 -6.47 7.33
CA TRP C 144 22.92 -5.96 6.82
C TRP C 144 23.18 -4.78 5.89
N GLU C 145 22.57 -4.82 4.72
CA GLU C 145 22.67 -3.67 3.82
C GLU C 145 21.94 -2.47 4.38
N TYR C 146 20.85 -2.69 5.11
CA TYR C 146 20.01 -1.59 5.53
C TYR C 146 19.14 -2.04 6.68
N CYS C 147 19.26 -1.36 7.82
CA CYS C 147 18.41 -1.57 8.98
C CYS C 147 17.78 -0.25 9.37
N VAL C 148 16.59 -0.32 9.94
CA VAL C 148 15.84 0.86 10.33
C VAL C 148 15.33 0.68 11.75
N GLN C 149 15.73 1.59 12.64
CA GLN C 149 14.96 1.87 13.83
C GLN C 149 13.78 2.76 13.44
N TYR C 150 12.56 2.31 13.71
CA TYR C 150 11.38 3.07 13.37
C TYR C 150 10.34 2.86 14.46
N ARG C 151 9.70 3.96 14.88
CA ARG C 151 8.66 3.91 15.91
C ARG C 151 9.03 2.89 16.98
N GLU C 152 10.20 3.10 17.58
CA GLU C 152 10.74 2.11 18.50
C GLU C 152 11.75 2.77 19.41
N THR C 153 11.92 2.16 20.57
CA THR C 153 12.95 2.57 21.50
C THR C 153 14.29 2.00 21.07
N SER C 154 15.35 2.46 21.71
CA SER C 154 16.66 1.91 21.40
C SER C 154 16.86 0.53 22.01
N PHE C 155 16.15 0.23 23.10
CA PHE C 155 16.17 -1.13 23.63
C PHE C 155 15.31 -2.08 22.80
N ASP C 156 14.13 -1.61 22.40
CA ASP C 156 13.23 -2.44 21.62
C ASP C 156 13.84 -2.82 20.28
N PHE C 157 14.41 -1.83 19.60
CA PHE C 157 15.16 -2.11 18.38
C PHE C 157 16.31 -3.07 18.64
N VAL C 158 17.13 -2.76 19.63
CA VAL C 158 18.28 -3.59 19.97
C VAL C 158 17.87 -5.04 20.21
N SER C 159 16.81 -5.24 20.98
CA SER C 159 16.40 -6.60 21.31
C SER C 159 15.93 -7.36 20.08
N ARG C 160 15.14 -6.71 19.22
CA ARG C 160 14.69 -7.36 18.01
C ARG C 160 15.84 -7.84 17.15
N LEU C 161 16.86 -7.01 16.98
CA LEU C 161 17.99 -7.39 16.13
C LEU C 161 18.70 -8.61 16.69
N MET C 162 18.94 -8.64 18.00
CA MET C 162 19.57 -9.81 18.61
C MET C 162 18.68 -11.04 18.48
N GLU C 163 17.39 -10.88 18.71
CA GLU C 163 16.47 -12.01 18.60
C GLU C 163 16.43 -12.58 17.19
N GLN C 164 16.57 -11.74 16.16
CA GLN C 164 16.60 -12.25 14.80
C GLN C 164 17.84 -13.08 14.57
N GLU C 165 19.01 -12.53 14.90
CA GLU C 165 20.24 -13.28 14.76
C GLU C 165 20.32 -14.39 15.79
N GLY C 166 19.48 -14.33 16.82
CA GLY C 166 19.57 -15.29 17.90
C GLY C 166 20.70 -14.99 18.85
N ILE C 167 21.09 -13.74 18.97
CA ILE C 167 21.95 -13.33 20.05
C ILE C 167 21.13 -13.19 21.32
N TYR C 168 21.77 -13.44 22.45
CA TYR C 168 21.26 -13.07 23.75
C TYR C 168 22.36 -12.34 24.50
N TYR C 169 22.01 -11.82 25.67
CA TYR C 169 22.96 -11.16 26.52
C TYR C 169 22.73 -11.55 27.96
N PHE C 170 23.82 -11.52 28.72
CA PHE C 170 23.77 -11.67 30.16
C PHE C 170 24.81 -10.73 30.76
N PHE C 171 24.70 -10.50 32.06
CA PHE C 171 25.44 -9.44 32.72
C PHE C 171 26.56 -9.98 33.58
N ARG C 172 27.68 -9.26 33.59
CA ARG C 172 28.73 -9.41 34.58
C ARG C 172 28.67 -8.21 35.52
N HIS C 173 28.63 -8.46 36.81
CA HIS C 173 28.43 -7.42 37.81
C HIS C 173 29.71 -7.22 38.60
N GLU C 174 30.21 -6.00 38.60
CA GLU C 174 31.35 -5.60 39.40
C GLU C 174 30.87 -4.79 40.60
N LYS C 175 31.81 -4.24 41.36
CA LYS C 175 31.46 -3.24 42.35
C LYS C 175 30.69 -2.09 41.71
N ASP C 176 31.33 -1.43 40.75
CA ASP C 176 30.87 -0.14 40.25
C ASP C 176 30.57 -0.19 38.75
N ARG C 177 30.57 -1.38 38.16
CA ARG C 177 30.17 -1.55 36.77
C ARG C 177 29.38 -2.83 36.64
N HIS C 178 28.43 -2.80 35.71
CA HIS C 178 27.71 -3.98 35.26
C HIS C 178 27.72 -3.96 33.75
N VAL C 179 28.01 -5.11 33.15
CA VAL C 179 28.45 -5.19 31.77
C VAL C 179 27.50 -6.06 31.00
N VAL C 180 26.93 -5.53 29.93
CA VAL C 180 26.15 -6.35 29.01
C VAL C 180 27.13 -7.19 28.21
N VAL C 181 27.26 -8.46 28.57
CA VAL C 181 27.99 -9.40 27.74
C VAL C 181 27.06 -9.92 26.65
N LEU C 182 27.44 -9.69 25.41
CA LEU C 182 26.77 -10.30 24.27
C LEU C 182 27.23 -11.74 24.11
N ALA C 183 26.28 -12.64 23.97
CA ALA C 183 26.58 -14.07 23.98
C ALA C 183 25.75 -14.76 22.91
N ASP C 184 26.34 -15.79 22.32
CA ASP C 184 25.66 -16.52 21.26
C ASP C 184 25.99 -18.00 21.28
N ALA C 185 26.75 -18.49 22.26
CA ALA C 185 27.11 -19.89 22.34
C ALA C 185 27.38 -20.26 23.78
N TYR C 186 27.30 -21.57 24.04
CA TYR C 186 27.70 -22.15 25.30
C TYR C 186 29.03 -21.58 25.80
N GLY C 187 29.98 -21.40 24.90
CA GLY C 187 31.30 -20.94 25.29
C GLY C 187 31.32 -19.56 25.89
N ALA C 188 30.27 -18.77 25.70
CA ALA C 188 30.20 -17.47 26.35
C ALA C 188 29.89 -17.61 27.84
N HIS C 189 29.29 -18.73 28.23
CA HIS C 189 28.95 -18.99 29.61
C HIS C 189 30.19 -19.41 30.39
N SER C 190 30.09 -19.35 31.71
CA SER C 190 31.19 -19.67 32.58
C SER C 190 30.68 -20.37 33.83
N SER C 191 31.56 -21.13 34.47
CA SER C 191 31.24 -21.85 35.69
C SER C 191 31.77 -21.08 36.89
N VAL C 192 30.87 -20.74 37.80
CA VAL C 192 31.23 -19.89 38.95
C VAL C 192 32.08 -20.68 39.93
N PRO C 193 33.24 -20.18 40.33
CA PRO C 193 34.10 -20.91 41.27
C PRO C 193 33.37 -21.39 42.52
N GLY C 194 33.52 -22.67 42.83
CA GLY C 194 32.89 -23.28 43.97
C GLY C 194 31.45 -23.66 43.76
N TYR C 195 30.80 -23.16 42.71
CA TYR C 195 29.45 -23.54 42.34
C TYR C 195 29.42 -24.30 41.02
N ALA C 196 30.56 -24.84 40.59
CA ALA C 196 30.57 -25.69 39.41
C ALA C 196 29.73 -26.94 39.63
N SER C 197 29.61 -27.37 40.87
CA SER C 197 28.53 -28.26 41.30
C SER C 197 27.78 -27.63 42.44
N VAL C 198 26.47 -27.83 42.45
CA VAL C 198 25.61 -27.52 43.58
C VAL C 198 24.96 -28.82 44.04
N PRO C 199 25.07 -29.20 45.30
CA PRO C 199 24.36 -30.38 45.77
C PRO C 199 22.88 -30.10 45.90
N TYR C 200 22.08 -31.14 45.76
CA TYR C 200 20.68 -31.10 46.16
C TYR C 200 20.55 -31.71 47.54
N TYR C 201 19.88 -31.01 48.43
CA TYR C 201 19.54 -31.53 49.73
C TYR C 201 18.22 -30.90 50.17
N PRO C 202 17.17 -31.69 50.36
CA PRO C 202 15.84 -31.12 50.54
C PRO C 202 15.72 -30.40 51.89
N ARG C 203 14.70 -29.55 51.97
CA ARG C 203 14.36 -28.91 53.22
C ARG C 203 13.99 -29.92 54.30
N ASP C 204 13.66 -31.15 53.91
CA ASP C 204 13.40 -32.21 54.88
C ASP C 204 14.66 -32.78 55.49
N GLU C 205 15.83 -32.42 54.97
CA GLU C 205 17.06 -32.65 55.71
C GLU C 205 17.22 -31.61 56.80
N GLN C 206 18.08 -31.94 57.77
CA GLN C 206 18.55 -30.94 58.73
C GLN C 206 19.36 -29.87 58.00
N GLN C 207 19.24 -28.64 58.48
CA GLN C 207 19.74 -27.50 57.72
C GLN C 207 21.21 -27.68 57.39
N ARG C 208 21.50 -27.84 56.10
CA ARG C 208 22.79 -28.28 55.62
C ARG C 208 23.77 -27.10 55.59
N GLU C 209 25.05 -27.43 55.69
CA GLU C 209 26.08 -26.43 55.97
C GLU C 209 26.43 -25.57 54.76
N ARG C 210 26.23 -26.08 53.54
CA ARG C 210 26.70 -25.36 52.36
C ARG C 210 25.52 -24.72 51.63
N ASP C 211 25.69 -24.44 50.35
CA ASP C 211 24.63 -23.94 49.49
C ASP C 211 24.06 -25.10 48.70
N HIS C 212 22.74 -25.16 48.62
CA HIS C 212 22.10 -26.32 47.99
C HIS C 212 20.82 -25.91 47.31
N MET C 213 20.45 -26.69 46.30
CA MET C 213 19.14 -26.58 45.69
C MET C 213 18.16 -27.30 46.60
N PHE C 214 17.22 -26.57 47.18
CA PHE C 214 16.26 -27.17 48.09
C PHE C 214 15.03 -27.74 47.41
N ASP C 215 14.72 -27.30 46.19
CA ASP C 215 13.54 -27.80 45.50
C ASP C 215 13.84 -27.87 44.01
N TRP C 216 13.03 -28.65 43.31
CA TRP C 216 13.26 -28.92 41.91
C TRP C 216 11.94 -29.25 41.24
N HIS C 217 11.75 -28.79 40.01
CA HIS C 217 10.62 -29.22 39.19
C HIS C 217 11.05 -29.26 37.73
N LEU C 218 11.39 -30.44 37.23
CA LEU C 218 11.55 -30.64 35.80
C LEU C 218 10.23 -30.39 35.06
N ALA C 219 10.33 -29.74 33.91
CA ALA C 219 9.19 -29.53 33.02
C ALA C 219 9.60 -29.76 31.58
N GLN C 220 8.68 -30.28 30.78
CA GLN C 220 8.89 -30.46 29.36
C GLN C 220 7.62 -30.09 28.60
N GLU C 221 7.80 -29.72 27.34
CA GLU C 221 6.71 -29.26 26.49
C GLU C 221 6.87 -29.80 25.09
N VAL C 222 5.74 -30.05 24.44
CA VAL C 222 5.71 -30.27 22.99
C VAL C 222 6.12 -29.00 22.28
N GLN C 223 7.16 -29.09 21.46
CA GLN C 223 7.63 -27.94 20.70
C GLN C 223 7.95 -28.34 19.27
N PRO C 224 7.81 -27.41 18.32
CA PRO C 224 7.82 -27.78 16.89
C PRO C 224 9.17 -28.33 16.45
N GLY C 225 9.11 -29.45 15.72
CA GLY C 225 10.32 -30.17 15.35
C GLY C 225 11.11 -29.55 14.22
N SER C 226 10.53 -28.63 13.48
CA SER C 226 11.23 -28.03 12.35
C SER C 226 10.59 -26.69 12.00
N LEU C 227 11.40 -25.83 11.38
CA LEU C 227 10.93 -24.61 10.76
C LEU C 227 11.49 -24.49 9.36
N GLU C 228 10.65 -24.10 8.41
CA GLU C 228 11.08 -23.76 7.07
C GLU C 228 10.81 -22.28 6.79
N LEU C 229 11.81 -21.62 6.22
CA LEU C 229 11.74 -20.19 5.92
C LEU C 229 11.92 -19.94 4.43
N ASN C 230 11.17 -18.97 3.91
CA ASN C 230 11.35 -18.46 2.56
C ASN C 230 11.50 -16.96 2.60
N ASP C 231 12.28 -16.43 1.65
CA ASP C 231 12.14 -15.05 1.23
C ASP C 231 12.32 -14.97 -0.28
N TYR C 232 11.73 -13.93 -0.86
CA TYR C 232 11.98 -13.58 -2.24
C TYR C 232 13.33 -12.87 -2.38
N ASP C 233 13.84 -12.85 -3.61
CA ASP C 233 14.99 -12.03 -3.95
C ASP C 233 14.81 -11.59 -5.40
N PHE C 234 14.52 -10.31 -5.60
CA PHE C 234 14.33 -9.80 -6.96
C PHE C 234 15.60 -9.92 -7.79
N GLN C 235 16.76 -10.08 -7.15
CA GLN C 235 17.98 -10.39 -7.88
C GLN C 235 18.14 -11.88 -8.14
N ARG C 236 17.36 -12.73 -7.48
CA ARG C 236 17.39 -14.18 -7.72
C ARG C 236 15.96 -14.73 -7.68
N PRO C 237 15.08 -14.21 -8.53
CA PRO C 237 13.66 -14.54 -8.39
C PRO C 237 13.35 -15.98 -8.73
N SER C 238 14.22 -16.66 -9.48
CA SER C 238 14.07 -18.08 -9.73
C SER C 238 14.61 -18.93 -8.59
N ALA C 239 15.47 -18.36 -7.76
CA ALA C 239 16.26 -19.16 -6.83
C ALA C 239 15.41 -19.65 -5.68
N ARG C 240 15.59 -20.93 -5.32
CA ARG C 240 14.91 -21.53 -4.18
C ARG C 240 15.59 -21.07 -2.90
N ILE C 241 15.28 -19.82 -2.52
CA ILE C 241 15.82 -19.27 -1.29
C ILE C 241 15.32 -20.04 -0.08
N ASP C 242 14.22 -20.77 -0.23
CA ASP C 242 13.72 -21.67 0.80
C ASP C 242 14.85 -22.37 1.53
N VAL C 243 14.81 -22.29 2.87
CA VAL C 243 15.73 -23.01 3.73
C VAL C 243 14.96 -23.50 4.94
N ARG C 244 15.25 -24.73 5.35
CA ARG C 244 14.56 -25.35 6.46
C ARG C 244 15.59 -25.81 7.47
N SER C 245 15.29 -25.55 8.73
CA SER C 245 16.07 -26.04 9.85
C SER C 245 15.20 -26.99 10.65
N ALA C 246 15.81 -28.02 11.20
CA ALA C 246 15.07 -29.09 11.86
C ALA C 246 15.82 -29.57 13.09
N MET C 247 15.08 -29.71 14.18
CA MET C 247 15.57 -30.37 15.39
C MET C 247 14.41 -31.17 15.96
N PRO C 248 14.02 -32.24 15.27
CA PRO C 248 12.88 -33.04 15.74
C PRO C 248 13.20 -33.78 17.02
N ARG C 249 12.23 -33.83 17.89
CA ARG C 249 12.42 -34.48 19.17
C ARG C 249 12.16 -35.97 19.07
N PRO C 250 12.70 -36.76 20.00
CA PRO C 250 12.40 -38.20 19.97
C PRO C 250 10.96 -38.52 20.30
N HIS C 251 10.28 -37.65 21.06
CA HIS C 251 8.94 -37.95 21.51
C HIS C 251 7.94 -37.79 20.37
N SER C 252 6.77 -38.41 20.57
CA SER C 252 5.66 -38.23 19.66
C SER C 252 5.31 -36.76 19.52
N ALA C 253 4.73 -36.41 18.38
CA ALA C 253 4.42 -35.03 18.03
C ALA C 253 5.64 -34.12 18.05
N GLY C 254 6.83 -34.71 18.02
CA GLY C 254 8.06 -33.96 18.03
C GLY C 254 8.51 -33.49 16.67
N ASP C 255 7.63 -33.53 15.67
CA ASP C 255 8.00 -33.29 14.30
C ASP C 255 7.06 -32.32 13.59
N TYR C 256 6.14 -31.71 14.32
CA TYR C 256 5.24 -30.76 13.68
C TYR C 256 6.06 -29.60 13.15
N PRO C 257 6.03 -29.34 11.84
CA PRO C 257 6.87 -28.28 11.27
C PRO C 257 6.18 -26.93 11.25
N LEU C 258 6.98 -25.90 11.49
CA LEU C 258 6.55 -24.54 11.25
C LEU C 258 7.04 -24.09 9.89
N TYR C 259 6.33 -23.12 9.33
CA TYR C 259 6.79 -22.40 8.16
C TYR C 259 6.44 -20.94 8.31
N ASP C 260 7.34 -20.09 7.86
CA ASP C 260 7.09 -18.65 7.84
C ASP C 260 7.69 -18.09 6.57
N TYR C 261 7.13 -16.97 6.14
CA TYR C 261 7.66 -16.33 4.95
C TYR C 261 8.85 -15.44 5.32
N PRO C 262 8.77 -14.11 5.22
CA PRO C 262 10.00 -13.40 4.93
C PRO C 262 10.92 -13.22 6.12
N GLY C 263 11.88 -14.13 6.24
CA GLY C 263 13.06 -13.84 7.03
C GLY C 263 13.89 -12.84 6.27
N THR C 264 14.27 -11.75 6.92
CA THR C 264 14.89 -10.66 6.18
C THR C 264 16.09 -11.12 5.38
N TYR C 265 16.68 -12.25 5.75
CA TYR C 265 17.77 -12.85 4.99
C TYR C 265 17.50 -12.83 3.49
N VAL C 266 18.56 -12.83 2.69
CA VAL C 266 18.42 -12.92 1.24
C VAL C 266 19.33 -14.03 0.76
N GLN C 267 20.56 -14.03 1.28
CA GLN C 267 21.44 -15.17 1.11
C GLN C 267 20.94 -16.33 1.96
N SER C 268 20.72 -17.48 1.32
CA SER C 268 20.08 -18.60 2.00
C SER C 268 20.86 -19.05 3.22
N SER C 269 22.18 -18.99 3.17
CA SER C 269 22.98 -19.46 4.30
C SER C 269 22.90 -18.53 5.51
N ASP C 270 22.40 -17.31 5.34
CA ASP C 270 22.02 -16.50 6.49
C ASP C 270 20.69 -16.94 7.08
N GLY C 271 19.70 -17.20 6.22
CA GLY C 271 18.41 -17.62 6.69
C GLY C 271 18.43 -18.92 7.47
N GLU C 272 19.35 -19.82 7.13
CA GLU C 272 19.52 -21.04 7.89
C GLU C 272 19.59 -20.79 9.39
N HIS C 273 20.44 -19.84 9.81
CA HIS C 273 20.59 -19.59 11.23
C HIS C 273 19.41 -18.84 11.83
N TYR C 274 18.67 -18.09 11.02
CA TYR C 274 17.44 -17.51 11.52
C TYR C 274 16.44 -18.60 11.88
N ALA C 275 16.39 -19.66 11.08
CA ALA C 275 15.59 -20.83 11.42
C ALA C 275 16.16 -21.55 12.64
N GLN C 276 17.47 -21.82 12.62
CA GLN C 276 18.10 -22.56 13.71
C GLN C 276 17.77 -21.90 15.05
N THR C 277 17.93 -20.58 15.11
CA THR C 277 17.67 -19.87 16.35
C THR C 277 16.20 -19.93 16.72
N ARG C 278 15.33 -19.74 15.74
CA ARG C 278 13.90 -19.76 16.03
C ARG C 278 13.43 -21.13 16.51
N ILE C 279 14.10 -22.20 16.09
CA ILE C 279 13.78 -23.51 16.63
C ILE C 279 14.47 -23.73 17.96
N GLU C 280 15.76 -23.44 18.03
CA GLU C 280 16.49 -23.64 19.28
C GLU C 280 15.86 -22.88 20.43
N ALA C 281 15.27 -21.72 20.15
CA ALA C 281 14.56 -20.99 21.19
C ALA C 281 13.37 -21.80 21.69
N LEU C 282 12.66 -22.47 20.78
CA LEU C 282 11.56 -23.32 21.19
C LEU C 282 12.03 -24.66 21.72
N GLN C 283 13.11 -25.21 21.16
CA GLN C 283 13.75 -26.36 21.78
C GLN C 283 14.21 -26.05 23.20
N SER C 284 14.57 -24.80 23.46
CA SER C 284 14.90 -24.39 24.82
C SER C 284 13.71 -24.53 25.76
N LEU C 285 12.50 -24.60 25.21
CA LEU C 285 11.30 -24.82 26.00
C LEU C 285 10.96 -26.30 26.12
N HIS C 286 11.52 -27.14 25.24
CA HIS C 286 11.21 -28.55 25.27
C HIS C 286 11.58 -29.15 26.60
N GLU C 287 12.68 -28.71 27.19
CA GLU C 287 13.05 -29.08 28.55
C GLU C 287 13.51 -27.84 29.29
N ARG C 288 13.00 -27.67 30.50
CA ARG C 288 13.58 -26.75 31.45
C ARG C 288 13.43 -27.33 32.85
N ILE C 289 14.30 -26.89 33.75
CA ILE C 289 14.38 -27.41 35.10
C ILE C 289 14.26 -26.26 36.08
N GLU C 290 13.11 -26.16 36.73
CA GLU C 290 13.01 -25.28 37.89
C GLU C 290 13.92 -25.78 38.99
N LEU C 291 14.55 -24.85 39.69
CA LEU C 291 15.18 -25.13 40.96
C LEU C 291 14.89 -24.00 41.92
N SER C 292 15.12 -24.25 43.20
CA SER C 292 15.26 -23.20 44.18
C SER C 292 16.31 -23.61 45.20
N GLY C 293 16.97 -22.63 45.78
CA GLY C 293 18.02 -22.92 46.73
C GLY C 293 18.92 -21.72 46.96
N ASN C 294 20.02 -22.00 47.64
CA ASN C 294 20.88 -21.00 48.24
C ASN C 294 22.11 -20.71 47.39
N ALA C 295 22.04 -20.96 46.08
CA ALA C 295 23.22 -20.86 45.23
C ALA C 295 23.63 -19.41 45.06
N ARG C 296 24.15 -18.83 46.14
CA ARG C 296 24.49 -17.41 46.14
C ARG C 296 25.43 -17.07 45.00
N GLY C 297 26.35 -17.96 44.68
CA GLY C 297 27.35 -17.67 43.66
C GLY C 297 26.82 -17.71 42.24
N LEU C 298 25.79 -18.51 42.01
CA LEU C 298 25.29 -18.73 40.66
C LEU C 298 24.39 -17.59 40.21
N GLY C 299 24.48 -17.27 38.92
CA GLY C 299 23.69 -16.21 38.32
C GLY C 299 23.25 -16.63 36.93
N VAL C 300 22.44 -15.77 36.32
CA VAL C 300 21.93 -16.08 35.00
C VAL C 300 23.09 -16.20 34.03
N GLY C 301 23.00 -17.21 33.16
CA GLY C 301 24.05 -17.52 32.23
C GLY C 301 25.26 -18.20 32.80
N ASN C 302 25.26 -18.47 34.11
CA ASN C 302 26.27 -19.35 34.68
C ASN C 302 25.98 -20.80 34.35
N LEU C 303 27.02 -21.62 34.45
CA LEU C 303 26.89 -23.07 34.40
C LEU C 303 27.09 -23.68 35.78
N PHE C 304 26.47 -24.84 35.98
CA PHE C 304 26.70 -25.59 37.22
C PHE C 304 26.17 -27.02 37.13
N SER C 305 27.04 -27.98 37.44
CA SER C 305 26.62 -29.36 37.56
C SER C 305 25.69 -29.53 38.76
N LEU C 306 24.82 -30.55 38.67
CA LEU C 306 24.00 -30.97 39.80
C LEU C 306 24.57 -32.23 40.41
N THR C 307 24.47 -32.32 41.74
CA THR C 307 24.90 -33.50 42.46
C THR C 307 23.88 -33.90 43.52
N GLY C 308 23.90 -35.17 43.87
CA GLY C 308 23.05 -35.72 44.90
C GLY C 308 21.58 -35.80 44.55
N PHE C 309 21.21 -35.55 43.30
CA PHE C 309 19.83 -35.77 42.91
C PHE C 309 19.56 -37.27 42.74
N SER C 310 18.32 -37.65 43.02
CA SER C 310 17.95 -39.06 42.98
C SER C 310 17.87 -39.56 41.54
N ARG C 311 17.07 -38.92 40.70
CA ARG C 311 17.00 -39.28 39.29
C ARG C 311 18.30 -38.91 38.59
N GLN C 312 19.06 -39.94 38.21
CA GLN C 312 20.43 -39.74 37.76
C GLN C 312 20.50 -39.07 36.39
N ASP C 313 19.40 -39.05 35.64
CA ASP C 313 19.34 -38.21 34.44
C ASP C 313 19.60 -36.75 34.76
N GLN C 314 19.36 -36.32 35.99
CA GLN C 314 19.42 -34.91 36.34
C GLN C 314 20.80 -34.49 36.80
N ASN C 315 21.70 -35.43 37.07
CA ASN C 315 23.05 -35.08 37.44
C ASN C 315 23.79 -34.54 36.22
N ARG C 316 23.47 -33.32 35.83
CA ARG C 316 23.90 -32.75 34.57
C ARG C 316 24.49 -31.37 34.79
N GLU C 317 25.21 -30.90 33.77
CA GLU C 317 25.54 -29.49 33.66
C GLU C 317 24.32 -28.72 33.18
N TYR C 318 24.04 -27.61 33.84
CA TYR C 318 22.84 -26.82 33.58
C TYR C 318 23.21 -25.37 33.26
N LEU C 319 22.41 -24.78 32.39
CA LEU C 319 22.49 -23.37 32.06
C LEU C 319 21.35 -22.63 32.73
N ILE C 320 21.68 -21.66 33.57
CA ILE C 320 20.66 -20.87 34.26
C ILE C 320 20.11 -19.85 33.25
N VAL C 321 18.96 -20.16 32.68
CA VAL C 321 18.31 -19.26 31.75
C VAL C 321 17.68 -18.08 32.48
N SER C 322 17.15 -18.33 33.67
CA SER C 322 16.53 -17.27 34.45
C SER C 322 16.68 -17.55 35.92
N ILE C 323 16.67 -16.47 36.71
CA ILE C 323 16.70 -16.55 38.16
C ILE C 323 15.72 -15.56 38.73
N ARG C 324 15.08 -15.94 39.83
CA ARG C 324 14.55 -15.00 40.79
C ARG C 324 15.36 -15.10 42.07
N TYR C 325 15.59 -13.96 42.70
CA TYR C 325 16.35 -13.89 43.94
C TYR C 325 15.47 -13.37 45.05
N TYR C 326 15.72 -13.87 46.25
CA TYR C 326 15.24 -13.22 47.46
C TYR C 326 16.39 -13.17 48.45
N LEU C 327 16.57 -12.00 49.08
CA LEU C 327 17.28 -11.90 50.33
C LEU C 327 16.37 -11.28 51.38
N VAL C 328 16.49 -11.79 52.60
CA VAL C 328 16.04 -11.10 53.79
C VAL C 328 17.21 -11.06 54.75
N GLN C 329 17.28 -10.01 55.55
CA GLN C 329 18.52 -9.68 56.23
C GLN C 329 18.23 -9.15 57.62
N GLU C 330 19.23 -9.27 58.49
CA GLU C 330 19.16 -8.84 59.87
C GLU C 330 20.30 -7.86 60.17
N SER C 331 20.02 -6.92 61.07
CA SER C 331 21.07 -6.05 61.61
C SER C 331 20.69 -5.56 63.00
N ALA C 341 21.79 -13.57 57.54
CA ALA C 341 21.06 -13.42 56.30
C ALA C 341 20.36 -14.71 55.93
N GLN C 342 19.22 -14.58 55.26
CA GLN C 342 18.60 -15.67 54.54
C GLN C 342 18.60 -15.35 53.06
N PHE C 343 19.27 -16.18 52.27
CA PHE C 343 19.33 -16.04 50.82
C PHE C 343 18.49 -17.13 50.19
N GLU C 344 17.66 -16.76 49.23
CA GLU C 344 16.95 -17.73 48.42
C GLU C 344 17.02 -17.32 46.97
N SER C 345 17.04 -18.32 46.09
CA SER C 345 16.87 -18.12 44.66
C SER C 345 15.89 -19.14 44.12
N HIS C 346 15.11 -18.70 43.13
CA HIS C 346 14.29 -19.58 42.32
C HIS C 346 14.71 -19.38 40.88
N LEU C 347 14.91 -20.47 40.15
CA LEU C 347 15.57 -20.36 38.87
C LEU C 347 15.05 -21.44 37.93
N THR C 348 15.21 -21.19 36.64
CA THR C 348 14.94 -22.16 35.59
C THR C 348 16.23 -22.45 34.84
N CYS C 349 16.69 -23.68 34.90
CA CYS C 349 17.77 -24.13 34.05
C CYS C 349 17.24 -24.68 32.73
N ILE C 350 18.16 -24.84 31.78
CA ILE C 350 18.03 -25.82 30.71
C ILE C 350 19.30 -26.66 30.71
N ASP C 351 19.20 -27.83 30.09
CA ASP C 351 20.39 -28.66 29.91
C ASP C 351 21.41 -27.91 29.06
N ALA C 352 22.61 -27.77 29.60
CA ALA C 352 23.62 -26.96 28.94
C ALA C 352 24.02 -27.51 27.58
N GLN C 353 23.69 -28.77 27.30
CA GLN C 353 24.00 -29.35 26.00
C GLN C 353 23.06 -28.85 24.91
N GLN C 354 21.95 -28.23 25.29
CA GLN C 354 21.06 -27.57 24.35
C GLN C 354 21.35 -26.07 24.37
N SER C 355 21.62 -25.50 23.20
CA SER C 355 21.90 -24.08 23.14
C SER C 355 20.64 -23.30 23.49
N PHE C 356 20.78 -22.36 24.41
CA PHE C 356 19.75 -21.36 24.60
C PHE C 356 19.61 -20.47 23.38
N ARG C 357 18.43 -19.90 23.24
CA ARG C 357 18.18 -18.93 22.20
C ARG C 357 16.92 -18.14 22.57
N PRO C 358 16.95 -16.82 22.54
CA PRO C 358 15.81 -16.05 23.04
C PRO C 358 14.64 -16.12 22.09
N LEU C 359 13.44 -16.08 22.67
CA LEU C 359 12.22 -16.04 21.89
C LEU C 359 12.08 -14.71 21.16
N ALA C 360 11.19 -14.69 20.17
CA ALA C 360 10.74 -13.43 19.61
C ALA C 360 9.82 -12.71 20.59
N THR C 361 10.37 -12.29 21.72
CA THR C 361 9.59 -11.53 22.69
C THR C 361 9.34 -10.13 22.18
N THR C 362 10.30 -9.58 21.44
CA THR C 362 10.36 -8.17 21.10
C THR C 362 9.60 -7.95 19.79
N HIS C 363 8.33 -7.58 19.92
CA HIS C 363 7.47 -7.46 18.75
C HIS C 363 7.98 -6.37 17.82
N LYS C 364 8.14 -6.73 16.54
CA LYS C 364 8.70 -5.81 15.59
C LYS C 364 7.72 -4.67 15.32
N PRO C 365 8.22 -3.47 15.07
CA PRO C 365 7.36 -2.44 14.48
C PRO C 365 7.07 -2.78 13.04
N MET C 366 5.82 -2.59 12.63
CA MET C 366 5.45 -2.70 11.24
C MET C 366 4.83 -1.37 10.81
N VAL C 367 5.29 -0.87 9.66
CA VAL C 367 4.66 0.31 9.07
C VAL C 367 3.31 -0.13 8.48
N GLN C 368 2.24 0.24 9.15
CA GLN C 368 0.91 -0.21 8.75
C GLN C 368 0.40 0.49 7.51
N GLY C 369 1.26 1.22 6.81
CA GLY C 369 0.91 1.81 5.54
C GLY C 369 2.06 2.55 4.91
N PRO C 370 1.81 3.16 3.75
CA PRO C 370 2.90 3.73 2.97
C PRO C 370 3.54 4.94 3.65
N GLN C 371 4.64 5.38 3.05
CA GLN C 371 5.32 6.61 3.42
C GLN C 371 5.50 7.50 2.21
N THR C 372 5.57 8.80 2.46
CA THR C 372 6.13 9.74 1.49
C THR C 372 7.61 9.92 1.76
N ALA C 373 8.34 10.33 0.72
CA ALA C 373 9.77 10.51 0.87
C ALA C 373 10.34 11.25 -0.33
N ARG C 374 11.27 12.16 -0.07
CA ARG C 374 11.99 12.80 -1.15
C ARG C 374 12.89 11.80 -1.84
N VAL C 375 13.05 11.95 -3.11
CA VAL C 375 14.07 11.20 -3.82
C VAL C 375 15.35 12.01 -3.72
N VAL C 376 16.49 11.32 -3.67
CA VAL C 376 17.77 12.00 -3.52
C VAL C 376 18.84 11.26 -4.30
N GLY C 377 19.95 11.97 -4.52
CA GLY C 377 21.10 11.43 -5.17
C GLY C 377 22.27 12.37 -5.02
N PRO C 378 23.37 12.09 -5.73
CA PRO C 378 24.55 12.93 -5.58
C PRO C 378 24.25 14.38 -5.95
N ALA C 379 25.03 15.28 -5.37
CA ALA C 379 24.66 16.68 -5.35
C ALA C 379 24.51 17.28 -6.75
N GLY C 380 25.30 16.81 -7.71
CA GLY C 380 25.20 17.34 -9.05
C GLY C 380 24.33 16.54 -9.99
N GLU C 381 23.93 15.35 -9.58
CA GLU C 381 23.12 14.50 -10.43
C GLU C 381 21.67 14.94 -10.40
N GLU C 382 20.92 14.44 -11.38
CA GLU C 382 19.48 14.60 -11.46
C GLU C 382 18.75 13.29 -11.25
N ILE C 383 19.34 12.19 -11.70
CA ILE C 383 18.82 10.85 -11.45
C ILE C 383 19.96 9.99 -10.94
N TRP C 384 19.68 9.16 -9.94
CA TRP C 384 20.64 8.21 -9.39
C TRP C 384 19.95 6.86 -9.28
N THR C 385 20.40 5.89 -10.07
CA THR C 385 19.68 4.63 -10.22
C THR C 385 20.64 3.57 -10.72
N ASP C 386 20.16 2.32 -10.71
CA ASP C 386 20.96 1.15 -11.02
C ASP C 386 20.25 0.29 -12.06
N GLN C 387 20.90 -0.81 -12.43
CA GLN C 387 20.44 -1.65 -13.52
C GLN C 387 19.07 -2.28 -13.29
N TYR C 388 18.49 -2.14 -12.09
CA TYR C 388 17.12 -2.57 -11.86
C TYR C 388 16.17 -1.40 -11.65
N GLY C 389 16.66 -0.18 -11.76
CA GLY C 389 15.80 0.98 -11.56
C GLY C 389 15.55 1.31 -10.12
N ARG C 390 16.45 0.91 -9.23
CA ARG C 390 16.36 1.29 -7.84
C ARG C 390 16.80 2.73 -7.67
N VAL C 391 16.41 3.33 -6.54
CA VAL C 391 16.80 4.69 -6.23
C VAL C 391 17.14 4.83 -4.75
N LYS C 392 17.87 5.88 -4.43
CA LYS C 392 18.11 6.29 -3.06
C LYS C 392 17.03 7.28 -2.63
N VAL C 393 16.73 7.29 -1.34
CA VAL C 393 15.60 8.02 -0.81
C VAL C 393 15.99 8.68 0.50
N HIS C 394 15.43 9.86 0.73
CA HIS C 394 15.45 10.51 2.03
C HIS C 394 14.05 10.44 2.63
N PHE C 395 13.90 9.67 3.69
CA PHE C 395 12.64 9.63 4.42
C PHE C 395 12.47 10.91 5.23
N HIS C 396 11.22 11.39 5.30
CA HIS C 396 10.94 12.61 6.02
C HIS C 396 11.17 12.46 7.51
N TRP C 397 11.18 11.23 8.03
CA TRP C 397 11.47 10.99 9.42
C TRP C 397 12.96 10.83 9.72
N ASP C 398 13.80 10.69 8.71
CA ASP C 398 15.23 10.52 8.95
C ASP C 398 15.82 11.87 9.34
N ARG C 399 16.40 11.92 10.54
CA ARG C 399 17.04 13.12 11.06
C ARG C 399 18.51 13.20 10.72
N HIS C 400 19.14 12.05 10.48
CA HIS C 400 20.56 11.88 10.72
C HIS C 400 21.41 11.96 9.46
N ASP C 401 20.82 11.72 8.30
CA ASP C 401 21.57 11.57 7.06
C ASP C 401 21.22 12.68 6.08
N GLN C 402 22.21 13.05 5.28
CA GLN C 402 22.29 14.35 4.65
C GLN C 402 21.44 14.47 3.41
N SER C 403 20.44 13.61 3.24
CA SER C 403 19.59 13.64 2.05
C SER C 403 20.45 13.51 0.79
N ASN C 404 21.20 12.41 0.73
CA ASN C 404 22.06 12.11 -0.40
C ASN C 404 22.02 10.62 -0.67
N GLU C 405 22.95 10.16 -1.51
CA GLU C 405 22.98 8.77 -1.95
C GLU C 405 23.24 7.77 -0.83
N ASN C 406 23.60 8.23 0.36
CA ASN C 406 23.81 7.35 1.50
C ASN C 406 22.56 7.18 2.35
N SER C 407 21.48 7.88 2.04
CA SER C 407 20.34 7.97 2.92
C SER C 407 19.35 6.82 2.76
N SER C 408 19.62 5.84 1.90
CA SER C 408 18.76 4.67 1.91
C SER C 408 19.42 3.51 1.19
N CYS C 409 18.86 2.32 1.42
CA CYS C 409 18.96 1.20 0.51
C CYS C 409 18.62 1.63 -0.92
N TRP C 410 19.15 0.91 -1.89
CA TRP C 410 18.62 0.97 -3.24
C TRP C 410 17.18 0.47 -3.24
N ILE C 411 16.24 1.36 -3.52
CA ILE C 411 14.82 1.07 -3.41
C ILE C 411 14.26 0.86 -4.80
N ARG C 412 13.63 -0.29 -5.01
CA ARG C 412 12.97 -0.56 -6.27
C ARG C 412 11.79 0.38 -6.46
N VAL C 413 11.53 0.72 -7.72
CA VAL C 413 10.42 1.57 -8.10
C VAL C 413 9.44 0.74 -8.91
N SER C 414 8.17 0.78 -8.52
CA SER C 414 7.13 0.17 -9.31
C SER C 414 6.90 0.97 -10.58
N GLN C 415 6.54 0.25 -11.64
CA GLN C 415 6.24 0.84 -12.93
C GLN C 415 4.90 0.33 -13.41
N ALA C 416 4.19 1.17 -14.16
CA ALA C 416 2.83 0.84 -14.56
C ALA C 416 2.78 -0.42 -15.40
N TRP C 417 3.89 -0.81 -16.02
CA TRP C 417 4.00 -2.06 -16.73
C TRP C 417 5.48 -2.46 -16.71
N ALA C 418 5.74 -3.76 -16.67
CA ALA C 418 7.13 -4.21 -16.57
C ALA C 418 7.25 -5.67 -16.93
N GLY C 419 8.19 -5.97 -17.84
CA GLY C 419 8.38 -7.31 -18.33
C GLY C 419 9.83 -7.60 -18.68
N LYS C 420 10.05 -8.60 -19.53
CA LYS C 420 11.40 -9.04 -19.88
C LYS C 420 12.03 -8.01 -20.79
N ASN C 421 12.85 -7.14 -20.20
CA ASN C 421 13.27 -5.88 -20.81
C ASN C 421 12.08 -4.97 -21.02
N TRP C 422 11.12 -5.40 -21.83
CA TRP C 422 10.06 -4.51 -22.25
C TRP C 422 9.21 -4.05 -21.07
N GLY C 423 8.55 -2.93 -21.27
CA GLY C 423 7.65 -2.36 -20.29
C GLY C 423 7.83 -0.87 -20.12
N SER C 424 6.96 -0.26 -19.31
CA SER C 424 6.99 1.18 -19.12
C SER C 424 8.00 1.57 -18.06
N MET C 425 8.73 2.65 -18.34
CA MET C 425 9.71 3.20 -17.42
C MET C 425 9.32 4.64 -17.08
N GLN C 426 9.35 4.97 -15.79
CA GLN C 426 9.00 6.29 -15.30
C GLN C 426 9.92 6.57 -14.11
N ILE C 427 11.20 6.75 -14.39
CA ILE C 427 12.20 6.83 -13.33
C ILE C 427 12.01 8.10 -12.51
N PRO C 428 11.76 7.99 -11.21
CA PRO C 428 11.59 9.20 -10.40
C PRO C 428 12.92 9.88 -10.17
N ARG C 429 12.91 11.20 -10.33
CA ARG C 429 14.13 12.00 -10.30
C ARG C 429 14.36 12.64 -8.94
N ILE C 430 15.59 13.10 -8.76
CA ILE C 430 16.00 13.73 -7.51
C ILE C 430 15.11 14.92 -7.20
N GLY C 431 14.62 14.98 -5.96
CA GLY C 431 13.69 15.98 -5.52
C GLY C 431 12.23 15.60 -5.64
N GLN C 432 11.93 14.59 -6.44
CA GLN C 432 10.56 14.13 -6.57
C GLN C 432 10.10 13.38 -5.33
N GLU C 433 8.85 13.61 -4.93
CA GLU C 433 8.26 12.90 -3.83
C GLU C 433 7.74 11.56 -4.34
N VAL C 434 7.87 10.52 -3.52
CA VAL C 434 7.38 9.20 -3.88
C VAL C 434 6.55 8.65 -2.74
N ILE C 435 5.62 7.77 -3.09
CA ILE C 435 4.88 6.97 -2.13
C ILE C 435 5.66 5.68 -1.93
N VAL C 436 6.38 5.60 -0.81
CA VAL C 436 7.08 4.37 -0.45
C VAL C 436 6.07 3.40 0.11
N SER C 437 6.49 2.15 0.30
CA SER C 437 5.66 1.12 0.90
C SER C 437 6.56 -0.08 1.14
N PHE C 438 6.29 -0.81 2.21
CA PHE C 438 7.20 -1.81 2.71
C PHE C 438 6.70 -3.22 2.43
N LEU C 439 7.62 -4.16 2.25
CA LEU C 439 7.25 -5.49 1.80
C LEU C 439 6.34 -6.23 2.77
N GLU C 440 6.25 -5.77 4.02
CA GLU C 440 5.18 -6.27 4.90
C GLU C 440 4.76 -5.20 5.89
N GLY C 441 5.12 -3.94 5.65
CA GLY C 441 5.30 -2.99 6.70
C GLY C 441 6.69 -2.98 7.26
N ASP C 442 7.52 -3.95 6.88
CA ASP C 442 8.89 -4.07 7.36
C ASP C 442 9.70 -2.86 6.93
N PRO C 443 10.13 -2.01 7.85
CA PRO C 443 10.91 -0.83 7.45
C PRO C 443 12.19 -1.18 6.73
N ASP C 444 12.72 -2.39 6.93
CA ASP C 444 13.94 -2.82 6.27
C ASP C 444 13.73 -3.24 4.83
N ARG C 445 12.49 -3.30 4.36
CA ARG C 445 12.19 -3.72 2.99
C ARG C 445 11.23 -2.70 2.37
N PRO C 446 11.68 -1.48 2.16
CA PRO C 446 10.90 -0.50 1.42
C PRO C 446 10.76 -0.83 -0.06
N ILE C 447 9.69 -0.30 -0.64
CA ILE C 447 9.50 -0.29 -2.08
C ILE C 447 8.60 0.89 -2.41
N ILE C 448 8.70 1.39 -3.63
CA ILE C 448 7.98 2.59 -4.05
C ILE C 448 6.79 2.20 -4.90
N THR C 449 5.60 2.63 -4.50
CA THR C 449 4.37 2.30 -5.19
C THR C 449 3.66 3.52 -5.78
N GLY C 450 4.31 4.67 -5.83
CA GLY C 450 3.73 5.81 -6.52
C GLY C 450 4.63 7.02 -6.46
N ARG C 451 4.31 7.97 -7.33
CA ARG C 451 4.88 9.31 -7.32
C ARG C 451 3.75 10.30 -7.08
N VAL C 452 4.09 11.45 -6.49
CA VAL C 452 3.08 12.40 -6.07
C VAL C 452 3.61 13.81 -6.21
N TYR C 453 2.75 14.72 -6.63
CA TYR C 453 3.04 16.13 -6.75
C TYR C 453 2.88 16.84 -5.42
N ASN C 454 3.49 18.02 -5.33
CA ASN C 454 3.42 18.84 -4.14
C ASN C 454 3.71 20.28 -4.53
N ALA C 455 3.55 21.19 -3.56
CA ALA C 455 3.67 22.61 -3.84
C ALA C 455 5.06 23.00 -4.32
N GLU C 456 6.06 22.15 -4.16
CA GLU C 456 7.33 22.31 -4.84
C GLU C 456 7.33 21.56 -6.17
N GLN C 457 7.14 20.24 -6.13
CA GLN C 457 7.02 19.44 -7.34
C GLN C 457 5.65 19.69 -7.95
N THR C 458 5.49 20.84 -8.57
CA THR C 458 4.19 21.33 -8.99
C THR C 458 3.66 20.49 -10.15
N VAL C 459 2.33 20.54 -10.28
CA VAL C 459 1.59 19.80 -11.29
C VAL C 459 1.85 20.40 -12.66
N PRO C 460 1.84 19.61 -13.74
CA PRO C 460 2.18 20.18 -15.06
C PRO C 460 1.19 21.23 -15.53
N TYR C 461 -0.10 20.93 -15.38
CA TYR C 461 -1.16 21.75 -15.95
C TYR C 461 -2.05 22.27 -14.85
N ASP C 462 -2.25 23.59 -14.82
CA ASP C 462 -2.90 24.21 -13.69
C ASP C 462 -4.32 23.69 -13.59
N LEU C 463 -4.56 22.87 -12.58
CA LEU C 463 -5.62 21.86 -12.58
C LEU C 463 -7.04 22.35 -12.38
N PRO C 464 -7.28 23.42 -11.61
CA PRO C 464 -8.66 23.90 -11.49
C PRO C 464 -9.25 24.38 -12.80
N ALA C 465 -8.41 24.79 -13.75
CA ALA C 465 -8.84 25.04 -15.11
C ALA C 465 -8.61 23.83 -16.02
N ASN C 466 -7.37 23.36 -16.09
CA ASN C 466 -6.95 22.41 -17.11
C ASN C 466 -7.12 20.96 -16.68
N ALA C 467 -8.12 20.68 -15.84
CA ALA C 467 -8.30 19.33 -15.31
C ALA C 467 -8.44 18.30 -16.42
N THR C 468 -8.82 18.72 -17.63
CA THR C 468 -8.96 17.80 -18.74
C THR C 468 -7.64 17.44 -19.40
N GLN C 469 -6.55 18.13 -19.07
CA GLN C 469 -5.27 17.86 -19.74
C GLN C 469 -4.62 16.66 -19.08
N SER C 470 -4.73 15.51 -19.73
CA SER C 470 -4.03 14.30 -19.37
C SER C 470 -2.71 14.20 -20.12
N GLY C 471 -1.96 13.16 -19.80
CA GLY C 471 -0.83 12.72 -20.59
C GLY C 471 0.50 13.07 -19.93
N MET C 472 1.55 12.43 -20.43
CA MET C 472 2.86 12.64 -19.86
C MET C 472 3.48 13.93 -20.35
N LYS C 473 4.44 14.40 -19.57
CA LYS C 473 5.29 15.52 -19.91
C LYS C 473 6.66 15.23 -19.33
N SER C 474 7.69 15.79 -19.94
CA SER C 474 9.05 15.58 -19.50
C SER C 474 9.71 16.93 -19.25
N ARG C 475 10.96 16.89 -18.81
CA ARG C 475 11.74 18.10 -18.66
C ARG C 475 13.22 17.71 -18.69
N SER C 476 13.89 18.06 -19.80
CA SER C 476 15.27 17.67 -20.04
C SER C 476 16.07 17.51 -18.76
N SER C 477 16.81 16.41 -18.68
CA SER C 477 17.44 15.97 -17.44
C SER C 477 18.38 17.02 -16.87
N LYS C 478 19.50 17.23 -17.57
CA LYS C 478 20.51 18.18 -17.13
C LYS C 478 20.05 19.59 -17.44
N GLY C 479 19.75 20.35 -16.38
CA GLY C 479 19.46 21.77 -16.52
C GLY C 479 18.32 22.07 -17.47
N GLY C 480 17.37 21.16 -17.62
CA GLY C 480 16.25 21.41 -18.48
C GLY C 480 15.41 22.56 -17.98
N SER C 481 15.14 23.53 -18.85
CA SER C 481 14.17 24.56 -18.54
C SER C 481 12.76 24.00 -18.63
N PRO C 482 11.78 24.73 -18.11
CA PRO C 482 10.39 24.33 -18.34
C PRO C 482 10.00 24.24 -19.80
N ALA C 483 10.76 24.89 -20.69
CA ALA C 483 10.50 24.83 -22.11
C ALA C 483 11.19 23.68 -22.83
N ASN C 484 12.10 22.97 -22.16
CA ASN C 484 12.83 21.87 -22.78
C ASN C 484 12.16 20.58 -22.33
N PHE C 485 11.12 20.19 -23.06
CA PHE C 485 10.34 19.02 -22.68
C PHE C 485 9.84 18.31 -23.92
N ASN C 486 9.84 16.99 -23.86
CA ASN C 486 8.92 16.23 -24.69
C ASN C 486 7.57 16.22 -24.01
N GLU C 487 6.52 16.07 -24.81
CA GLU C 487 5.18 16.01 -24.26
C GLU C 487 4.29 15.14 -25.11
N ILE C 488 3.30 14.53 -24.47
CA ILE C 488 2.18 13.90 -25.15
C ILE C 488 0.93 14.20 -24.36
N ARG C 489 0.62 15.47 -24.17
CA ARG C 489 -0.56 15.82 -23.42
C ARG C 489 -1.80 15.53 -24.26
N MET C 490 -2.92 15.33 -23.56
CA MET C 490 -4.12 14.81 -24.18
C MET C 490 -5.31 15.43 -23.46
N GLU C 491 -5.88 16.45 -24.06
CA GLU C 491 -7.07 17.10 -23.55
C GLU C 491 -8.29 16.55 -24.26
N ASP C 492 -9.31 16.22 -23.49
CA ASP C 492 -10.61 15.84 -24.01
C ASP C 492 -11.68 16.77 -23.48
N LYS C 493 -11.33 18.03 -23.34
CA LYS C 493 -12.33 19.07 -23.17
C LYS C 493 -13.31 19.01 -24.34
N LYS C 494 -14.58 18.86 -24.02
CA LYS C 494 -15.59 18.70 -25.07
C LYS C 494 -15.58 19.94 -25.94
N GLY C 495 -15.48 19.73 -27.25
CA GLY C 495 -15.34 20.82 -28.19
C GLY C 495 -13.94 21.35 -28.31
N ALA C 496 -12.96 20.61 -27.80
CA ALA C 496 -11.56 21.03 -27.89
C ALA C 496 -10.61 19.84 -27.79
N GLU C 497 -11.07 18.63 -28.10
CA GLU C 497 -10.30 17.42 -27.84
C GLU C 497 -9.01 17.43 -28.64
N GLN C 498 -7.89 17.59 -27.96
CA GLN C 498 -6.61 17.85 -28.58
C GLN C 498 -5.62 16.76 -28.19
N LEU C 499 -4.99 16.16 -29.18
CA LEU C 499 -3.68 15.55 -29.00
C LEU C 499 -2.62 16.62 -29.19
N TYR C 500 -1.55 16.53 -28.41
CA TYR C 500 -0.41 17.42 -28.58
C TYR C 500 0.86 16.65 -28.28
N ILE C 501 1.62 16.33 -29.31
CA ILE C 501 2.90 15.66 -29.20
C ILE C 501 4.00 16.67 -29.46
N HIS C 502 5.03 16.66 -28.63
CA HIS C 502 6.13 17.61 -28.71
C HIS C 502 7.43 16.88 -28.44
N ALA C 503 8.42 17.13 -29.29
CA ALA C 503 9.80 16.74 -29.03
C ALA C 503 10.66 17.98 -28.97
N GLU C 504 11.45 18.10 -27.91
CA GLU C 504 12.27 19.28 -27.71
C GLU C 504 13.47 19.31 -28.64
N ARG C 505 13.78 18.21 -29.33
CA ARG C 505 14.61 18.26 -30.53
C ARG C 505 13.95 17.55 -31.70
N ASN C 506 13.92 16.22 -31.64
CA ASN C 506 13.61 15.40 -32.79
C ASN C 506 12.61 14.31 -32.44
N GLN C 507 11.79 13.98 -33.43
CA GLN C 507 10.77 12.95 -33.35
C GLN C 507 11.05 11.92 -34.42
N ASP C 508 11.87 10.93 -34.10
CA ASP C 508 11.99 9.78 -34.97
C ASP C 508 10.72 8.94 -34.90
N ILE C 509 10.34 8.37 -36.04
CA ILE C 509 9.25 7.42 -36.10
C ILE C 509 9.63 6.30 -37.05
N VAL C 510 9.32 5.08 -36.65
CA VAL C 510 9.47 3.93 -37.53
C VAL C 510 8.15 3.17 -37.54
N VAL C 511 7.83 2.60 -38.70
CA VAL C 511 6.78 1.61 -38.81
C VAL C 511 7.28 0.48 -39.69
N GLU C 512 7.16 -0.75 -39.20
CA GLU C 512 7.69 -1.88 -39.94
C GLU C 512 6.89 -2.15 -41.20
N VAL C 513 5.63 -1.74 -41.25
CA VAL C 513 4.78 -2.01 -42.41
C VAL C 513 4.04 -0.75 -42.85
N ASN C 514 2.80 -0.58 -42.40
CA ASN C 514 1.90 0.42 -42.95
C ASN C 514 1.58 1.49 -41.92
N GLU C 515 1.73 2.75 -42.31
CA GLU C 515 1.07 3.85 -41.65
C GLU C 515 -0.36 3.98 -42.17
N SER C 516 -1.18 4.69 -41.41
CA SER C 516 -2.33 5.35 -41.99
C SER C 516 -2.57 6.68 -41.29
N HIS C 517 -3.15 7.60 -42.06
CA HIS C 517 -3.71 8.84 -41.54
C HIS C 517 -5.11 8.97 -42.12
N SER C 518 -6.02 9.52 -41.33
CA SER C 518 -7.38 9.73 -41.80
C SER C 518 -7.91 10.96 -41.08
N VAL C 519 -7.96 12.07 -41.80
CA VAL C 519 -8.17 13.39 -41.22
C VAL C 519 -9.44 13.96 -41.83
N GLY C 520 -10.43 14.24 -40.99
CA GLY C 520 -11.73 14.60 -41.50
C GLY C 520 -11.73 15.93 -42.22
N ASN C 521 -10.91 16.88 -41.75
CA ASN C 521 -10.78 18.16 -42.42
C ASN C 521 -9.33 18.48 -42.76
N ASN C 522 -8.72 19.38 -42.01
CA ASN C 522 -7.54 20.09 -42.44
C ASN C 522 -6.27 19.42 -41.93
N ARG C 523 -5.17 19.75 -42.60
CA ARG C 523 -3.83 19.46 -42.11
C ARG C 523 -2.93 20.63 -42.45
N ASN C 524 -2.14 21.08 -41.49
CA ASN C 524 -1.05 22.02 -41.75
C ASN C 524 0.25 21.38 -41.32
N LYS C 525 1.12 21.10 -42.28
CA LYS C 525 2.49 20.70 -42.03
C LYS C 525 3.42 21.82 -42.43
N SER C 526 4.13 22.38 -41.47
CA SER C 526 5.21 23.32 -41.71
C SER C 526 6.55 22.65 -41.47
N ILE C 527 7.42 22.72 -42.47
CA ILE C 527 8.77 22.20 -42.38
C ILE C 527 9.69 23.41 -42.47
N GLY C 528 10.08 23.95 -41.33
CA GLY C 528 10.80 25.21 -41.31
C GLY C 528 12.12 25.20 -42.05
N HIS C 529 12.58 24.03 -42.49
CA HIS C 529 13.71 24.00 -43.40
C HIS C 529 13.49 23.06 -44.58
N ASP C 530 13.88 21.79 -44.43
CA ASP C 530 14.18 20.92 -45.56
C ASP C 530 13.52 19.56 -45.36
N GLU C 531 12.80 19.11 -46.37
CA GLU C 531 12.20 17.77 -46.37
C GLU C 531 12.79 16.92 -47.48
N TYR C 532 13.27 15.74 -47.11
CA TYR C 532 13.55 14.67 -48.06
C TYR C 532 12.46 13.61 -47.95
N VAL C 533 11.99 13.14 -49.10
CA VAL C 533 11.06 12.02 -49.17
C VAL C 533 11.60 11.03 -50.18
N THR C 534 11.80 9.79 -49.75
CA THR C 534 12.37 8.75 -50.60
C THR C 534 11.40 7.57 -50.63
N ILE C 535 10.85 7.31 -51.81
CA ILE C 535 9.80 6.32 -51.99
C ILE C 535 10.38 5.14 -52.75
N GLY C 536 10.23 3.95 -52.20
CA GLY C 536 10.86 2.79 -52.77
C GLY C 536 10.14 2.22 -53.97
N ASN C 537 8.95 2.71 -54.26
CA ASN C 537 8.19 2.23 -55.41
C ASN C 537 7.33 3.33 -56.00
N LYS C 538 6.22 3.63 -55.35
CA LYS C 538 5.15 4.39 -55.95
C LYS C 538 4.58 5.40 -54.98
N ARG C 539 4.06 6.50 -55.53
CA ARG C 539 3.16 7.40 -54.83
C ARG C 539 1.92 7.60 -55.68
N THR C 540 0.83 7.97 -55.01
CA THR C 540 -0.43 8.19 -55.70
C THR C 540 -1.21 9.21 -54.89
N ARG C 541 -1.17 10.44 -55.33
CA ARG C 541 -1.87 11.55 -54.71
C ARG C 541 -3.08 11.94 -55.55
N ILE C 542 -4.21 12.12 -54.88
CA ILE C 542 -5.49 12.34 -55.54
C ILE C 542 -6.26 13.43 -54.84
N VAL C 543 -6.70 14.42 -55.60
CA VAL C 543 -7.37 15.60 -55.11
C VAL C 543 -8.71 15.73 -55.80
N GLN C 544 -9.78 15.88 -55.01
CA GLN C 544 -11.10 16.06 -55.61
C GLN C 544 -11.13 17.32 -56.46
N HIS C 545 -10.59 18.42 -55.96
CA HIS C 545 -10.79 19.71 -56.60
C HIS C 545 -9.48 20.37 -57.00
N VAL C 546 -8.71 20.91 -56.06
CA VAL C 546 -7.67 21.87 -56.39
C VAL C 546 -6.35 21.49 -55.74
N ASP C 547 -5.28 21.69 -56.49
CA ASP C 547 -3.94 21.78 -55.95
C ASP C 547 -3.35 23.14 -56.26
N GLU C 548 -2.49 23.60 -55.37
CA GLU C 548 -1.54 24.65 -55.68
C GLU C 548 -0.15 24.22 -55.23
N LEU C 549 0.83 24.59 -56.03
CA LEU C 549 2.21 24.68 -55.58
C LEU C 549 2.70 26.10 -55.79
N ARG C 550 3.48 26.58 -54.84
CA ARG C 550 4.20 27.83 -55.01
C ARG C 550 5.63 27.64 -54.56
N VAL C 551 6.56 28.20 -55.33
CA VAL C 551 7.97 28.07 -55.08
C VAL C 551 8.64 29.40 -55.34
N GLY C 552 9.42 29.89 -54.38
CA GLY C 552 10.07 31.16 -54.56
C GLY C 552 11.22 31.13 -55.54
N GLU C 553 11.75 29.94 -55.82
CA GLU C 553 12.74 29.79 -56.87
C GLU C 553 12.43 28.62 -57.81
N LYS C 554 13.00 27.45 -57.52
CA LYS C 554 13.24 26.43 -58.53
C LYS C 554 12.50 25.13 -58.22
N LYS C 555 12.14 24.43 -59.29
CA LYS C 555 11.60 23.08 -59.20
C LYS C 555 12.23 22.21 -60.26
N LEU C 556 12.55 20.97 -59.90
CA LEU C 556 13.20 20.01 -60.79
C LEU C 556 12.46 18.69 -60.73
N ASP C 557 12.16 18.12 -61.90
CA ASP C 557 11.44 16.86 -62.00
C ASP C 557 12.29 15.87 -62.79
N SER C 558 13.28 15.28 -62.13
CA SER C 558 14.17 14.32 -62.77
C SER C 558 13.40 13.03 -63.02
N VAL C 559 12.56 13.07 -64.04
CA VAL C 559 11.71 11.95 -64.41
C VAL C 559 12.45 11.07 -65.41
N GLY C 560 12.96 9.95 -64.93
CA GLY C 560 13.86 9.11 -65.71
C GLY C 560 13.24 8.44 -66.92
N GLN C 561 11.91 8.44 -67.02
CA GLN C 561 11.27 7.99 -68.26
C GLN C 561 10.28 9.02 -68.78
N SER C 562 8.99 8.82 -68.52
CA SER C 562 7.94 9.60 -69.15
C SER C 562 7.17 10.41 -68.13
N TYR C 563 6.85 11.65 -68.51
CA TYR C 563 5.99 12.54 -67.74
C TYR C 563 4.79 12.90 -68.60
N VAL C 564 3.61 12.53 -68.15
CA VAL C 564 2.39 12.62 -68.94
C VAL C 564 1.32 13.32 -68.11
N ILE C 565 0.73 14.37 -68.67
CA ILE C 565 0.08 15.40 -67.89
C ILE C 565 -1.41 15.51 -68.20
N GLU C 566 -1.91 14.74 -69.17
CA GLU C 566 -3.30 14.30 -69.20
C GLU C 566 -4.34 15.34 -68.84
N VAL C 567 -4.16 16.59 -69.27
CA VAL C 567 -5.05 17.66 -68.86
C VAL C 567 -6.39 17.54 -69.56
N GLY C 568 -7.42 18.06 -68.90
CA GLY C 568 -8.79 17.91 -69.36
C GLY C 568 -9.43 19.14 -69.99
N GLU C 569 -8.87 20.32 -69.77
CA GLU C 569 -9.53 21.53 -70.23
C GLU C 569 -8.56 22.58 -70.73
N ARG C 570 -7.55 22.93 -69.95
CA ARG C 570 -6.50 23.82 -70.42
C ARG C 570 -5.21 23.52 -69.67
N LEU C 571 -4.21 23.03 -70.38
CA LEU C 571 -2.84 23.29 -69.99
C LEU C 571 -2.51 24.71 -70.36
N ARG C 572 -1.94 25.46 -69.43
CA ARG C 572 -1.41 26.80 -69.73
C ARG C 572 -0.02 26.90 -69.11
N LEU C 573 0.98 26.57 -69.91
CA LEU C 573 2.35 26.89 -69.55
C LEU C 573 2.57 28.38 -69.67
N VAL C 574 3.42 28.92 -68.79
CA VAL C 574 3.75 30.33 -68.83
C VAL C 574 5.19 30.54 -68.39
N CYS C 575 5.81 31.57 -68.95
CA CYS C 575 6.94 32.23 -68.32
C CYS C 575 6.93 33.67 -68.76
N GLY C 576 6.55 34.57 -67.86
CA GLY C 576 6.28 35.93 -68.24
C GLY C 576 5.30 36.03 -69.40
N ALA C 577 5.72 36.68 -70.48
CA ALA C 577 4.89 36.78 -71.67
C ALA C 577 4.91 35.53 -72.53
N SER C 578 5.94 34.70 -72.42
CA SER C 578 6.00 33.48 -73.23
C SER C 578 4.96 32.50 -72.71
N ILE C 579 4.10 32.04 -73.60
CA ILE C 579 2.95 31.22 -73.20
C ILE C 579 2.70 30.12 -74.20
N LEU C 580 2.72 28.88 -73.72
CA LEU C 580 2.20 27.74 -74.46
C LEU C 580 0.86 27.41 -73.84
N GLU C 581 -0.12 27.10 -74.66
CA GLU C 581 -1.44 26.75 -74.15
C GLU C 581 -2.01 25.61 -74.96
N LEU C 582 -2.55 24.62 -74.26
CA LEU C 582 -3.27 23.52 -74.88
C LEU C 582 -4.69 23.53 -74.36
N ASN C 583 -5.64 23.87 -75.22
CA ASN C 583 -7.05 23.72 -74.88
C ASN C 583 -7.56 22.35 -75.34
N ALA C 584 -8.44 21.77 -74.53
CA ALA C 584 -9.03 20.49 -74.88
C ALA C 584 -9.92 20.59 -76.11
N SER C 585 -10.34 21.80 -76.47
CA SER C 585 -11.02 22.03 -77.74
C SER C 585 -10.08 21.90 -78.94
N GLY C 586 -8.82 21.54 -78.71
CA GLY C 586 -7.86 21.35 -79.77
C GLY C 586 -7.21 22.61 -80.28
N GLN C 587 -7.65 23.78 -79.82
CA GLN C 587 -6.95 25.00 -80.15
C GLN C 587 -5.68 25.08 -79.32
N ILE C 588 -4.58 25.36 -79.98
CA ILE C 588 -3.29 25.57 -79.32
C ILE C 588 -2.82 26.98 -79.59
N ASN C 589 -2.30 27.61 -78.54
CA ASN C 589 -1.54 28.84 -78.66
C ASN C 589 -0.14 28.58 -78.14
N LEU C 590 0.86 28.84 -78.98
CA LEU C 590 2.26 28.62 -78.66
C LEU C 590 2.99 29.95 -78.56
N CYS C 591 2.25 31.01 -78.30
CA CYS C 591 2.62 32.36 -78.67
C CYS C 591 3.51 33.02 -77.61
N GLY C 592 4.40 33.86 -78.10
CA GLY C 592 5.42 34.50 -77.26
C GLY C 592 5.74 35.87 -77.77
N VAL C 593 7.01 36.25 -77.69
CA VAL C 593 7.44 37.56 -78.18
C VAL C 593 8.63 37.45 -79.12
N ASN C 594 9.54 36.53 -78.82
CA ASN C 594 10.47 36.02 -79.81
C ASN C 594 10.51 34.50 -79.74
N ILE C 595 10.76 33.90 -80.90
CA ILE C 595 10.81 32.46 -81.03
C ILE C 595 11.95 32.11 -81.96
N SER C 596 12.62 30.98 -81.67
CA SER C 596 13.67 30.51 -82.57
C SER C 596 13.67 28.97 -82.51
N VAL C 597 12.83 28.39 -83.36
CA VAL C 597 12.82 26.95 -83.53
C VAL C 597 14.11 26.53 -84.22
N HIS C 598 14.59 25.34 -83.88
CA HIS C 598 15.81 24.83 -84.49
C HIS C 598 15.81 23.32 -84.47
N ALA C 599 16.39 22.73 -85.51
CA ALA C 599 16.51 21.30 -85.60
C ALA C 599 17.83 20.95 -86.27
N SER C 600 18.50 19.93 -85.77
CA SER C 600 19.72 19.45 -86.40
C SER C 600 19.41 18.78 -87.73
N ALA C 601 18.24 18.18 -87.86
CA ALA C 601 17.78 17.64 -89.13
C ALA C 601 16.51 18.34 -89.59
N ASP C 602 15.58 17.57 -90.15
CA ASP C 602 14.38 18.15 -90.74
C ASP C 602 13.51 18.80 -89.67
N ALA C 603 12.58 19.61 -90.16
CA ALA C 603 11.43 20.05 -89.41
C ALA C 603 10.27 20.13 -90.37
N GLN C 604 9.06 20.20 -89.81
CA GLN C 604 7.88 20.16 -90.66
C GLN C 604 6.77 21.02 -90.08
N ILE C 605 5.82 21.34 -90.95
CA ILE C 605 4.45 21.63 -90.57
C ILE C 605 3.56 20.85 -91.50
N ASN C 606 2.37 20.50 -91.01
CA ASN C 606 1.37 19.91 -91.86
C ASN C 606 -0.01 20.38 -91.41
N THR C 607 -0.91 20.51 -92.36
CA THR C 607 -2.31 20.78 -92.05
C THR C 607 -3.20 19.99 -93.00
N GLY C 608 -4.31 19.49 -92.47
CA GLY C 608 -5.42 19.16 -93.32
C GLY C 608 -6.12 20.40 -93.84
N GLY C 609 -6.15 21.47 -93.05
CA GLY C 609 -6.50 22.79 -93.52
C GLY C 609 -5.36 23.44 -94.28
N VAL C 610 -5.29 24.76 -94.20
CA VAL C 610 -4.36 25.55 -95.00
C VAL C 610 -3.55 26.42 -94.06
N LEU C 611 -2.33 26.00 -93.76
CA LEU C 611 -1.38 26.88 -93.12
C LEU C 611 -1.21 28.14 -93.92
N HIS C 612 -1.44 29.30 -93.31
CA HIS C 612 -0.83 30.51 -93.82
C HIS C 612 -0.44 31.43 -92.68
N LEU C 613 0.42 32.38 -93.03
CA LEU C 613 1.24 33.12 -92.09
C LEU C 613 0.86 34.59 -92.06
N ASN C 614 0.91 35.17 -90.88
CA ASN C 614 0.55 36.56 -90.68
C ASN C 614 -0.86 36.86 -91.19
N ASN C 615 -1.76 35.88 -91.05
CA ASN C 615 -3.14 36.11 -91.46
C ASN C 615 -3.72 37.35 -90.80
N GLY C 616 -3.27 37.66 -89.59
CA GLY C 616 -3.92 38.64 -88.75
C GLY C 616 -5.16 38.16 -88.05
N GLY C 617 -5.43 36.86 -88.07
CA GLY C 617 -6.58 36.32 -87.36
C GLY C 617 -6.23 35.97 -85.92
N GLY C 618 -4.94 35.71 -85.68
CA GLY C 618 -4.42 35.68 -84.34
C GLY C 618 -3.86 37.04 -83.98
N PRO C 619 -4.57 37.79 -83.13
CA PRO C 619 -4.26 39.22 -82.99
C PRO C 619 -3.15 39.48 -81.98
N GLY C 620 -2.93 38.54 -81.07
CA GLY C 620 -2.03 38.80 -79.97
C GLY C 620 -1.68 37.53 -79.22
N THR C 621 -0.64 37.66 -78.40
CA THR C 621 -0.27 36.60 -77.47
C THR C 621 -1.34 36.50 -76.38
N THR C 622 -1.43 35.33 -75.75
CA THR C 622 -2.46 35.08 -74.75
C THR C 622 -2.01 35.46 -73.34
N THR C 623 -1.19 36.50 -73.20
CA THR C 623 -0.69 36.91 -71.90
C THR C 623 -1.84 37.20 -70.96
N GLU C 624 -1.74 36.70 -69.72
CA GLU C 624 -2.79 36.89 -68.73
C GLU C 624 -2.25 37.38 -67.40
N GLY C 625 -1.04 37.93 -67.37
CA GLY C 625 -0.41 38.37 -66.15
C GLY C 625 0.13 37.28 -65.27
N GLN C 626 -0.01 36.02 -65.66
CA GLN C 626 0.56 34.91 -64.92
C GLN C 626 2.07 34.86 -65.11
N GLY C 627 2.75 34.24 -64.15
CA GLY C 627 4.18 34.07 -64.23
C GLY C 627 5.02 35.30 -64.00
N VAL C 628 4.42 36.42 -63.62
CA VAL C 628 5.21 37.62 -63.36
C VAL C 628 5.94 37.40 -62.03
N GLN C 629 7.27 37.30 -62.10
CA GLN C 629 8.06 36.83 -60.96
C GLN C 629 7.74 37.57 -59.67
N GLY C 630 7.51 38.88 -59.75
CA GLY C 630 7.23 39.64 -58.55
C GLY C 630 6.08 39.06 -57.74
N ALA C 631 4.98 38.75 -58.42
CA ALA C 631 3.86 38.12 -57.74
C ALA C 631 4.19 36.69 -57.30
N ILE C 632 4.89 35.95 -58.15
CA ILE C 632 5.05 34.51 -57.94
C ILE C 632 5.98 34.24 -56.76
N SER C 633 7.11 34.94 -56.68
CA SER C 633 7.94 34.84 -55.48
C SER C 633 7.17 35.29 -54.26
N ALA C 634 6.40 36.37 -54.38
CA ALA C 634 5.60 36.86 -53.27
C ALA C 634 4.61 35.81 -52.78
N LYS C 635 3.89 35.20 -53.71
CA LYS C 635 2.92 34.17 -53.34
C LYS C 635 3.59 32.93 -52.75
N ALA C 636 4.83 32.65 -53.12
CA ALA C 636 5.53 31.53 -52.51
C ALA C 636 6.14 31.91 -51.16
N LYS C 637 6.50 33.18 -50.98
CA LYS C 637 7.01 33.66 -49.70
C LYS C 637 5.90 34.04 -48.73
N ALA C 638 4.66 34.15 -49.20
CA ALA C 638 3.57 34.67 -48.37
C ALA C 638 3.45 34.00 -47.01
N PRO C 639 3.68 32.69 -46.85
CA PRO C 639 3.60 32.10 -45.50
C PRO C 639 4.69 32.56 -44.56
N PHE C 640 5.78 33.12 -45.07
CA PHE C 640 7.02 33.24 -44.30
C PHE C 640 7.38 34.69 -44.00
N SER C 641 6.42 35.60 -44.10
CA SER C 641 6.65 36.96 -43.64
C SER C 641 6.88 36.98 -42.13
N ALA C 642 7.47 38.07 -41.66
CA ALA C 642 7.79 38.18 -40.25
C ALA C 642 6.51 38.32 -39.42
N PRO C 643 6.52 37.82 -38.18
CA PRO C 643 5.34 37.93 -37.30
C PRO C 643 5.00 39.37 -36.96
#